data_2BN5
#
_entry.id   2BN5
#
_cell.length_a   1.000
_cell.length_b   1.000
_cell.length_c   1.000
_cell.angle_alpha   90.00
_cell.angle_beta   90.00
_cell.angle_gamma   90.00
#
_symmetry.space_group_name_H-M   'P 1'
#
loop_
_entity.id
_entity.type
_entity.pdbx_description
1 polymer PSI
2 polymer 'U1 SMALL NUCLEAR RIBONUCLEOPROTEIN 70 KDA'
#
loop_
_entity_poly.entity_id
_entity_poly.type
_entity_poly.pdbx_seq_one_letter_code
_entity_poly.pdbx_strand_id
1 'polypeptide(L)' GADYSAQWAEYYRSVGKIEEAEAIEKTLKNKQN A
2 'polypeptide(L)' RPPPAHHNMFSVPPPPILGRG B
#
# COMPACT_ATOMS: atom_id res chain seq x y z
N GLY A 1 -5.30 -10.33 -8.42
CA GLY A 1 -3.88 -10.69 -8.19
C GLY A 1 -2.98 -9.48 -8.13
N ALA A 2 -2.49 -9.16 -6.93
CA ALA A 2 -1.61 -8.02 -6.74
C ALA A 2 -1.11 -7.95 -5.29
N ASP A 3 -0.13 -8.79 -4.98
CA ASP A 3 0.45 -8.83 -3.64
C ASP A 3 1.61 -7.85 -3.53
N TYR A 4 1.29 -6.57 -3.46
CA TYR A 4 2.31 -5.53 -3.34
C TYR A 4 2.19 -4.76 -2.03
N SER A 5 1.02 -4.84 -1.41
CA SER A 5 0.76 -4.15 -0.14
C SER A 5 1.87 -4.42 0.88
N ALA A 6 2.59 -5.52 0.71
CA ALA A 6 3.67 -5.84 1.63
C ALA A 6 4.78 -4.83 1.48
N GLN A 7 5.40 -4.83 0.31
CA GLN A 7 6.48 -3.91 0.04
C GLN A 7 5.93 -2.49 -0.11
N TRP A 8 4.62 -2.40 -0.36
CA TRP A 8 3.98 -1.10 -0.50
C TRP A 8 3.67 -0.54 0.88
N ALA A 9 3.32 -1.41 1.81
CA ALA A 9 3.04 -0.98 3.16
C ALA A 9 4.33 -0.57 3.84
N GLU A 10 5.42 -1.27 3.51
CA GLU A 10 6.73 -0.96 4.07
C GLU A 10 7.04 0.51 3.86
N TYR A 11 6.49 1.07 2.78
CA TYR A 11 6.69 2.46 2.46
C TYR A 11 5.91 3.33 3.43
N TYR A 12 4.61 3.17 3.43
CA TYR A 12 3.74 3.90 4.32
C TYR A 12 4.08 3.63 5.77
N ARG A 13 4.80 2.53 6.01
CA ARG A 13 5.21 2.18 7.36
C ARG A 13 6.43 3.00 7.79
N SER A 14 6.93 3.82 6.87
CA SER A 14 8.09 4.65 7.16
C SER A 14 8.20 5.82 6.18
N VAL A 15 7.08 6.17 5.57
CA VAL A 15 7.03 7.29 4.64
C VAL A 15 6.12 8.39 5.16
N GLY A 16 5.39 8.09 6.25
CA GLY A 16 4.49 9.07 6.84
C GLY A 16 3.05 8.61 6.90
N LYS A 17 2.82 7.37 7.33
CA LYS A 17 1.47 6.83 7.43
C LYS A 17 1.48 5.34 7.80
N ILE A 18 2.20 5.00 8.86
CA ILE A 18 2.26 3.61 9.32
C ILE A 18 0.86 3.08 9.57
N GLU A 19 0.11 3.82 10.37
CA GLU A 19 -1.25 3.46 10.69
C GLU A 19 -2.04 3.17 9.42
N GLU A 20 -1.76 3.94 8.39
CA GLU A 20 -2.41 3.74 7.10
C GLU A 20 -1.74 2.59 6.38
N ALA A 21 -0.46 2.36 6.68
CA ALA A 21 0.26 1.26 6.06
C ALA A 21 -0.41 -0.05 6.45
N GLU A 22 -0.96 -0.09 7.67
CA GLU A 22 -1.67 -1.27 8.12
C GLU A 22 -2.87 -1.53 7.21
N ALA A 23 -3.35 -0.46 6.59
CA ALA A 23 -4.48 -0.54 5.67
C ALA A 23 -4.03 -1.22 4.38
N ILE A 24 -2.80 -0.92 3.98
CA ILE A 24 -2.24 -1.51 2.77
C ILE A 24 -2.16 -3.02 2.92
N GLU A 25 -1.65 -3.47 4.05
CA GLU A 25 -1.53 -4.90 4.32
C GLU A 25 -2.84 -5.61 3.98
N LYS A 26 -3.94 -4.88 4.08
CA LYS A 26 -5.26 -5.46 3.77
C LYS A 26 -5.33 -5.83 2.29
N THR A 27 -4.59 -5.10 1.45
CA THR A 27 -4.58 -5.39 0.02
C THR A 27 -3.90 -6.72 -0.25
N LEU A 28 -3.00 -7.11 0.65
CA LEU A 28 -2.29 -8.38 0.51
C LEU A 28 -3.29 -9.51 0.39
N LYS A 29 -4.41 -9.35 1.10
CA LYS A 29 -5.47 -10.35 1.08
C LYS A 29 -5.98 -10.55 -0.36
N ASN A 30 -5.72 -9.56 -1.22
CA ASN A 30 -6.14 -9.62 -2.61
C ASN A 30 -5.74 -10.94 -3.26
N LYS A 31 -6.66 -11.90 -3.26
CA LYS A 31 -6.41 -13.21 -3.84
C LYS A 31 -7.57 -13.63 -4.73
N GLN A 32 -8.16 -12.67 -5.42
CA GLN A 32 -9.29 -12.96 -6.31
C GLN A 32 -8.82 -13.02 -7.76
N ASN A 33 -7.59 -13.47 -7.97
CA ASN A 33 -7.03 -13.58 -9.31
C ASN A 33 -6.98 -12.22 -9.99
N ARG B 1 -21.07 -2.96 8.84
CA ARG B 1 -22.14 -1.95 9.11
C ARG B 1 -21.61 -0.52 8.97
N PRO B 2 -20.51 -0.19 9.67
CA PRO B 2 -19.91 1.15 9.63
C PRO B 2 -19.70 1.64 8.19
N PRO B 3 -20.54 2.58 7.73
CA PRO B 3 -20.45 3.12 6.37
C PRO B 3 -19.21 4.01 6.19
N PRO B 4 -18.23 3.55 5.37
CA PRO B 4 -17.01 4.31 5.13
C PRO B 4 -17.28 5.75 4.69
N ALA B 5 -16.22 6.54 4.55
CA ALA B 5 -16.36 7.93 4.13
C ALA B 5 -14.99 8.58 3.94
N HIS B 6 -14.54 8.62 2.69
CA HIS B 6 -13.25 9.21 2.37
C HIS B 6 -13.02 9.23 0.86
N HIS B 7 -11.97 9.92 0.43
CA HIS B 7 -11.65 10.02 -0.99
C HIS B 7 -10.73 8.88 -1.42
N ASN B 8 -10.44 8.82 -2.72
CA ASN B 8 -9.58 7.78 -3.26
C ASN B 8 -8.20 8.33 -3.60
N MET B 9 -7.17 7.56 -3.28
CA MET B 9 -5.79 7.98 -3.55
C MET B 9 -4.81 6.87 -3.19
N PHE B 10 -4.66 5.90 -4.08
CA PHE B 10 -3.76 4.78 -3.86
C PHE B 10 -3.71 3.87 -5.08
N SER B 11 -3.03 4.31 -6.12
CA SER B 11 -2.91 3.53 -7.35
C SER B 11 -1.54 2.84 -7.41
N VAL B 12 -0.55 3.54 -7.97
CA VAL B 12 0.80 3.00 -8.08
C VAL B 12 1.85 4.10 -8.11
N PRO B 13 1.82 5.02 -7.12
CA PRO B 13 2.79 6.12 -7.03
C PRO B 13 4.23 5.62 -6.91
N PRO B 14 5.21 6.39 -7.39
CA PRO B 14 6.61 5.99 -7.31
C PRO B 14 7.03 5.76 -5.86
N PRO B 15 7.83 4.71 -5.59
CA PRO B 15 8.25 4.38 -4.22
C PRO B 15 9.23 5.38 -3.62
N PRO B 16 9.03 5.73 -2.33
CA PRO B 16 9.89 6.66 -1.60
C PRO B 16 11.22 6.03 -1.16
N ILE B 17 11.15 4.93 -0.40
CA ILE B 17 12.35 4.27 0.11
C ILE B 17 12.73 3.05 -0.74
N LEU B 18 13.56 2.18 -0.18
CA LEU B 18 14.00 0.98 -0.88
C LEU B 18 14.92 0.16 0.01
N GLY B 19 14.68 0.22 1.32
CA GLY B 19 15.50 -0.50 2.27
C GLY B 19 16.99 -0.36 2.01
N ARG B 20 17.79 -1.15 2.71
CA ARG B 20 19.24 -1.10 2.57
C ARG B 20 19.90 -2.20 3.38
N GLY B 21 19.89 -3.42 2.85
CA GLY B 21 20.50 -4.53 3.55
C GLY B 21 19.48 -5.36 4.31
N GLY A 1 -2.45 -11.70 -10.19
CA GLY A 1 -2.98 -10.77 -9.16
C GLY A 1 -2.11 -9.55 -8.97
N ALA A 2 -1.79 -9.23 -7.72
CA ALA A 2 -0.96 -8.08 -7.41
C ALA A 2 0.05 -8.40 -6.32
N ASP A 3 -0.43 -8.47 -5.07
CA ASP A 3 0.42 -8.77 -3.93
C ASP A 3 1.58 -7.77 -3.84
N TYR A 4 1.26 -6.55 -3.46
CA TYR A 4 2.26 -5.49 -3.33
C TYR A 4 2.14 -4.76 -1.99
N SER A 5 0.97 -4.87 -1.35
CA SER A 5 0.73 -4.23 -0.07
C SER A 5 1.90 -4.43 0.90
N ALA A 6 2.62 -5.53 0.73
CA ALA A 6 3.75 -5.81 1.59
C ALA A 6 4.83 -4.77 1.41
N GLN A 7 5.42 -4.76 0.24
CA GLN A 7 6.47 -3.80 -0.06
C GLN A 7 5.87 -2.39 -0.17
N TRP A 8 4.56 -2.33 -0.36
CA TRP A 8 3.88 -1.04 -0.47
C TRP A 8 3.61 -0.50 0.92
N ALA A 9 3.31 -1.40 1.85
CA ALA A 9 3.07 -0.98 3.23
C ALA A 9 4.39 -0.55 3.84
N GLU A 10 5.45 -1.30 3.53
CA GLU A 10 6.79 -0.97 4.04
C GLU A 10 7.09 0.50 3.81
N TYR A 11 6.50 1.04 2.74
CA TYR A 11 6.69 2.44 2.40
C TYR A 11 5.95 3.33 3.39
N TYR A 12 4.65 3.09 3.51
CA TYR A 12 3.83 3.84 4.44
C TYR A 12 4.25 3.55 5.87
N ARG A 13 5.02 2.47 6.05
CA ARG A 13 5.49 2.11 7.37
C ARG A 13 6.61 3.03 7.82
N SER A 14 7.12 3.84 6.89
CA SER A 14 8.19 4.76 7.22
C SER A 14 8.28 5.93 6.23
N VAL A 15 7.19 6.15 5.49
CA VAL A 15 7.14 7.25 4.55
C VAL A 15 6.16 8.32 5.05
N GLY A 16 5.35 7.95 6.06
CA GLY A 16 4.41 8.89 6.61
C GLY A 16 2.97 8.41 6.48
N LYS A 17 2.75 7.12 6.73
CA LYS A 17 1.42 6.55 6.63
C LYS A 17 1.37 5.15 7.24
N ILE A 18 2.04 4.97 8.37
CA ILE A 18 2.06 3.68 9.05
C ILE A 18 0.65 3.21 9.31
N GLU A 19 -0.10 4.03 10.01
CA GLU A 19 -1.48 3.74 10.34
C GLU A 19 -2.25 3.32 9.10
N GLU A 20 -1.99 4.01 7.99
CA GLU A 20 -2.63 3.68 6.73
C GLU A 20 -1.97 2.45 6.14
N ALA A 21 -0.70 2.22 6.48
CA ALA A 21 0.00 1.06 6.00
C ALA A 21 -0.70 -0.19 6.50
N GLU A 22 -1.24 -0.10 7.73
CA GLU A 22 -1.98 -1.22 8.29
C GLU A 22 -3.15 -1.53 7.37
N ALA A 23 -3.57 -0.52 6.61
CA ALA A 23 -4.65 -0.67 5.65
C ALA A 23 -4.13 -1.36 4.40
N ILE A 24 -2.90 -1.02 4.02
CA ILE A 24 -2.27 -1.63 2.85
C ILE A 24 -2.13 -3.11 3.08
N GLU A 25 -1.64 -3.49 4.24
CA GLU A 25 -1.45 -4.89 4.58
C GLU A 25 -2.72 -5.69 4.26
N LYS A 26 -3.86 -5.01 4.26
CA LYS A 26 -5.13 -5.67 3.95
C LYS A 26 -5.20 -6.07 2.48
N THR A 27 -4.47 -5.33 1.63
CA THR A 27 -4.45 -5.64 0.20
C THR A 27 -3.81 -6.99 -0.04
N LEU A 28 -2.92 -7.39 0.87
CA LEU A 28 -2.24 -8.68 0.75
C LEU A 28 -3.27 -9.79 0.62
N LYS A 29 -4.41 -9.61 1.29
CA LYS A 29 -5.49 -10.58 1.24
C LYS A 29 -5.92 -10.84 -0.21
N ASN A 30 -5.64 -9.87 -1.08
CA ASN A 30 -5.98 -9.98 -2.49
C ASN A 30 -5.45 -11.28 -3.09
N LYS A 31 -6.29 -12.31 -3.08
CA LYS A 31 -5.90 -13.61 -3.62
C LYS A 31 -6.70 -13.93 -4.89
N GLN A 32 -6.95 -12.90 -5.69
CA GLN A 32 -7.69 -13.07 -6.94
C GLN A 32 -6.75 -13.16 -8.13
N ASN A 33 -5.58 -13.77 -7.91
CA ASN A 33 -4.58 -13.93 -8.96
C ASN A 33 -5.15 -14.75 -10.12
N ARG B 1 -21.96 -5.63 -1.85
CA ARG B 1 -21.78 -4.21 -1.49
C ARG B 1 -22.36 -3.28 -2.56
N PRO B 2 -23.70 -3.21 -2.66
CA PRO B 2 -24.38 -2.38 -3.65
C PRO B 2 -23.75 -1.00 -3.80
N PRO B 3 -23.65 -0.22 -2.70
CA PRO B 3 -23.04 1.11 -2.73
C PRO B 3 -21.55 1.07 -3.01
N PRO B 4 -20.99 2.16 -3.56
CA PRO B 4 -19.56 2.24 -3.88
C PRO B 4 -18.70 2.34 -2.62
N ALA B 5 -17.44 1.91 -2.73
CA ALA B 5 -16.52 1.94 -1.60
C ALA B 5 -15.90 3.33 -1.45
N HIS B 6 -15.99 3.89 -0.24
CA HIS B 6 -15.44 5.20 0.04
C HIS B 6 -13.93 5.11 0.27
N HIS B 7 -13.16 5.03 -0.81
CA HIS B 7 -11.71 4.96 -0.72
C HIS B 7 -11.07 6.28 -1.12
N ASN B 8 -9.76 6.38 -0.89
CA ASN B 8 -9.02 7.58 -1.23
C ASN B 8 -8.53 7.54 -2.67
N MET B 9 -7.49 6.76 -2.91
CA MET B 9 -6.92 6.63 -4.26
C MET B 9 -5.78 5.61 -4.27
N PHE B 10 -4.75 5.88 -3.48
CA PHE B 10 -3.60 5.00 -3.40
C PHE B 10 -2.80 5.01 -4.69
N SER B 11 -3.39 4.48 -5.76
CA SER B 11 -2.73 4.45 -7.07
C SER B 11 -1.39 3.75 -6.98
N VAL B 12 -0.55 3.92 -8.00
CA VAL B 12 0.76 3.29 -8.03
C VAL B 12 1.87 4.36 -8.09
N PRO B 13 1.88 5.30 -7.13
CA PRO B 13 2.89 6.35 -7.06
C PRO B 13 4.30 5.80 -6.92
N PRO B 14 5.32 6.54 -7.41
CA PRO B 14 6.70 6.07 -7.32
C PRO B 14 7.12 5.82 -5.88
N PRO B 15 7.87 4.74 -5.62
CA PRO B 15 8.28 4.38 -4.26
C PRO B 15 9.30 5.34 -3.64
N PRO B 16 9.10 5.67 -2.34
CA PRO B 16 9.99 6.56 -1.60
C PRO B 16 11.30 5.89 -1.16
N ILE B 17 11.19 4.80 -0.40
CA ILE B 17 12.38 4.10 0.09
C ILE B 17 12.70 2.85 -0.74
N LEU B 18 13.48 1.94 -0.17
CA LEU B 18 13.85 0.71 -0.87
C LEU B 18 14.69 -0.18 0.04
N GLY B 19 14.36 -0.20 1.32
CA GLY B 19 15.09 -1.01 2.28
C GLY B 19 14.22 -2.04 2.96
N ARG B 20 14.86 -3.05 3.53
CA ARG B 20 14.13 -4.12 4.23
C ARG B 20 13.17 -4.83 3.28
N GLY B 21 12.31 -5.67 3.83
CA GLY B 21 11.36 -6.40 3.02
C GLY B 21 10.35 -7.17 3.86
N GLY A 1 -1.74 -12.46 -7.80
CA GLY A 1 -1.85 -11.52 -8.95
C GLY A 1 -1.06 -10.24 -8.72
N ALA A 2 -1.36 -9.56 -7.62
CA ALA A 2 -0.68 -8.32 -7.28
C ALA A 2 0.30 -8.52 -6.13
N ASP A 3 -0.24 -8.76 -4.94
CA ASP A 3 0.58 -8.97 -3.74
C ASP A 3 1.73 -7.96 -3.67
N TYR A 4 1.39 -6.72 -3.37
CA TYR A 4 2.38 -5.66 -3.26
C TYR A 4 2.25 -4.90 -1.95
N SER A 5 1.06 -4.94 -1.34
CA SER A 5 0.80 -4.26 -0.08
C SER A 5 1.93 -4.48 0.91
N ALA A 6 2.64 -5.60 0.78
CA ALA A 6 3.74 -5.89 1.69
C ALA A 6 4.83 -4.86 1.53
N GLN A 7 5.46 -4.88 0.37
CA GLN A 7 6.53 -3.93 0.09
C GLN A 7 5.95 -2.54 -0.09
N TRP A 8 4.64 -2.46 -0.30
CA TRP A 8 3.97 -1.17 -0.46
C TRP A 8 3.66 -0.59 0.89
N ALA A 9 3.32 -1.45 1.86
CA ALA A 9 3.04 -1.00 3.20
C ALA A 9 4.34 -0.58 3.87
N GLU A 10 5.42 -1.29 3.54
CA GLU A 10 6.73 -0.96 4.09
C GLU A 10 7.05 0.51 3.84
N TYR A 11 6.50 1.03 2.74
CA TYR A 11 6.69 2.41 2.37
C TYR A 11 5.92 3.32 3.31
N TYR A 12 4.62 3.12 3.35
CA TYR A 12 3.75 3.90 4.22
C TYR A 12 4.11 3.66 5.68
N ARG A 13 4.80 2.56 5.94
CA ARG A 13 5.21 2.25 7.30
C ARG A 13 6.39 3.11 7.73
N SER A 14 6.94 3.89 6.80
CA SER A 14 8.06 4.75 7.10
C SER A 14 8.19 5.90 6.11
N VAL A 15 7.10 6.19 5.40
CA VAL A 15 7.08 7.30 4.46
C VAL A 15 6.07 8.36 4.90
N GLY A 16 5.31 8.05 5.95
CA GLY A 16 4.33 8.99 6.46
C GLY A 16 2.91 8.47 6.33
N LYS A 17 2.69 7.22 6.72
CA LYS A 17 1.36 6.62 6.63
C LYS A 17 1.33 5.23 7.25
N ILE A 18 2.04 5.04 8.36
CA ILE A 18 2.06 3.74 9.03
C ILE A 18 0.65 3.25 9.28
N GLU A 19 -0.11 4.06 9.99
CA GLU A 19 -1.48 3.74 10.31
C GLU A 19 -2.25 3.34 9.05
N GLU A 20 -1.93 4.01 7.95
CA GLU A 20 -2.55 3.69 6.67
C GLU A 20 -1.89 2.47 6.08
N ALA A 21 -0.61 2.25 6.43
CA ALA A 21 0.10 1.10 5.93
C ALA A 21 -0.58 -0.16 6.43
N GLU A 22 -1.16 -0.08 7.64
CA GLU A 22 -1.90 -1.20 8.19
C GLU A 22 -3.07 -1.52 7.27
N ALA A 23 -3.51 -0.50 6.53
CA ALA A 23 -4.59 -0.65 5.59
C ALA A 23 -4.09 -1.35 4.33
N ILE A 24 -2.86 -1.02 3.95
CA ILE A 24 -2.24 -1.63 2.77
C ILE A 24 -2.11 -3.13 3.00
N GLU A 25 -1.64 -3.49 4.19
CA GLU A 25 -1.47 -4.90 4.52
C GLU A 25 -2.74 -5.69 4.18
N LYS A 26 -3.88 -5.01 4.18
CA LYS A 26 -5.15 -5.64 3.85
C LYS A 26 -5.17 -6.06 2.38
N THR A 27 -4.42 -5.36 1.55
CA THR A 27 -4.36 -5.69 0.12
C THR A 27 -3.73 -7.06 -0.07
N LEU A 28 -2.86 -7.45 0.87
CA LEU A 28 -2.21 -8.75 0.80
C LEU A 28 -3.26 -9.84 0.65
N LYS A 29 -4.42 -9.62 1.26
CA LYS A 29 -5.52 -10.57 1.17
C LYS A 29 -5.93 -10.79 -0.29
N ASN A 30 -5.52 -9.86 -1.16
CA ASN A 30 -5.82 -9.94 -2.59
C ASN A 30 -5.72 -11.37 -3.12
N LYS A 31 -6.75 -11.81 -3.83
CA LYS A 31 -6.78 -13.15 -4.39
C LYS A 31 -7.91 -13.31 -5.39
N GLN A 32 -8.21 -12.23 -6.11
CA GLN A 32 -9.28 -12.24 -7.10
C GLN A 32 -8.92 -11.36 -8.30
N ASN A 33 -7.64 -11.33 -8.63
CA ASN A 33 -7.17 -10.53 -9.76
C ASN A 33 -6.08 -11.26 -10.53
N ARG B 1 -19.57 12.27 14.14
CA ARG B 1 -18.39 13.16 13.98
C ARG B 1 -17.33 12.51 13.08
N PRO B 2 -16.98 11.24 13.32
CA PRO B 2 -15.97 10.53 12.52
C PRO B 2 -16.54 9.99 11.21
N PRO B 3 -16.11 10.54 10.06
CA PRO B 3 -16.59 10.09 8.75
C PRO B 3 -16.47 8.58 8.57
N PRO B 4 -17.29 8.00 7.69
CA PRO B 4 -17.27 6.55 7.42
C PRO B 4 -16.02 6.12 6.67
N ALA B 5 -15.81 4.81 6.59
CA ALA B 5 -14.64 4.27 5.90
C ALA B 5 -13.35 4.73 6.56
N HIS B 6 -12.23 4.34 5.97
CA HIS B 6 -10.92 4.72 6.50
C HIS B 6 -9.99 5.18 5.38
N HIS B 7 -9.94 4.40 4.30
CA HIS B 7 -9.10 4.73 3.16
C HIS B 7 -9.89 5.44 2.08
N ASN B 8 -9.20 5.91 1.05
CA ASN B 8 -9.84 6.62 -0.05
C ASN B 8 -9.03 6.49 -1.33
N MET B 9 -7.87 7.13 -1.36
CA MET B 9 -7.00 7.09 -2.54
C MET B 9 -5.76 6.25 -2.25
N PHE B 10 -5.11 5.78 -3.31
CA PHE B 10 -3.91 4.97 -3.18
C PHE B 10 -3.06 5.05 -4.45
N SER B 11 -3.64 4.64 -5.58
CA SER B 11 -2.93 4.66 -6.85
C SER B 11 -1.61 3.91 -6.75
N VAL B 12 -0.68 4.20 -7.66
CA VAL B 12 0.63 3.56 -7.66
C VAL B 12 1.76 4.57 -7.81
N PRO B 13 1.91 5.48 -6.83
CA PRO B 13 2.97 6.50 -6.84
C PRO B 13 4.36 5.87 -6.76
N PRO B 14 5.39 6.54 -7.31
CA PRO B 14 6.75 6.00 -7.28
C PRO B 14 7.20 5.76 -5.85
N PRO B 15 7.91 4.66 -5.58
CA PRO B 15 8.35 4.31 -4.23
C PRO B 15 9.44 5.22 -3.67
N PRO B 16 9.32 5.61 -2.39
CA PRO B 16 10.31 6.46 -1.70
C PRO B 16 11.56 5.69 -1.30
N ILE B 17 11.40 4.75 -0.35
CA ILE B 17 12.53 3.95 0.14
C ILE B 17 12.78 2.69 -0.70
N LEU B 18 13.49 1.74 -0.13
CA LEU B 18 13.79 0.49 -0.83
C LEU B 18 14.56 -0.46 0.07
N GLY B 19 14.19 -0.47 1.35
CA GLY B 19 14.86 -1.33 2.31
C GLY B 19 13.88 -2.14 3.14
N ARG B 20 14.16 -2.28 4.43
CA ARG B 20 13.30 -3.04 5.33
C ARG B 20 12.21 -2.15 5.92
N GLY B 21 11.47 -2.69 6.88
CA GLY B 21 10.41 -1.93 7.51
C GLY B 21 9.36 -1.46 6.52
N GLY A 1 -1.51 -11.87 -9.42
CA GLY A 1 -2.44 -11.09 -8.55
C GLY A 1 -2.01 -9.65 -8.37
N ALA A 2 -1.63 -9.30 -7.14
CA ALA A 2 -1.18 -7.95 -6.83
C ALA A 2 -0.66 -7.87 -5.40
N ASP A 3 0.08 -8.88 -4.98
CA ASP A 3 0.65 -8.92 -3.64
C ASP A 3 1.80 -7.92 -3.51
N TYR A 4 1.45 -6.64 -3.41
CA TYR A 4 2.46 -5.59 -3.27
C TYR A 4 2.31 -4.83 -1.96
N SER A 5 1.12 -4.90 -1.37
CA SER A 5 0.84 -4.22 -0.10
C SER A 5 1.95 -4.47 0.91
N ALA A 6 2.65 -5.60 0.78
CA ALA A 6 3.73 -5.90 1.70
C ALA A 6 4.85 -4.88 1.57
N GLN A 7 5.50 -4.89 0.42
CA GLN A 7 6.57 -3.95 0.17
C GLN A 7 6.01 -2.55 0.00
N TRP A 8 4.71 -2.46 -0.25
CA TRP A 8 4.06 -1.16 -0.40
C TRP A 8 3.72 -0.59 0.96
N ALA A 9 3.38 -1.46 1.90
CA ALA A 9 3.07 -1.01 3.24
C ALA A 9 4.35 -0.61 3.94
N GLU A 10 5.44 -1.31 3.62
CA GLU A 10 6.74 -1.00 4.20
C GLU A 10 7.07 0.46 3.97
N TYR A 11 6.55 0.99 2.87
CA TYR A 11 6.77 2.38 2.51
C TYR A 11 5.99 3.27 3.44
N TYR A 12 4.67 3.13 3.42
CA TYR A 12 3.80 3.91 4.28
C TYR A 12 4.17 3.68 5.74
N ARG A 13 4.81 2.55 6.02
CA ARG A 13 5.22 2.25 7.37
C ARG A 13 6.39 3.13 7.81
N SER A 14 6.95 3.88 6.86
CA SER A 14 8.07 4.76 7.16
C SER A 14 8.18 5.91 6.16
N VAL A 15 7.09 6.18 5.45
CA VAL A 15 7.06 7.27 4.50
C VAL A 15 6.10 8.36 4.97
N GLY A 16 5.33 8.05 6.02
CA GLY A 16 4.39 9.01 6.56
C GLY A 16 2.96 8.53 6.48
N LYS A 17 2.77 7.22 6.65
CA LYS A 17 1.43 6.64 6.60
C LYS A 17 1.41 5.24 7.22
N ILE A 18 2.08 5.08 8.36
CA ILE A 18 2.11 3.78 9.04
C ILE A 18 0.71 3.28 9.27
N GLU A 19 -0.07 4.08 9.99
CA GLU A 19 -1.45 3.75 10.29
C GLU A 19 -2.19 3.37 9.03
N GLU A 20 -1.81 4.00 7.92
CA GLU A 20 -2.41 3.70 6.63
C GLU A 20 -1.76 2.45 6.05
N ALA A 21 -0.49 2.22 6.40
CA ALA A 21 0.20 1.05 5.92
C ALA A 21 -0.50 -0.19 6.42
N GLU A 22 -1.07 -0.10 7.62
CA GLU A 22 -1.82 -1.21 8.18
C GLU A 22 -3.01 -1.50 7.27
N ALA A 23 -3.43 -0.46 6.53
CA ALA A 23 -4.53 -0.59 5.59
C ALA A 23 -4.04 -1.28 4.32
N ILE A 24 -2.80 -0.98 3.95
CA ILE A 24 -2.19 -1.58 2.77
C ILE A 24 -2.09 -3.09 2.97
N GLU A 25 -1.63 -3.49 4.15
CA GLU A 25 -1.49 -4.90 4.47
C GLU A 25 -2.76 -5.65 4.10
N LYS A 26 -3.89 -4.95 4.13
CA LYS A 26 -5.16 -5.55 3.78
C LYS A 26 -5.20 -5.94 2.30
N THR A 27 -4.44 -5.23 1.47
CA THR A 27 -4.38 -5.53 0.05
C THR A 27 -3.80 -6.91 -0.18
N LEU A 28 -2.91 -7.33 0.73
CA LEU A 28 -2.29 -8.64 0.64
C LEU A 28 -3.36 -9.72 0.46
N LYS A 29 -4.51 -9.49 1.10
CA LYS A 29 -5.62 -10.43 1.00
C LYS A 29 -6.00 -10.66 -0.46
N ASN A 30 -5.64 -9.72 -1.32
CA ASN A 30 -5.93 -9.81 -2.75
C ASN A 30 -5.46 -11.15 -3.31
N LYS A 31 -6.36 -11.84 -4.01
CA LYS A 31 -6.03 -13.13 -4.60
C LYS A 31 -7.11 -13.56 -5.59
N GLN A 32 -7.70 -12.59 -6.27
CA GLN A 32 -8.74 -12.87 -7.25
C GLN A 32 -8.81 -11.77 -8.31
N ASN A 33 -7.66 -11.18 -8.61
CA ASN A 33 -7.58 -10.12 -9.60
C ASN A 33 -6.17 -9.99 -10.17
N ARG B 1 -2.01 7.26 -19.27
CA ARG B 1 -3.24 6.95 -18.49
C ARG B 1 -4.06 8.22 -18.22
N PRO B 2 -4.91 8.61 -19.18
CA PRO B 2 -5.75 9.81 -19.05
C PRO B 2 -6.52 9.84 -17.73
N PRO B 3 -6.09 10.69 -16.78
CA PRO B 3 -6.74 10.81 -15.47
C PRO B 3 -8.26 11.02 -15.60
N PRO B 4 -9.04 9.97 -15.30
CA PRO B 4 -10.51 10.05 -15.38
C PRO B 4 -11.10 10.94 -14.29
N ALA B 5 -10.60 10.80 -13.07
CA ALA B 5 -11.07 11.61 -11.95
C ALA B 5 -9.96 11.86 -10.94
N HIS B 6 -10.26 12.66 -9.92
CA HIS B 6 -9.28 12.99 -8.89
C HIS B 6 -9.96 13.23 -7.55
N HIS B 7 -9.72 12.34 -6.60
CA HIS B 7 -10.30 12.45 -5.27
C HIS B 7 -9.42 11.80 -4.21
N ASN B 8 -8.11 11.83 -4.45
CA ASN B 8 -7.15 11.24 -3.52
C ASN B 8 -7.40 9.73 -3.37
N MET B 9 -6.49 8.93 -3.90
CA MET B 9 -6.62 7.48 -3.82
C MET B 9 -5.25 6.82 -3.66
N PHE B 10 -5.24 5.52 -3.41
CA PHE B 10 -4.00 4.77 -3.24
C PHE B 10 -3.15 4.86 -4.50
N SER B 11 -3.71 4.43 -5.63
CA SER B 11 -2.99 4.45 -6.91
C SER B 11 -1.65 3.72 -6.78
N VAL B 12 -0.72 4.03 -7.68
CA VAL B 12 0.60 3.40 -7.65
C VAL B 12 1.73 4.42 -7.79
N PRO B 13 1.81 5.37 -6.82
CA PRO B 13 2.86 6.40 -6.82
C PRO B 13 4.25 5.80 -6.77
N PRO B 14 5.27 6.50 -7.31
CA PRO B 14 6.64 6.00 -7.31
C PRO B 14 7.11 5.72 -5.87
N PRO B 15 7.85 4.63 -5.66
CA PRO B 15 8.28 4.24 -4.31
C PRO B 15 9.31 5.19 -3.70
N PRO B 16 9.14 5.53 -2.39
CA PRO B 16 10.05 6.41 -1.66
C PRO B 16 11.35 5.72 -1.25
N ILE B 17 11.27 4.82 -0.26
CA ILE B 17 12.46 4.12 0.24
C ILE B 17 12.80 2.88 -0.60
N LEU B 18 13.59 1.98 -0.02
CA LEU B 18 13.99 0.76 -0.72
C LEU B 18 14.84 -0.12 0.19
N GLY B 19 14.49 -0.16 1.47
CA GLY B 19 15.22 -0.96 2.42
C GLY B 19 14.63 -2.35 2.59
N ARG B 20 14.21 -2.66 3.80
CA ARG B 20 13.62 -3.97 4.10
C ARG B 20 12.35 -4.19 3.28
N GLY B 21 12.50 -4.64 2.04
CA GLY B 21 11.36 -4.88 1.19
C GLY B 21 11.51 -6.13 0.34
N GLY A 1 -1.98 -12.58 -9.12
CA GLY A 1 -2.46 -11.34 -8.43
C GLY A 1 -1.37 -10.29 -8.32
N ALA A 2 -1.69 -9.19 -7.65
CA ALA A 2 -0.73 -8.11 -7.46
C ALA A 2 0.26 -8.43 -6.35
N ASP A 3 -0.24 -8.46 -5.11
CA ASP A 3 0.59 -8.75 -3.96
C ASP A 3 1.75 -7.76 -3.86
N TYR A 4 1.42 -6.53 -3.47
CA TYR A 4 2.42 -5.48 -3.33
C TYR A 4 2.28 -4.75 -2.00
N SER A 5 1.10 -4.81 -1.40
CA SER A 5 0.84 -4.16 -0.12
C SER A 5 1.95 -4.42 0.88
N ALA A 6 2.65 -5.54 0.72
CA ALA A 6 3.74 -5.87 1.63
C ALA A 6 4.84 -4.84 1.51
N GLN A 7 5.49 -4.82 0.36
CA GLN A 7 6.56 -3.88 0.12
C GLN A 7 5.99 -2.47 -0.02
N TRP A 8 4.69 -2.38 -0.25
CA TRP A 8 4.03 -1.10 -0.38
C TRP A 8 3.71 -0.54 0.99
N ALA A 9 3.35 -1.43 1.92
CA ALA A 9 3.05 -1.01 3.27
C ALA A 9 4.34 -0.62 3.98
N GLU A 10 5.44 -1.29 3.61
CA GLU A 10 6.74 -0.98 4.20
C GLU A 10 7.05 0.49 4.00
N TYR A 11 6.52 1.04 2.91
CA TYR A 11 6.73 2.44 2.59
C TYR A 11 5.95 3.31 3.57
N TYR A 12 4.65 3.16 3.55
CA TYR A 12 3.77 3.91 4.44
C TYR A 12 4.15 3.66 5.88
N ARG A 13 4.84 2.55 6.13
CA ARG A 13 5.26 2.22 7.48
C ARG A 13 6.43 3.11 7.90
N SER A 14 6.96 3.88 6.96
CA SER A 14 8.08 4.78 7.26
C SER A 14 8.15 5.93 6.25
N VAL A 15 7.04 6.19 5.57
CA VAL A 15 6.98 7.29 4.62
C VAL A 15 6.06 8.39 5.15
N GLY A 16 5.32 8.07 6.22
CA GLY A 16 4.41 9.02 6.81
C GLY A 16 2.97 8.56 6.76
N LYS A 17 2.76 7.27 6.93
CA LYS A 17 1.42 6.70 6.88
C LYS A 17 1.39 5.30 7.47
N ILE A 18 2.13 5.07 8.56
CA ILE A 18 2.17 3.77 9.21
C ILE A 18 0.76 3.25 9.44
N GLU A 19 -0.01 4.05 10.15
CA GLU A 19 -1.39 3.72 10.45
C GLU A 19 -2.13 3.33 9.19
N GLU A 20 -1.78 3.99 8.09
CA GLU A 20 -2.38 3.69 6.81
C GLU A 20 -1.72 2.45 6.22
N ALA A 21 -0.45 2.24 6.57
CA ALA A 21 0.26 1.07 6.09
C ALA A 21 -0.46 -0.18 6.57
N GLU A 22 -1.07 -0.09 7.75
CA GLU A 22 -1.82 -1.21 8.30
C GLU A 22 -3.04 -1.47 7.41
N ALA A 23 -3.37 -0.48 6.59
CA ALA A 23 -4.48 -0.60 5.67
C ALA A 23 -4.01 -1.24 4.36
N ILE A 24 -2.74 -1.00 4.04
CA ILE A 24 -2.16 -1.57 2.84
C ILE A 24 -2.05 -3.07 2.99
N GLU A 25 -1.55 -3.54 4.13
CA GLU A 25 -1.42 -4.97 4.37
C GLU A 25 -2.71 -5.68 4.00
N LYS A 26 -3.83 -4.97 4.10
CA LYS A 26 -5.12 -5.54 3.76
C LYS A 26 -5.18 -5.91 2.27
N THR A 27 -4.42 -5.19 1.44
CA THR A 27 -4.40 -5.46 0.01
C THR A 27 -3.83 -6.85 -0.24
N LEU A 28 -2.93 -7.29 0.64
CA LEU A 28 -2.33 -8.61 0.50
C LEU A 28 -3.42 -9.66 0.34
N LYS A 29 -4.55 -9.43 0.99
CA LYS A 29 -5.68 -10.34 0.91
C LYS A 29 -6.08 -10.58 -0.55
N ASN A 30 -5.73 -9.63 -1.42
CA ASN A 30 -6.05 -9.73 -2.84
C ASN A 30 -5.61 -11.08 -3.40
N LYS A 31 -6.53 -12.04 -3.43
CA LYS A 31 -6.24 -13.37 -3.94
C LYS A 31 -7.02 -13.63 -5.22
N GLN A 32 -7.25 -12.59 -6.00
CA GLN A 32 -7.98 -12.71 -7.25
C GLN A 32 -7.93 -11.40 -8.04
N ASN A 33 -6.79 -10.72 -7.96
CA ASN A 33 -6.62 -9.46 -8.68
C ASN A 33 -5.20 -9.35 -9.25
N ARG B 1 -13.01 15.55 -5.03
CA ARG B 1 -14.23 15.03 -5.70
C ARG B 1 -14.52 13.60 -5.28
N PRO B 2 -15.16 13.43 -4.10
CA PRO B 2 -15.50 12.09 -3.58
C PRO B 2 -16.24 11.24 -4.61
N PRO B 3 -15.55 10.24 -5.20
CA PRO B 3 -16.16 9.36 -6.20
C PRO B 3 -17.20 8.42 -5.59
N PRO B 4 -18.11 7.88 -6.42
CA PRO B 4 -19.16 6.97 -5.96
C PRO B 4 -18.60 5.62 -5.54
N ALA B 5 -19.46 4.79 -4.94
CA ALA B 5 -19.05 3.46 -4.49
C ALA B 5 -17.93 3.56 -3.45
N HIS B 6 -17.36 2.41 -3.09
CA HIS B 6 -16.28 2.37 -2.11
C HIS B 6 -14.92 2.41 -2.80
N HIS B 7 -14.31 3.59 -2.80
CA HIS B 7 -13.00 3.77 -3.43
C HIS B 7 -12.10 4.62 -2.55
N ASN B 8 -10.80 4.33 -2.60
CA ASN B 8 -9.82 5.07 -1.80
C ASN B 8 -8.62 5.48 -2.66
N MET B 9 -8.05 6.63 -2.35
CA MET B 9 -6.89 7.13 -3.08
C MET B 9 -5.64 6.32 -2.76
N PHE B 10 -5.29 5.39 -3.65
CA PHE B 10 -4.12 4.55 -3.46
C PHE B 10 -3.59 4.04 -4.79
N SER B 11 -3.31 4.96 -5.71
CA SER B 11 -2.80 4.61 -7.03
C SER B 11 -1.47 3.88 -6.91
N VAL B 12 -0.67 3.91 -7.97
CA VAL B 12 0.64 3.24 -7.96
C VAL B 12 1.78 4.25 -8.11
N PRO B 13 1.86 5.22 -7.18
CA PRO B 13 2.90 6.25 -7.17
C PRO B 13 4.30 5.63 -7.06
N PRO B 14 5.33 6.31 -7.59
CA PRO B 14 6.70 5.80 -7.53
C PRO B 14 7.12 5.55 -6.08
N PRO B 15 7.85 4.45 -5.82
CA PRO B 15 8.26 4.11 -4.45
C PRO B 15 9.24 5.10 -3.83
N PRO B 16 9.03 5.45 -2.54
CA PRO B 16 9.89 6.37 -1.81
C PRO B 16 11.21 5.75 -1.35
N ILE B 17 11.14 4.90 -0.32
CA ILE B 17 12.34 4.26 0.24
C ILE B 17 12.75 3.02 -0.56
N LEU B 18 13.59 2.18 0.03
CA LEU B 18 14.06 0.97 -0.63
C LEU B 18 14.96 0.16 0.31
N GLY B 19 14.61 0.15 1.59
CA GLY B 19 15.39 -0.58 2.56
C GLY B 19 14.79 -1.92 2.92
N ARG B 20 14.41 -2.09 4.19
CA ARG B 20 13.81 -3.32 4.65
C ARG B 20 12.99 -3.09 5.92
N GLY B 21 11.68 -2.91 5.75
CA GLY B 21 10.81 -2.68 6.88
C GLY B 21 10.74 -3.88 7.81
N GLY A 1 -3.97 -11.06 -7.08
CA GLY A 1 -3.11 -11.18 -8.28
C GLY A 1 -1.91 -10.26 -8.23
N ALA A 2 -2.04 -9.14 -7.51
CA ALA A 2 -0.97 -8.18 -7.39
C ALA A 2 -0.04 -8.54 -6.23
N ASP A 3 -0.58 -8.51 -5.02
CA ASP A 3 0.19 -8.84 -3.83
C ASP A 3 1.40 -7.92 -3.70
N TYR A 4 1.15 -6.68 -3.31
CA TYR A 4 2.21 -5.69 -3.15
C TYR A 4 2.07 -4.92 -1.83
N SER A 5 0.95 -5.12 -1.13
CA SER A 5 0.72 -4.44 0.14
C SER A 5 1.90 -4.58 1.09
N ALA A 6 2.70 -5.62 0.91
CA ALA A 6 3.85 -5.82 1.77
C ALA A 6 4.91 -4.77 1.53
N GLN A 7 5.46 -4.78 0.33
CA GLN A 7 6.48 -3.79 -0.02
C GLN A 7 5.86 -2.41 -0.11
N TRP A 8 4.55 -2.37 -0.35
CA TRP A 8 3.86 -1.10 -0.45
C TRP A 8 3.57 -0.54 0.92
N ALA A 9 3.22 -1.42 1.85
CA ALA A 9 2.95 -0.97 3.21
C ALA A 9 4.26 -0.59 3.88
N GLU A 10 5.35 -1.28 3.49
CA GLU A 10 6.66 -0.98 4.05
C GLU A 10 6.98 0.50 3.86
N TYR A 11 6.42 1.06 2.79
CA TYR A 11 6.61 2.46 2.48
C TYR A 11 5.87 3.31 3.48
N TYR A 12 4.56 3.16 3.49
CA TYR A 12 3.70 3.91 4.40
C TYR A 12 4.07 3.61 5.84
N ARG A 13 4.78 2.50 6.06
CA ARG A 13 5.21 2.13 7.40
C ARG A 13 6.43 2.95 7.81
N SER A 14 6.93 3.78 6.90
CA SER A 14 8.07 4.62 7.18
C SER A 14 8.15 5.80 6.21
N VAL A 15 7.03 6.14 5.61
CA VAL A 15 6.96 7.27 4.68
C VAL A 15 6.10 8.37 5.27
N GLY A 16 5.38 8.05 6.35
CA GLY A 16 4.53 9.04 6.98
C GLY A 16 3.09 8.60 7.10
N LYS A 17 2.86 7.32 7.39
CA LYS A 17 1.50 6.80 7.53
C LYS A 17 1.50 5.31 7.89
N ILE A 18 2.23 4.95 8.94
CA ILE A 18 2.28 3.55 9.38
C ILE A 18 0.87 3.03 9.61
N GLU A 19 0.13 3.77 10.40
CA GLU A 19 -1.24 3.41 10.72
C GLU A 19 -2.02 3.14 9.44
N GLU A 20 -1.71 3.91 8.40
CA GLU A 20 -2.34 3.72 7.11
C GLU A 20 -1.68 2.56 6.39
N ALA A 21 -0.40 2.32 6.70
CA ALA A 21 0.31 1.20 6.10
C ALA A 21 -0.37 -0.10 6.47
N GLU A 22 -0.94 -0.14 7.68
CA GLU A 22 -1.65 -1.32 8.13
C GLU A 22 -2.86 -1.55 7.23
N ALA A 23 -3.34 -0.46 6.62
CA ALA A 23 -4.47 -0.54 5.71
C ALA A 23 -4.05 -1.18 4.40
N ILE A 24 -2.81 -0.93 4.00
CA ILE A 24 -2.27 -1.50 2.78
C ILE A 24 -2.23 -3.01 2.89
N GLU A 25 -1.71 -3.50 4.01
CA GLU A 25 -1.63 -4.94 4.24
C GLU A 25 -2.96 -5.61 3.89
N LYS A 26 -4.06 -4.86 4.05
CA LYS A 26 -5.38 -5.38 3.74
C LYS A 26 -5.46 -5.81 2.27
N THR A 27 -4.79 -5.06 1.39
CA THR A 27 -4.79 -5.40 -0.03
C THR A 27 -4.01 -6.69 -0.23
N LEU A 28 -3.09 -6.97 0.69
CA LEU A 28 -2.29 -8.19 0.63
C LEU A 28 -3.20 -9.40 0.56
N LYS A 29 -4.36 -9.30 1.23
CA LYS A 29 -5.33 -10.39 1.23
C LYS A 29 -5.70 -10.78 -0.21
N ASN A 30 -5.51 -9.84 -1.13
CA ASN A 30 -5.81 -10.08 -2.54
C ASN A 30 -5.23 -11.40 -3.02
N LYS A 31 -4.11 -11.79 -2.41
CA LYS A 31 -3.44 -13.04 -2.78
C LYS A 31 -3.23 -13.93 -1.55
N GLN A 32 -4.17 -13.88 -0.62
CA GLN A 32 -4.09 -14.68 0.59
C GLN A 32 -5.32 -15.57 0.76
N ASN A 33 -5.83 -16.07 -0.36
CA ASN A 33 -7.01 -16.93 -0.35
C ASN A 33 -6.61 -18.39 -0.49
N ARG B 1 -20.31 -0.13 -6.63
CA ARG B 1 -21.37 -1.13 -6.35
C ARG B 1 -20.76 -2.48 -5.99
N PRO B 2 -21.57 -3.39 -5.41
CA PRO B 2 -21.11 -4.72 -5.00
C PRO B 2 -20.61 -5.56 -6.17
N PRO B 3 -21.36 -5.62 -7.29
CA PRO B 3 -20.96 -6.41 -8.46
C PRO B 3 -19.57 -6.07 -8.97
N PRO B 4 -19.28 -4.78 -9.23
CA PRO B 4 -17.96 -4.36 -9.72
C PRO B 4 -16.87 -4.50 -8.65
N ALA B 5 -15.62 -4.33 -9.07
CA ALA B 5 -14.49 -4.44 -8.13
C ALA B 5 -13.20 -3.98 -8.80
N HIS B 6 -13.02 -2.67 -8.89
CA HIS B 6 -11.82 -2.10 -9.50
C HIS B 6 -11.54 -0.70 -8.97
N HIS B 7 -10.93 -0.64 -7.79
CA HIS B 7 -10.61 0.64 -7.18
C HIS B 7 -9.27 0.59 -6.46
N ASN B 8 -8.25 1.18 -7.07
CA ASN B 8 -6.91 1.19 -6.49
C ASN B 8 -6.90 1.94 -5.16
N MET B 9 -6.13 1.43 -4.21
CA MET B 9 -6.04 2.04 -2.89
C MET B 9 -5.43 3.44 -2.99
N PHE B 10 -4.38 3.57 -3.79
CA PHE B 10 -3.71 4.86 -3.97
C PHE B 10 -2.87 4.86 -5.24
N SER B 11 -3.39 4.23 -6.30
CA SER B 11 -2.69 4.17 -7.57
C SER B 11 -1.30 3.53 -7.40
N VAL B 12 -0.46 3.71 -8.41
CA VAL B 12 0.90 3.16 -8.36
C VAL B 12 1.95 4.27 -8.39
N PRO B 13 1.90 5.20 -7.42
CA PRO B 13 2.85 6.31 -7.32
C PRO B 13 4.28 5.81 -7.17
N PRO B 14 5.27 6.59 -7.62
CA PRO B 14 6.68 6.19 -7.53
C PRO B 14 7.06 5.89 -6.09
N PRO B 15 7.85 4.84 -5.85
CA PRO B 15 8.23 4.44 -4.49
C PRO B 15 9.20 5.42 -3.81
N PRO B 16 8.97 5.72 -2.52
CA PRO B 16 9.81 6.61 -1.74
C PRO B 16 11.13 5.98 -1.29
N ILE B 17 11.04 4.97 -0.42
CA ILE B 17 12.25 4.30 0.10
C ILE B 17 12.63 3.07 -0.74
N LEU B 18 13.48 2.23 -0.17
CA LEU B 18 13.93 1.03 -0.86
C LEU B 18 14.84 0.20 0.03
N GLY B 19 14.52 0.15 1.32
CA GLY B 19 15.32 -0.60 2.27
C GLY B 19 15.31 -2.09 1.97
N ARG B 20 15.81 -2.87 2.92
CA ARG B 20 15.87 -4.32 2.76
C ARG B 20 15.88 -5.01 4.11
N GLY B 21 15.17 -4.44 5.09
CA GLY B 21 15.11 -5.02 6.41
C GLY B 21 14.46 -4.10 7.42
N GLY A 1 -1.50 -12.02 -9.41
CA GLY A 1 -1.92 -10.60 -9.51
C GLY A 1 -0.77 -9.64 -9.21
N ALA A 2 -1.11 -8.49 -8.63
CA ALA A 2 -0.10 -7.49 -8.29
C ALA A 2 0.06 -7.37 -6.78
N ASP A 3 0.49 -8.46 -6.14
CA ASP A 3 0.68 -8.47 -4.70
C ASP A 3 1.67 -7.38 -4.28
N TYR A 4 1.16 -6.34 -3.64
CA TYR A 4 1.99 -5.24 -3.19
C TYR A 4 1.40 -4.58 -1.95
N SER A 5 1.33 -5.35 -0.88
CA SER A 5 0.80 -4.85 0.39
C SER A 5 1.83 -4.99 1.49
N ALA A 6 2.93 -5.65 1.18
CA ALA A 6 4.00 -5.83 2.13
C ALA A 6 5.12 -4.86 1.84
N GLN A 7 5.49 -4.80 0.58
CA GLN A 7 6.54 -3.89 0.16
C GLN A 7 5.95 -2.50 -0.03
N TRP A 8 4.64 -2.44 -0.22
CA TRP A 8 3.96 -1.18 -0.41
C TRP A 8 3.64 -0.58 0.94
N ALA A 9 3.28 -1.43 1.89
CA ALA A 9 2.98 -0.97 3.23
C ALA A 9 4.27 -0.57 3.92
N GLU A 10 5.36 -1.26 3.57
CA GLU A 10 6.67 -0.95 4.13
C GLU A 10 6.99 0.51 3.90
N TYR A 11 6.46 1.04 2.80
CA TYR A 11 6.67 2.43 2.44
C TYR A 11 5.92 3.32 3.41
N TYR A 12 4.61 3.18 3.43
CA TYR A 12 3.77 3.95 4.32
C TYR A 12 4.14 3.68 5.77
N ARG A 13 4.80 2.56 6.01
CA ARG A 13 5.23 2.21 7.35
C ARG A 13 6.40 3.09 7.79
N SER A 14 6.94 3.87 6.85
CA SER A 14 8.06 4.75 7.17
C SER A 14 8.15 5.92 6.19
N VAL A 15 7.06 6.19 5.49
CA VAL A 15 7.01 7.30 4.55
C VAL A 15 6.05 8.38 5.06
N GLY A 16 5.31 8.04 6.11
CA GLY A 16 4.37 8.99 6.69
C GLY A 16 2.94 8.50 6.63
N LYS A 17 2.75 7.20 6.79
CA LYS A 17 1.42 6.62 6.74
C LYS A 17 1.40 5.20 7.33
N ILE A 18 2.09 5.02 8.46
CA ILE A 18 2.14 3.70 9.10
C ILE A 18 0.73 3.18 9.35
N GLU A 19 -0.03 3.97 10.07
CA GLU A 19 -1.41 3.63 10.39
C GLU A 19 -2.16 3.25 9.12
N GLU A 20 -1.85 3.94 8.03
CA GLU A 20 -2.46 3.65 6.75
C GLU A 20 -1.79 2.45 6.13
N ALA A 21 -0.51 2.24 6.47
CA ALA A 21 0.22 1.09 5.96
C ALA A 21 -0.46 -0.18 6.42
N GLU A 22 -1.02 -0.14 7.63
CA GLU A 22 -1.74 -1.29 8.16
C GLU A 22 -2.93 -1.59 7.26
N ALA A 23 -3.37 -0.58 6.51
CA ALA A 23 -4.47 -0.72 5.59
C ALA A 23 -4.01 -1.44 4.32
N ILE A 24 -2.78 -1.13 3.91
CA ILE A 24 -2.20 -1.75 2.74
C ILE A 24 -2.05 -3.25 2.96
N GLU A 25 -1.61 -3.62 4.15
CA GLU A 25 -1.44 -5.03 4.48
C GLU A 25 -2.72 -5.79 4.16
N LYS A 26 -3.85 -5.09 4.21
CA LYS A 26 -5.14 -5.70 3.91
C LYS A 26 -5.26 -6.01 2.41
N THR A 27 -4.62 -5.19 1.58
CA THR A 27 -4.65 -5.42 0.14
C THR A 27 -3.90 -6.71 -0.20
N LEU A 28 -3.02 -7.12 0.70
CA LEU A 28 -2.26 -8.35 0.52
C LEU A 28 -3.21 -9.52 0.35
N LYS A 29 -4.36 -9.45 1.03
CA LYS A 29 -5.37 -10.49 0.94
C LYS A 29 -5.78 -10.73 -0.51
N ASN A 30 -5.57 -9.71 -1.36
CA ASN A 30 -5.92 -9.81 -2.77
C ASN A 30 -5.39 -11.11 -3.39
N LYS A 31 -4.09 -11.15 -3.66
CA LYS A 31 -3.47 -12.33 -4.25
C LYS A 31 -4.21 -12.77 -5.51
N GLN A 32 -4.77 -11.81 -6.23
CA GLN A 32 -5.51 -12.09 -7.46
C GLN A 32 -6.71 -12.98 -7.18
N ASN A 33 -7.35 -12.77 -6.03
CA ASN A 33 -8.52 -13.55 -5.65
C ASN A 33 -9.68 -12.64 -5.30
N ARG B 1 -16.74 7.69 6.12
CA ARG B 1 -16.47 6.70 7.21
C ARG B 1 -17.33 5.45 7.08
N PRO B 2 -18.65 5.61 6.88
CA PRO B 2 -19.58 4.48 6.76
C PRO B 2 -19.08 3.39 5.81
N PRO B 3 -18.54 3.76 4.63
CA PRO B 3 -18.04 2.79 3.65
C PRO B 3 -16.81 2.03 4.17
N PRO B 4 -16.97 0.72 4.46
CA PRO B 4 -15.87 -0.10 4.96
C PRO B 4 -14.80 -0.36 3.90
N ALA B 5 -15.24 -0.43 2.65
CA ALA B 5 -14.32 -0.68 1.54
C ALA B 5 -14.55 0.33 0.41
N HIS B 6 -13.71 0.26 -0.62
CA HIS B 6 -13.81 1.18 -1.75
C HIS B 6 -13.65 2.62 -1.31
N HIS B 7 -12.40 3.05 -1.16
CA HIS B 7 -12.11 4.42 -0.74
C HIS B 7 -10.64 4.76 -0.96
N ASN B 8 -10.28 6.01 -0.72
CA ASN B 8 -8.91 6.46 -0.90
C ASN B 8 -8.44 6.26 -2.34
N MET B 9 -7.36 6.94 -2.70
CA MET B 9 -6.81 6.85 -4.05
C MET B 9 -5.70 5.82 -4.11
N PHE B 10 -4.63 6.08 -3.38
CA PHE B 10 -3.48 5.17 -3.34
C PHE B 10 -2.75 5.16 -4.68
N SER B 11 -3.40 4.63 -5.71
CA SER B 11 -2.82 4.57 -7.04
C SER B 11 -1.48 3.83 -7.03
N VAL B 12 -0.69 4.00 -8.08
CA VAL B 12 0.61 3.34 -8.16
C VAL B 12 1.74 4.38 -8.24
N PRO B 13 1.81 5.28 -7.26
CA PRO B 13 2.86 6.32 -7.20
C PRO B 13 4.25 5.72 -7.03
N PRO B 14 5.29 6.41 -7.53
CA PRO B 14 6.67 5.93 -7.43
C PRO B 14 7.06 5.70 -5.97
N PRO B 15 7.79 4.62 -5.68
CA PRO B 15 8.20 4.29 -4.31
C PRO B 15 9.25 5.24 -3.72
N PRO B 16 9.07 5.63 -2.45
CA PRO B 16 10.00 6.52 -1.74
C PRO B 16 11.29 5.81 -1.31
N ILE B 17 11.17 4.86 -0.38
CA ILE B 17 12.33 4.13 0.12
C ILE B 17 12.65 2.88 -0.71
N LEU B 18 13.42 1.97 -0.14
CA LEU B 18 13.80 0.74 -0.83
C LEU B 18 14.62 -0.16 0.08
N GLY B 19 14.27 -0.18 1.36
CA GLY B 19 14.99 -1.00 2.31
C GLY B 19 14.80 -2.49 2.05
N ARG B 20 15.51 -3.00 1.05
CA ARG B 20 15.42 -4.41 0.71
C ARG B 20 16.50 -4.80 -0.31
N GLY B 21 17.67 -4.16 -0.17
CA GLY B 21 18.77 -4.45 -1.08
C GLY B 21 20.12 -4.36 -0.40
N GLY A 1 -2.35 -12.55 -7.52
CA GLY A 1 -2.33 -11.45 -8.53
C GLY A 1 -1.29 -10.40 -8.21
N ALA A 2 -1.74 -9.21 -7.81
CA ALA A 2 -0.84 -8.12 -7.48
C ALA A 2 0.10 -8.50 -6.34
N ASP A 3 -0.44 -8.50 -5.12
CA ASP A 3 0.34 -8.85 -3.93
C ASP A 3 1.56 -7.94 -3.81
N TYR A 4 1.31 -6.68 -3.46
CA TYR A 4 2.38 -5.70 -3.30
C TYR A 4 2.26 -4.94 -1.99
N SER A 5 1.07 -4.98 -1.40
CA SER A 5 0.82 -4.29 -0.13
C SER A 5 1.93 -4.54 0.87
N ALA A 6 2.61 -5.67 0.76
CA ALA A 6 3.69 -5.99 1.67
C ALA A 6 4.82 -4.99 1.51
N GLN A 7 5.46 -5.02 0.36
CA GLN A 7 6.55 -4.12 0.08
C GLN A 7 6.02 -2.69 -0.09
N TRP A 8 4.72 -2.57 -0.30
CA TRP A 8 4.11 -1.25 -0.47
C TRP A 8 3.79 -0.67 0.89
N ALA A 9 3.40 -1.54 1.83
CA ALA A 9 3.10 -1.07 3.17
C ALA A 9 4.39 -0.67 3.85
N GLU A 10 5.49 -1.34 3.50
CA GLU A 10 6.79 -1.02 4.07
C GLU A 10 7.07 0.46 3.91
N TYR A 11 6.57 1.02 2.81
CA TYR A 11 6.74 2.44 2.54
C TYR A 11 5.94 3.26 3.52
N TYR A 12 4.64 3.08 3.46
CA TYR A 12 3.73 3.80 4.34
C TYR A 12 4.03 3.48 5.79
N ARG A 13 4.77 2.40 6.04
CA ARG A 13 5.14 2.04 7.39
C ARG A 13 6.40 2.78 7.81
N SER A 14 6.91 3.65 6.94
CA SER A 14 8.12 4.41 7.25
C SER A 14 8.30 5.61 6.31
N VAL A 15 7.21 6.04 5.67
CA VAL A 15 7.26 7.19 4.78
C VAL A 15 6.35 8.29 5.31
N GLY A 16 5.58 7.98 6.36
CA GLY A 16 4.69 8.97 6.94
C GLY A 16 3.23 8.56 6.90
N LYS A 17 2.94 7.34 7.36
CA LYS A 17 1.55 6.87 7.38
C LYS A 17 1.48 5.38 7.76
N ILE A 18 2.20 4.99 8.82
CA ILE A 18 2.18 3.61 9.28
C ILE A 18 0.76 3.15 9.50
N GLU A 19 0.03 3.95 10.26
CA GLU A 19 -1.36 3.66 10.56
C GLU A 19 -2.13 3.36 9.28
N GLU A 20 -1.82 4.10 8.23
CA GLU A 20 -2.45 3.89 6.94
C GLU A 20 -1.79 2.71 6.25
N ALA A 21 -0.52 2.46 6.59
CA ALA A 21 0.19 1.32 6.02
C ALA A 21 -0.52 0.04 6.43
N GLU A 22 -1.10 0.05 7.63
CA GLU A 22 -1.85 -1.10 8.11
C GLU A 22 -3.00 -1.37 7.14
N ALA A 23 -3.43 -0.31 6.45
CA ALA A 23 -4.50 -0.42 5.47
C ALA A 23 -3.99 -1.16 4.25
N ILE A 24 -2.76 -0.86 3.85
CA ILE A 24 -2.15 -1.52 2.71
C ILE A 24 -2.08 -3.01 2.95
N GLU A 25 -1.63 -3.38 4.15
CA GLU A 25 -1.53 -4.79 4.52
C GLU A 25 -2.82 -5.53 4.15
N LYS A 26 -3.93 -4.80 4.11
CA LYS A 26 -5.21 -5.40 3.75
C LYS A 26 -5.24 -5.79 2.28
N THR A 27 -4.45 -5.10 1.44
CA THR A 27 -4.40 -5.40 0.02
C THR A 27 -3.80 -6.79 -0.20
N LEU A 28 -2.91 -7.18 0.70
CA LEU A 28 -2.27 -8.50 0.61
C LEU A 28 -3.34 -9.57 0.48
N LYS A 29 -4.46 -9.35 1.15
CA LYS A 29 -5.58 -10.29 1.11
C LYS A 29 -6.05 -10.49 -0.33
N ASN A 30 -5.73 -9.53 -1.20
CA ASN A 30 -6.12 -9.61 -2.60
C ASN A 30 -5.70 -10.93 -3.22
N LYS A 31 -6.66 -11.62 -3.85
CA LYS A 31 -6.38 -12.90 -4.48
C LYS A 31 -7.49 -13.27 -5.47
N GLN A 32 -8.09 -12.24 -6.09
CA GLN A 32 -9.15 -12.47 -7.05
C GLN A 32 -8.84 -11.76 -8.37
N ASN A 33 -7.57 -11.76 -8.75
CA ASN A 33 -7.14 -11.12 -9.99
C ASN A 33 -7.77 -11.81 -11.19
N ARG B 1 -20.40 2.03 7.82
CA ARG B 1 -21.71 2.35 7.20
C ARG B 1 -21.61 2.36 5.67
N PRO B 2 -22.71 2.01 4.97
CA PRO B 2 -22.73 1.98 3.52
C PRO B 2 -22.38 3.34 2.89
N PRO B 3 -22.96 4.43 3.42
CA PRO B 3 -22.68 5.78 2.90
C PRO B 3 -21.19 6.07 2.81
N PRO B 4 -20.79 6.99 1.91
CA PRO B 4 -19.38 7.37 1.73
C PRO B 4 -18.83 8.15 2.92
N ALA B 5 -17.55 8.50 2.85
CA ALA B 5 -16.91 9.25 3.91
C ALA B 5 -15.50 9.69 3.51
N HIS B 6 -14.60 8.72 3.39
CA HIS B 6 -13.22 9.01 3.01
C HIS B 6 -12.92 8.46 1.62
N HIS B 7 -11.95 9.08 0.94
CA HIS B 7 -11.56 8.64 -0.40
C HIS B 7 -11.08 7.20 -0.39
N ASN B 8 -10.62 6.73 -1.55
CA ASN B 8 -10.11 5.37 -1.67
C ASN B 8 -9.54 5.12 -3.06
N MET B 9 -8.33 5.62 -3.28
CA MET B 9 -7.66 5.47 -4.57
C MET B 9 -6.47 4.51 -4.45
N PHE B 10 -5.38 5.01 -3.87
CA PHE B 10 -4.18 4.19 -3.69
C PHE B 10 -3.65 3.69 -5.04
N SER B 11 -3.36 4.63 -5.93
CA SER B 11 -2.84 4.29 -7.26
C SER B 11 -1.48 3.59 -7.15
N VAL B 12 -0.57 3.85 -8.08
CA VAL B 12 0.74 3.22 -8.05
C VAL B 12 1.86 4.25 -8.18
N PRO B 13 1.90 5.25 -7.29
CA PRO B 13 2.94 6.28 -7.29
C PRO B 13 4.34 5.69 -7.11
N PRO B 14 5.39 6.33 -7.64
CA PRO B 14 6.76 5.83 -7.52
C PRO B 14 7.13 5.67 -6.04
N PRO B 15 7.84 4.59 -5.69
CA PRO B 15 8.23 4.32 -4.30
C PRO B 15 9.08 5.41 -3.68
N PRO B 16 8.78 5.78 -2.41
CA PRO B 16 9.52 6.80 -1.67
C PRO B 16 10.88 6.32 -1.16
N ILE B 17 10.88 5.24 -0.36
CA ILE B 17 12.12 4.72 0.21
C ILE B 17 12.72 3.59 -0.62
N LEU B 18 13.71 2.90 -0.07
CA LEU B 18 14.38 1.81 -0.76
C LEU B 18 15.45 1.19 0.11
N GLY B 19 15.17 1.08 1.40
CA GLY B 19 16.13 0.51 2.32
C GLY B 19 16.20 -1.00 2.22
N ARG B 20 16.78 -1.49 1.13
CA ARG B 20 16.91 -2.93 0.91
C ARG B 20 17.76 -3.21 -0.33
N GLY B 21 18.76 -2.38 -0.56
CA GLY B 21 19.64 -2.56 -1.71
C GLY B 21 20.61 -1.40 -1.88
N GLY A 1 -2.95 -11.00 -10.05
CA GLY A 1 -2.43 -11.15 -8.66
C GLY A 1 -1.37 -10.12 -8.33
N ALA A 2 -1.81 -8.97 -7.82
CA ALA A 2 -0.89 -7.89 -7.45
C ALA A 2 0.02 -8.32 -6.31
N ASP A 3 -0.54 -8.34 -5.10
CA ASP A 3 0.23 -8.73 -3.91
C ASP A 3 1.46 -7.86 -3.75
N TYR A 4 1.24 -6.61 -3.37
CA TYR A 4 2.33 -5.65 -3.17
C TYR A 4 2.20 -4.92 -1.85
N SER A 5 1.04 -5.04 -1.20
CA SER A 5 0.80 -4.38 0.08
C SER A 5 1.97 -4.54 1.05
N ALA A 6 2.74 -5.61 0.88
CA ALA A 6 3.88 -5.85 1.75
C ALA A 6 4.96 -4.81 1.51
N GLN A 7 5.53 -4.85 0.33
CA GLN A 7 6.58 -3.92 -0.03
C GLN A 7 6.00 -2.53 -0.26
N TRP A 8 4.67 -2.43 -0.26
CA TRP A 8 4.01 -1.15 -0.44
C TRP A 8 3.69 -0.56 0.92
N ALA A 9 3.33 -1.42 1.87
CA ALA A 9 3.04 -0.96 3.20
C ALA A 9 4.34 -0.58 3.90
N GLU A 10 5.42 -1.27 3.54
CA GLU A 10 6.73 -0.98 4.11
C GLU A 10 7.05 0.49 3.92
N TYR A 11 6.54 1.05 2.82
CA TYR A 11 6.75 2.45 2.52
C TYR A 11 5.99 3.31 3.50
N TYR A 12 4.68 3.16 3.48
CA TYR A 12 3.82 3.91 4.38
C TYR A 12 4.15 3.61 5.83
N ARG A 13 4.85 2.51 6.06
CA ARG A 13 5.26 2.14 7.40
C ARG A 13 6.48 2.95 7.84
N SER A 14 6.98 3.78 6.93
CA SER A 14 8.14 4.61 7.22
C SER A 14 8.24 5.78 6.26
N VAL A 15 7.11 6.14 5.64
CA VAL A 15 7.07 7.27 4.72
C VAL A 15 6.21 8.39 5.29
N GLY A 16 5.47 8.07 6.36
CA GLY A 16 4.63 9.06 7.00
C GLY A 16 3.17 8.63 7.09
N LYS A 17 2.94 7.34 7.36
CA LYS A 17 1.58 6.83 7.48
C LYS A 17 1.55 5.35 7.84
N ILE A 18 2.27 4.97 8.90
CA ILE A 18 2.30 3.58 9.34
C ILE A 18 0.89 3.07 9.56
N GLU A 19 0.15 3.81 10.36
CA GLU A 19 -1.22 3.46 10.66
C GLU A 19 -1.99 3.20 9.37
N GLU A 20 -1.67 3.97 8.34
CA GLU A 20 -2.29 3.80 7.04
C GLU A 20 -1.64 2.64 6.32
N ALA A 21 -0.38 2.37 6.64
CA ALA A 21 0.32 1.26 6.02
C ALA A 21 -0.39 -0.03 6.38
N GLU A 22 -0.96 -0.08 7.59
CA GLU A 22 -1.71 -1.25 8.03
C GLU A 22 -2.90 -1.45 7.10
N ALA A 23 -3.34 -0.36 6.47
CA ALA A 23 -4.45 -0.41 5.54
C ALA A 23 -4.01 -1.06 4.24
N ILE A 24 -2.76 -0.81 3.87
CA ILE A 24 -2.19 -1.39 2.66
C ILE A 24 -2.19 -2.91 2.76
N GLU A 25 -1.70 -3.41 3.89
CA GLU A 25 -1.64 -4.84 4.12
C GLU A 25 -2.97 -5.50 3.75
N LYS A 26 -4.05 -4.73 3.88
CA LYS A 26 -5.38 -5.23 3.53
C LYS A 26 -5.43 -5.65 2.06
N THR A 27 -4.74 -4.90 1.20
CA THR A 27 -4.71 -5.23 -0.22
C THR A 27 -3.97 -6.54 -0.42
N LEU A 28 -3.06 -6.85 0.52
CA LEU A 28 -2.30 -8.09 0.46
C LEU A 28 -3.24 -9.28 0.36
N LYS A 29 -4.41 -9.15 1.00
CA LYS A 29 -5.41 -10.21 0.98
C LYS A 29 -5.75 -10.58 -0.46
N ASN A 30 -5.53 -9.65 -1.39
CA ASN A 30 -5.80 -9.88 -2.80
C ASN A 30 -5.21 -11.21 -3.27
N LYS A 31 -6.05 -12.25 -3.27
CA LYS A 31 -5.61 -13.57 -3.69
C LYS A 31 -6.36 -14.02 -4.94
N GLN A 32 -6.71 -13.06 -5.79
CA GLN A 32 -7.45 -13.35 -7.02
C GLN A 32 -7.49 -12.13 -7.92
N ASN A 33 -6.35 -11.78 -8.49
CA ASN A 33 -6.26 -10.63 -9.39
C ASN A 33 -6.65 -9.34 -8.66
N ARG B 1 -11.58 15.48 -11.98
CA ARG B 1 -11.96 14.07 -11.67
C ARG B 1 -10.77 13.26 -11.13
N PRO B 2 -9.67 13.16 -11.90
CA PRO B 2 -8.47 12.41 -11.50
C PRO B 2 -8.11 12.64 -10.03
N PRO B 3 -7.88 13.90 -9.62
CA PRO B 3 -7.53 14.24 -8.24
C PRO B 3 -8.30 13.41 -7.22
N PRO B 4 -7.74 13.23 -6.00
CA PRO B 4 -8.38 12.46 -4.93
C PRO B 4 -9.59 13.19 -4.35
N ALA B 5 -9.42 14.48 -4.08
CA ALA B 5 -10.50 15.28 -3.52
C ALA B 5 -10.89 14.80 -2.12
N HIS B 6 -11.67 13.73 -2.08
CA HIS B 6 -12.12 13.16 -0.81
C HIS B 6 -12.89 11.88 -1.02
N HIS B 7 -12.17 10.79 -1.25
CA HIS B 7 -12.79 9.49 -1.48
C HIS B 7 -11.76 8.36 -1.40
N ASN B 8 -10.94 8.23 -2.43
CA ASN B 8 -9.91 7.20 -2.47
C ASN B 8 -8.65 7.72 -3.16
N MET B 9 -7.54 7.02 -2.94
CA MET B 9 -6.27 7.40 -3.54
C MET B 9 -5.18 6.40 -3.19
N PHE B 10 -4.94 5.46 -4.10
CA PHE B 10 -3.93 4.43 -3.90
C PHE B 10 -3.80 3.54 -5.13
N SER B 11 -3.25 4.09 -6.20
CA SER B 11 -3.07 3.34 -7.45
C SER B 11 -1.72 2.65 -7.46
N VAL B 12 -0.67 3.40 -7.81
CA VAL B 12 0.68 2.86 -7.85
C VAL B 12 1.73 3.97 -7.94
N PRO B 13 1.70 4.92 -6.98
CA PRO B 13 2.66 6.02 -6.93
C PRO B 13 4.10 5.54 -6.82
N PRO B 14 5.07 6.31 -7.33
CA PRO B 14 6.49 5.94 -7.27
C PRO B 14 6.93 5.73 -5.83
N PRO B 15 7.74 4.70 -5.56
CA PRO B 15 8.18 4.39 -4.19
C PRO B 15 9.15 5.42 -3.61
N PRO B 16 8.95 5.77 -2.32
CA PRO B 16 9.80 6.74 -1.61
C PRO B 16 11.14 6.14 -1.17
N ILE B 17 11.11 5.06 -0.40
CA ILE B 17 12.33 4.43 0.10
C ILE B 17 12.74 3.22 -0.74
N LEU B 18 13.62 2.38 -0.19
CA LEU B 18 14.09 1.19 -0.88
C LEU B 18 15.06 0.41 -0.01
N GLY B 19 14.83 0.48 1.31
CA GLY B 19 15.69 -0.21 2.25
C GLY B 19 17.17 -0.01 1.97
N ARG B 20 17.78 -0.99 1.31
CA ARG B 20 19.20 -0.91 0.98
C ARG B 20 20.05 -0.80 2.25
N GLY B 21 20.50 -1.94 2.76
CA GLY B 21 21.31 -1.95 3.96
C GLY B 21 22.62 -1.22 3.78
N GLY A 1 -3.41 -11.67 -8.79
CA GLY A 1 -3.57 -10.61 -7.76
C GLY A 1 -2.31 -9.82 -7.53
N ALA A 2 -2.44 -8.50 -7.37
CA ALA A 2 -1.30 -7.63 -7.15
C ALA A 2 -0.88 -7.66 -5.67
N ASP A 3 -0.13 -8.69 -5.30
CA ASP A 3 0.33 -8.81 -3.92
C ASP A 3 1.56 -7.94 -3.67
N TYR A 4 1.33 -6.64 -3.57
CA TYR A 4 2.41 -5.69 -3.34
C TYR A 4 2.23 -4.95 -2.01
N SER A 5 1.06 -5.10 -1.39
CA SER A 5 0.77 -4.45 -0.13
C SER A 5 1.91 -4.63 0.87
N ALA A 6 2.66 -5.72 0.72
CA ALA A 6 3.78 -5.98 1.62
C ALA A 6 4.86 -4.94 1.45
N GLN A 7 5.50 -4.97 0.30
CA GLN A 7 6.57 -4.02 0.02
C GLN A 7 5.99 -2.62 -0.13
N TRP A 8 4.69 -2.52 -0.37
CA TRP A 8 4.04 -1.23 -0.51
C TRP A 8 3.69 -0.67 0.85
N ALA A 9 3.33 -1.56 1.77
CA ALA A 9 3.01 -1.12 3.12
C ALA A 9 4.29 -0.75 3.84
N GLU A 10 5.39 -1.44 3.50
CA GLU A 10 6.68 -1.15 4.11
C GLU A 10 7.00 0.32 3.94
N TYR A 11 6.51 0.88 2.85
CA TYR A 11 6.74 2.28 2.55
C TYR A 11 5.95 3.14 3.52
N TYR A 12 4.64 3.02 3.45
CA TYR A 12 3.76 3.76 4.32
C TYR A 12 4.07 3.47 5.79
N ARG A 13 4.76 2.36 6.03
CA ARG A 13 5.13 2.00 7.39
C ARG A 13 6.39 2.73 7.82
N SER A 14 6.93 3.56 6.93
CA SER A 14 8.14 4.31 7.23
C SER A 14 8.34 5.50 6.29
N VAL A 15 7.27 5.92 5.61
CA VAL A 15 7.34 7.06 4.72
C VAL A 15 6.47 8.20 5.25
N GLY A 16 5.69 7.91 6.30
CA GLY A 16 4.84 8.93 6.89
C GLY A 16 3.36 8.57 6.90
N LYS A 17 3.05 7.32 7.25
CA LYS A 17 1.66 6.88 7.30
C LYS A 17 1.54 5.41 7.70
N ILE A 18 2.25 5.02 8.76
CA ILE A 18 2.21 3.64 9.24
C ILE A 18 0.76 3.20 9.44
N GLU A 19 0.03 4.02 10.18
CA GLU A 19 -1.37 3.76 10.45
C GLU A 19 -2.11 3.45 9.16
N GLU A 20 -1.80 4.20 8.12
CA GLU A 20 -2.41 3.97 6.83
C GLU A 20 -1.75 2.78 6.17
N ALA A 21 -0.49 2.51 6.54
CA ALA A 21 0.21 1.36 5.99
C ALA A 21 -0.53 0.10 6.38
N GLU A 22 -1.13 0.11 7.56
CA GLU A 22 -1.91 -1.04 8.02
C GLU A 22 -3.05 -1.29 7.04
N ALA A 23 -3.44 -0.23 6.31
CA ALA A 23 -4.49 -0.33 5.32
C ALA A 23 -3.99 -1.11 4.11
N ILE A 24 -2.75 -0.84 3.71
CA ILE A 24 -2.16 -1.54 2.58
C ILE A 24 -2.11 -3.03 2.87
N GLU A 25 -1.72 -3.38 4.08
CA GLU A 25 -1.65 -4.77 4.48
C GLU A 25 -2.93 -5.49 4.11
N LYS A 26 -4.03 -4.75 4.05
CA LYS A 26 -5.33 -5.30 3.68
C LYS A 26 -5.32 -5.71 2.21
N THR A 27 -4.56 -4.98 1.39
CA THR A 27 -4.45 -5.29 -0.03
C THR A 27 -3.73 -6.62 -0.21
N LEU A 28 -2.80 -6.89 0.70
CA LEU A 28 -2.05 -8.15 0.68
C LEU A 28 -3.00 -9.33 0.56
N LYS A 29 -4.15 -9.21 1.20
CA LYS A 29 -5.16 -10.24 1.16
C LYS A 29 -5.54 -10.58 -0.28
N ASN A 30 -5.31 -9.63 -1.18
CA ASN A 30 -5.62 -9.81 -2.59
C ASN A 30 -5.05 -11.13 -3.12
N LYS A 31 -5.92 -11.95 -3.71
CA LYS A 31 -5.50 -13.24 -4.24
C LYS A 31 -6.23 -13.54 -5.56
N GLN A 32 -6.48 -12.49 -6.34
CA GLN A 32 -7.16 -12.64 -7.62
C GLN A 32 -8.56 -13.22 -7.42
N ASN A 33 -9.21 -12.83 -6.32
CA ASN A 33 -10.55 -13.31 -6.01
C ASN A 33 -11.54 -12.88 -7.10
N ARG B 1 6.96 15.94 6.43
CA ARG B 1 6.01 16.97 5.93
C ARG B 1 4.64 16.35 5.66
N PRO B 2 3.56 17.15 5.81
CA PRO B 2 2.20 16.68 5.58
C PRO B 2 2.04 15.98 4.23
N PRO B 3 1.92 14.63 4.23
CA PRO B 3 1.77 13.86 3.00
C PRO B 3 0.65 14.39 2.11
N PRO B 4 1.01 15.07 0.99
CA PRO B 4 0.03 15.63 0.06
C PRO B 4 -0.99 14.59 -0.39
N ALA B 5 -2.13 15.07 -0.90
CA ALA B 5 -3.19 14.18 -1.37
C ALA B 5 -3.85 14.75 -2.62
N HIS B 6 -4.64 15.81 -2.44
CA HIS B 6 -5.34 16.45 -3.55
C HIS B 6 -6.36 15.49 -4.17
N HIS B 7 -5.88 14.57 -5.00
CA HIS B 7 -6.75 13.61 -5.66
C HIS B 7 -6.01 12.30 -5.92
N ASN B 8 -6.34 11.28 -5.13
CA ASN B 8 -5.70 9.97 -5.28
C ASN B 8 -6.45 8.91 -4.48
N MET B 9 -6.46 7.69 -5.00
CA MET B 9 -7.14 6.58 -4.34
C MET B 9 -6.21 5.39 -4.16
N PHE B 10 -4.93 5.67 -3.95
CA PHE B 10 -3.93 4.62 -3.77
C PHE B 10 -3.85 3.74 -5.02
N SER B 11 -3.29 4.28 -6.09
CA SER B 11 -3.14 3.54 -7.34
C SER B 11 -1.79 2.83 -7.39
N VAL B 12 -0.75 3.57 -7.75
CA VAL B 12 0.60 3.01 -7.81
C VAL B 12 1.66 4.11 -7.92
N PRO B 13 1.67 5.05 -6.96
CA PRO B 13 2.65 6.15 -6.94
C PRO B 13 4.08 5.65 -6.79
N PRO B 14 5.07 6.38 -7.31
CA PRO B 14 6.47 5.97 -7.21
C PRO B 14 6.89 5.82 -5.76
N PRO B 15 7.68 4.77 -5.44
CA PRO B 15 8.10 4.51 -4.06
C PRO B 15 9.10 5.53 -3.52
N PRO B 16 8.90 5.95 -2.25
CA PRO B 16 9.79 6.91 -1.58
C PRO B 16 11.11 6.28 -1.11
N ILE B 17 11.00 5.27 -0.25
CA ILE B 17 12.19 4.60 0.30
C ILE B 17 12.69 3.47 -0.60
N LEU B 18 13.61 2.66 -0.08
CA LEU B 18 14.17 1.54 -0.83
C LEU B 18 15.21 0.81 0.00
N GLY B 19 14.99 0.79 1.31
CA GLY B 19 15.90 0.12 2.22
C GLY B 19 17.35 0.47 1.96
N ARG B 20 18.04 -0.42 1.25
CA ARG B 20 19.45 -0.20 0.92
C ARG B 20 20.29 -0.08 2.19
N GLY B 21 21.60 -0.30 2.05
CA GLY B 21 22.48 -0.20 3.20
C GLY B 21 22.56 1.19 3.77
N GLY A 1 -3.31 -10.46 -8.49
CA GLY A 1 -2.08 -10.71 -9.29
C GLY A 1 -0.98 -9.71 -8.98
N ALA A 2 -0.93 -9.24 -7.73
CA ALA A 2 0.08 -8.28 -7.32
C ALA A 2 0.55 -8.56 -5.90
N ASP A 3 -0.34 -8.33 -4.93
CA ASP A 3 -0.02 -8.56 -3.53
C ASP A 3 1.17 -7.72 -3.10
N TYR A 4 1.25 -6.51 -3.64
CA TYR A 4 2.33 -5.59 -3.31
C TYR A 4 2.16 -4.97 -1.93
N SER A 5 1.01 -5.20 -1.31
CA SER A 5 0.71 -4.66 0.00
C SER A 5 1.90 -4.78 0.96
N ALA A 6 2.72 -5.79 0.77
CA ALA A 6 3.88 -5.97 1.62
C ALA A 6 4.90 -4.88 1.38
N GLN A 7 5.49 -4.91 0.19
CA GLN A 7 6.49 -3.91 -0.15
C GLN A 7 5.86 -2.54 -0.29
N TRP A 8 4.53 -2.49 -0.45
CA TRP A 8 3.84 -1.23 -0.57
C TRP A 8 3.54 -0.67 0.80
N ALA A 9 3.19 -1.55 1.73
CA ALA A 9 2.90 -1.12 3.08
C ALA A 9 4.21 -0.70 3.76
N GLU A 10 5.30 -1.36 3.37
CA GLU A 10 6.61 -1.05 3.92
C GLU A 10 6.92 0.43 3.73
N TYR A 11 6.37 0.99 2.67
CA TYR A 11 6.57 2.40 2.37
C TYR A 11 5.78 3.27 3.33
N TYR A 12 4.50 3.01 3.41
CA TYR A 12 3.60 3.76 4.27
C TYR A 12 3.93 3.56 5.74
N ARG A 13 4.55 2.44 6.07
CA ARG A 13 4.93 2.21 7.46
C ARG A 13 6.33 2.74 7.72
N SER A 14 6.70 3.76 6.94
CA SER A 14 8.00 4.39 7.07
C SER A 14 8.17 5.55 6.08
N VAL A 15 7.04 6.06 5.59
CA VAL A 15 7.04 7.18 4.66
C VAL A 15 6.11 8.29 5.16
N GLY A 16 5.56 8.10 6.35
CA GLY A 16 4.66 9.09 6.93
C GLY A 16 3.21 8.65 6.95
N LYS A 17 2.95 7.40 7.33
CA LYS A 17 1.57 6.90 7.38
C LYS A 17 1.50 5.41 7.75
N ILE A 18 2.14 5.03 8.86
CA ILE A 18 2.11 3.63 9.31
C ILE A 18 0.69 3.19 9.50
N GLU A 19 -0.06 4.00 10.21
CA GLU A 19 -1.46 3.74 10.48
C GLU A 19 -2.20 3.41 9.19
N GLU A 20 -1.80 4.10 8.12
CA GLU A 20 -2.39 3.86 6.82
C GLU A 20 -1.72 2.66 6.18
N ALA A 21 -0.46 2.40 6.55
CA ALA A 21 0.24 1.25 6.03
C ALA A 21 -0.48 -0.02 6.48
N GLU A 22 -1.09 0.04 7.66
CA GLU A 22 -1.85 -1.09 8.16
C GLU A 22 -2.99 -1.39 7.20
N ALA A 23 -3.39 -0.37 6.45
CA ALA A 23 -4.46 -0.50 5.46
C ALA A 23 -3.97 -1.30 4.27
N ILE A 24 -2.76 -0.97 3.80
CA ILE A 24 -2.16 -1.68 2.69
C ILE A 24 -2.03 -3.16 3.02
N GLU A 25 -1.64 -3.44 4.26
CA GLU A 25 -1.50 -4.81 4.71
C GLU A 25 -2.76 -5.60 4.36
N LYS A 26 -3.88 -4.90 4.27
CA LYS A 26 -5.15 -5.52 3.92
C LYS A 26 -5.15 -5.92 2.45
N THR A 27 -4.53 -5.09 1.61
CA THR A 27 -4.45 -5.39 0.18
C THR A 27 -3.72 -6.71 -0.03
N LEU A 28 -2.84 -7.05 0.91
CA LEU A 28 -2.10 -8.30 0.85
C LEU A 28 -3.07 -9.47 0.66
N LYS A 29 -4.25 -9.35 1.25
CA LYS A 29 -5.27 -10.37 1.14
C LYS A 29 -5.56 -10.70 -0.32
N ASN A 30 -5.28 -9.73 -1.20
CA ASN A 30 -5.51 -9.91 -2.63
C ASN A 30 -4.81 -11.17 -3.14
N LYS A 31 -5.57 -12.26 -3.24
CA LYS A 31 -5.02 -13.53 -3.71
C LYS A 31 -6.15 -14.49 -4.11
N GLN A 32 -7.24 -13.93 -4.65
CA GLN A 32 -8.37 -14.74 -5.07
C GLN A 32 -8.85 -14.32 -6.46
N ASN A 33 -7.91 -13.90 -7.30
CA ASN A 33 -8.23 -13.48 -8.65
C ASN A 33 -7.28 -14.12 -9.66
N ARG B 1 0.09 18.07 6.06
CA ARG B 1 -1.20 18.73 5.72
C ARG B 1 -2.35 17.72 5.71
N PRO B 2 -3.60 18.20 5.82
CA PRO B 2 -4.78 17.33 5.84
C PRO B 2 -4.99 16.55 4.53
N PRO B 3 -4.97 17.24 3.37
CA PRO B 3 -5.18 16.58 2.08
C PRO B 3 -4.19 15.45 1.83
N PRO B 4 -2.87 15.72 1.98
CA PRO B 4 -1.84 14.70 1.76
C PRO B 4 -2.19 13.35 2.37
N ALA B 5 -2.78 12.47 1.56
CA ALA B 5 -3.16 11.15 2.02
C ALA B 5 -3.69 10.30 0.87
N HIS B 6 -4.50 10.93 0.01
CA HIS B 6 -5.08 10.23 -1.13
C HIS B 6 -4.21 10.40 -2.37
N HIS B 7 -4.09 11.63 -2.85
CA HIS B 7 -3.28 11.93 -4.03
C HIS B 7 -3.91 11.34 -5.28
N ASN B 8 -3.89 10.02 -5.38
CA ASN B 8 -4.46 9.33 -6.54
C ASN B 8 -5.30 8.13 -6.09
N MET B 9 -5.89 8.23 -4.92
CA MET B 9 -6.71 7.15 -4.38
C MET B 9 -5.90 5.88 -4.22
N PHE B 10 -4.61 6.03 -3.95
CA PHE B 10 -3.72 4.89 -3.77
C PHE B 10 -3.69 4.02 -5.02
N SER B 11 -2.98 4.47 -6.05
CA SER B 11 -2.87 3.74 -7.30
C SER B 11 -1.50 3.07 -7.42
N VAL B 12 -0.51 3.80 -7.89
CA VAL B 12 0.84 3.28 -8.03
C VAL B 12 1.88 4.40 -8.06
N PRO B 13 1.85 5.30 -7.06
CA PRO B 13 2.81 6.41 -6.96
C PRO B 13 4.24 5.89 -6.85
N PRO B 14 5.24 6.66 -7.33
CA PRO B 14 6.64 6.24 -7.27
C PRO B 14 7.05 5.96 -5.83
N PRO B 15 7.82 4.88 -5.60
CA PRO B 15 8.25 4.50 -4.24
C PRO B 15 9.26 5.46 -3.61
N PRO B 16 9.07 5.77 -2.32
CA PRO B 16 9.97 6.65 -1.57
C PRO B 16 11.28 5.96 -1.16
N ILE B 17 11.16 4.82 -0.48
CA ILE B 17 12.35 4.08 -0.03
C ILE B 17 12.64 2.87 -0.91
N LEU B 18 13.45 1.94 -0.40
CA LEU B 18 13.81 0.74 -1.14
C LEU B 18 14.69 -0.17 -0.29
N GLY B 19 14.38 -0.24 1.00
CA GLY B 19 15.14 -1.09 1.90
C GLY B 19 14.75 -2.54 1.80
N ARG B 20 14.91 -3.12 0.62
CA ARG B 20 14.55 -4.52 0.40
C ARG B 20 15.41 -5.14 -0.70
N GLY B 21 16.54 -5.72 -0.33
CA GLY B 21 17.42 -6.33 -1.30
C GLY B 21 18.49 -7.18 -0.65
N GLY A 1 -3.35 -11.92 -7.88
CA GLY A 1 -3.56 -10.45 -7.99
C GLY A 1 -2.27 -9.66 -7.81
N ALA A 2 -2.40 -8.41 -7.39
CA ALA A 2 -1.24 -7.56 -7.18
C ALA A 2 -0.80 -7.56 -5.72
N ASP A 3 -0.06 -8.60 -5.33
CA ASP A 3 0.42 -8.73 -3.97
C ASP A 3 1.62 -7.82 -3.73
N TYR A 4 1.34 -6.52 -3.60
CA TYR A 4 2.39 -5.53 -3.37
C TYR A 4 2.21 -4.84 -2.01
N SER A 5 1.06 -5.05 -1.39
CA SER A 5 0.77 -4.44 -0.10
C SER A 5 1.93 -4.62 0.88
N ALA A 6 2.69 -5.69 0.71
CA ALA A 6 3.83 -5.94 1.59
C ALA A 6 4.89 -4.87 1.40
N GLN A 7 5.51 -4.87 0.24
CA GLN A 7 6.54 -3.90 -0.04
C GLN A 7 5.95 -2.50 -0.15
N TRP A 8 4.64 -2.43 -0.35
CA TRP A 8 3.98 -1.14 -0.45
C TRP A 8 3.68 -0.60 0.94
N ALA A 9 3.35 -1.51 1.86
CA ALA A 9 3.09 -1.09 3.22
C ALA A 9 4.39 -0.68 3.88
N GLU A 10 5.48 -1.39 3.54
CA GLU A 10 6.79 -1.09 4.07
C GLU A 10 7.11 0.39 3.87
N TYR A 11 6.55 0.95 2.80
CA TYR A 11 6.76 2.34 2.46
C TYR A 11 6.00 3.21 3.43
N TYR A 12 4.69 3.03 3.47
CA TYR A 12 3.85 3.78 4.37
C TYR A 12 4.24 3.48 5.81
N ARG A 13 5.01 2.41 6.00
CA ARG A 13 5.47 2.05 7.32
C ARG A 13 6.54 3.00 7.81
N SER A 14 7.11 3.77 6.90
CA SER A 14 8.14 4.72 7.25
C SER A 14 8.21 5.87 6.25
N VAL A 15 7.12 6.09 5.53
CA VAL A 15 7.06 7.18 4.58
C VAL A 15 6.18 8.30 5.16
N GLY A 16 5.39 7.95 6.18
CA GLY A 16 4.55 8.96 6.81
C GLY A 16 3.08 8.59 6.81
N LYS A 17 2.77 7.35 7.18
CA LYS A 17 1.39 6.89 7.22
C LYS A 17 1.31 5.42 7.63
N ILE A 18 2.08 5.05 8.65
CA ILE A 18 2.09 3.68 9.15
C ILE A 18 0.67 3.21 9.42
N GLU A 19 -0.05 3.98 10.21
CA GLU A 19 -1.42 3.67 10.55
C GLU A 19 -2.21 3.31 9.30
N GLU A 20 -2.12 4.15 8.29
CA GLU A 20 -2.80 3.88 7.03
C GLU A 20 -2.10 2.74 6.31
N ALA A 21 -0.81 2.55 6.60
CA ALA A 21 -0.07 1.48 6.01
C ALA A 21 -0.71 0.16 6.40
N GLU A 22 -1.20 0.10 7.64
CA GLU A 22 -1.88 -1.09 8.12
C GLU A 22 -3.02 -1.43 7.17
N ALA A 23 -3.51 -0.40 6.48
CA ALA A 23 -4.58 -0.56 5.51
C ALA A 23 -4.06 -1.30 4.29
N ILE A 24 -2.83 -0.99 3.91
CA ILE A 24 -2.19 -1.64 2.77
C ILE A 24 -2.06 -3.13 3.04
N GLU A 25 -1.63 -3.47 4.24
CA GLU A 25 -1.49 -4.87 4.62
C GLU A 25 -2.75 -5.64 4.26
N LYS A 26 -3.88 -4.94 4.23
CA LYS A 26 -5.15 -5.57 3.86
C LYS A 26 -5.19 -5.90 2.37
N THR A 27 -4.47 -5.11 1.56
CA THR A 27 -4.42 -5.35 0.13
C THR A 27 -3.78 -6.70 -0.15
N LEU A 28 -2.85 -7.09 0.72
CA LEU A 28 -2.16 -8.37 0.58
C LEU A 28 -3.17 -9.49 0.40
N LYS A 29 -4.32 -9.36 1.05
CA LYS A 29 -5.37 -10.35 0.95
C LYS A 29 -5.77 -10.57 -0.51
N ASN A 30 -5.49 -9.57 -1.35
CA ASN A 30 -5.80 -9.65 -2.78
C ASN A 30 -5.27 -10.94 -3.39
N LYS A 31 -6.18 -11.75 -3.92
CA LYS A 31 -5.81 -13.02 -4.54
C LYS A 31 -6.97 -13.59 -5.36
N GLN A 32 -7.77 -12.70 -5.94
CA GLN A 32 -8.91 -13.11 -6.75
C GLN A 32 -8.68 -12.81 -8.22
N ASN A 33 -7.42 -12.87 -8.65
CA ASN A 33 -7.06 -12.60 -10.04
C ASN A 33 -6.67 -13.88 -10.76
N ARG B 1 -23.60 -5.77 -4.70
CA ARG B 1 -24.07 -5.92 -3.29
C ARG B 1 -22.94 -6.35 -2.35
N PRO B 2 -22.27 -7.49 -2.65
CA PRO B 2 -21.18 -8.00 -1.81
C PRO B 2 -20.03 -7.00 -1.66
N PRO B 3 -19.55 -6.44 -2.80
CA PRO B 3 -18.45 -5.47 -2.77
C PRO B 3 -18.64 -4.39 -1.72
N PRO B 4 -17.91 -4.48 -0.60
CA PRO B 4 -18.00 -3.49 0.49
C PRO B 4 -17.43 -2.13 0.09
N ALA B 5 -17.86 -1.09 0.80
CA ALA B 5 -17.39 0.26 0.52
C ALA B 5 -15.89 0.38 0.78
N HIS B 6 -15.24 1.28 0.05
CA HIS B 6 -13.81 1.50 0.20
C HIS B 6 -13.49 2.98 0.31
N HIS B 7 -12.20 3.29 0.45
CA HIS B 7 -11.76 4.68 0.56
C HIS B 7 -10.38 4.86 -0.04
N ASN B 8 -10.01 6.12 -0.31
CA ASN B 8 -8.70 6.43 -0.88
C ASN B 8 -8.55 5.76 -2.24
N MET B 9 -7.63 6.29 -3.05
CA MET B 9 -7.38 5.76 -4.38
C MET B 9 -6.13 4.88 -4.38
N PHE B 10 -5.14 5.27 -3.57
CA PHE B 10 -3.90 4.51 -3.48
C PHE B 10 -3.08 4.66 -4.76
N SER B 11 -3.61 4.13 -5.86
CA SER B 11 -2.92 4.19 -7.15
C SER B 11 -1.56 3.50 -7.07
N VAL B 12 -0.64 3.86 -7.96
CA VAL B 12 0.69 3.27 -7.97
C VAL B 12 1.78 4.33 -8.05
N PRO B 13 1.84 5.26 -7.07
CA PRO B 13 2.85 6.32 -7.03
C PRO B 13 4.26 5.75 -6.97
N PRO B 14 5.27 6.48 -7.48
CA PRO B 14 6.65 6.02 -7.45
C PRO B 14 7.09 5.73 -6.02
N PRO B 15 7.85 4.64 -5.80
CA PRO B 15 8.28 4.25 -4.45
C PRO B 15 9.26 5.22 -3.80
N PRO B 16 9.05 5.53 -2.51
CA PRO B 16 9.91 6.42 -1.74
C PRO B 16 11.23 5.77 -1.30
N ILE B 17 11.16 4.92 -0.27
CA ILE B 17 12.37 4.27 0.26
C ILE B 17 12.77 3.05 -0.58
N LEU B 18 13.59 2.17 0.01
CA LEU B 18 14.06 0.99 -0.69
C LEU B 18 14.92 0.12 0.23
N GLY B 19 14.54 0.07 1.50
CA GLY B 19 15.29 -0.71 2.46
C GLY B 19 14.55 -1.95 2.91
N ARG B 20 15.25 -3.09 2.93
CA ARG B 20 14.63 -4.35 3.33
C ARG B 20 15.67 -5.46 3.33
N GLY B 21 16.26 -5.71 4.50
CA GLY B 21 17.26 -6.76 4.62
C GLY B 21 16.70 -8.03 5.24
N GLY A 1 -3.89 -9.74 -9.66
CA GLY A 1 -2.53 -10.08 -10.17
C GLY A 1 -1.52 -8.99 -9.91
N ALA A 2 -1.33 -8.65 -8.63
CA ALA A 2 -0.38 -7.62 -8.24
C ALA A 2 0.42 -8.04 -7.01
N ASP A 3 -0.26 -8.10 -5.87
CA ASP A 3 0.38 -8.47 -4.62
C ASP A 3 1.60 -7.60 -4.35
N TYR A 4 1.35 -6.44 -3.76
CA TYR A 4 2.41 -5.49 -3.44
C TYR A 4 2.22 -4.85 -2.07
N SER A 5 1.10 -5.14 -1.42
CA SER A 5 0.80 -4.58 -0.10
C SER A 5 2.01 -4.65 0.84
N ALA A 6 2.84 -5.66 0.66
CA ALA A 6 4.02 -5.79 1.50
C ALA A 6 4.99 -4.65 1.27
N GLN A 7 5.53 -4.61 0.08
CA GLN A 7 6.48 -3.56 -0.28
C GLN A 7 5.78 -2.22 -0.34
N TRP A 8 4.46 -2.24 -0.54
CA TRP A 8 3.69 -1.01 -0.64
C TRP A 8 3.31 -0.49 0.73
N ALA A 9 3.14 -1.39 1.71
CA ALA A 9 2.81 -0.97 3.05
C ALA A 9 4.08 -0.53 3.75
N GLU A 10 5.19 -1.11 3.29
CA GLU A 10 6.50 -0.78 3.82
C GLU A 10 6.75 0.70 3.72
N TYR A 11 6.23 1.30 2.66
CA TYR A 11 6.39 2.72 2.45
C TYR A 11 5.57 3.49 3.48
N TYR A 12 4.28 3.28 3.43
CA TYR A 12 3.39 3.94 4.37
C TYR A 12 3.77 3.60 5.81
N ARG A 13 4.50 2.50 5.99
CA ARG A 13 4.93 2.11 7.32
C ARG A 13 6.21 2.86 7.71
N SER A 14 6.70 3.69 6.80
CA SER A 14 7.91 4.46 7.05
C SER A 14 8.04 5.61 6.07
N VAL A 15 6.91 6.07 5.56
CA VAL A 15 6.88 7.19 4.63
C VAL A 15 6.03 8.33 5.20
N GLY A 16 5.33 8.05 6.31
CA GLY A 16 4.52 9.06 6.95
C GLY A 16 3.06 8.67 7.11
N LYS A 17 2.81 7.43 7.52
CA LYS A 17 1.44 6.95 7.72
C LYS A 17 1.39 5.45 8.00
N ILE A 18 2.12 5.01 9.03
CA ILE A 18 2.13 3.59 9.40
C ILE A 18 0.72 3.10 9.63
N GLU A 19 -0.02 3.86 10.44
CA GLU A 19 -1.38 3.53 10.75
C GLU A 19 -2.17 3.25 9.47
N GLU A 20 -1.96 4.08 8.48
CA GLU A 20 -2.61 3.89 7.19
C GLU A 20 -1.90 2.77 6.43
N ALA A 21 -0.62 2.56 6.75
CA ALA A 21 0.12 1.48 6.11
C ALA A 21 -0.54 0.16 6.44
N GLU A 22 -1.10 0.08 7.65
CA GLU A 22 -1.80 -1.13 8.06
C GLU A 22 -2.91 -1.42 7.06
N ALA A 23 -3.36 -0.37 6.37
CA ALA A 23 -4.40 -0.48 5.37
C ALA A 23 -3.89 -1.28 4.17
N ILE A 24 -2.64 -1.02 3.78
CA ILE A 24 -2.03 -1.73 2.67
C ILE A 24 -1.93 -3.20 3.01
N GLU A 25 -1.58 -3.48 4.26
CA GLU A 25 -1.47 -4.86 4.71
C GLU A 25 -2.73 -5.64 4.35
N LYS A 26 -3.85 -4.92 4.22
CA LYS A 26 -5.12 -5.53 3.86
C LYS A 26 -5.13 -5.89 2.37
N THR A 27 -4.38 -5.12 1.57
CA THR A 27 -4.30 -5.38 0.14
C THR A 27 -3.57 -6.69 -0.11
N LEU A 28 -2.71 -7.07 0.84
CA LEU A 28 -1.96 -8.32 0.73
C LEU A 28 -2.92 -9.48 0.57
N LYS A 29 -4.09 -9.37 1.18
CA LYS A 29 -5.11 -10.41 1.09
C LYS A 29 -5.44 -10.70 -0.37
N ASN A 30 -5.18 -9.72 -1.25
CA ASN A 30 -5.45 -9.87 -2.67
C ASN A 30 -4.80 -11.12 -3.23
N LYS A 31 -5.56 -12.22 -3.25
CA LYS A 31 -5.06 -13.48 -3.75
C LYS A 31 -6.19 -14.49 -3.94
N GLN A 32 -7.34 -13.99 -4.36
CA GLN A 32 -8.51 -14.84 -4.58
C GLN A 32 -9.37 -14.30 -5.72
N ASN A 33 -8.72 -13.72 -6.72
CA ASN A 33 -9.43 -13.17 -7.87
C ASN A 33 -10.39 -12.08 -7.44
N ARG B 1 -15.05 3.77 -12.74
CA ARG B 1 -14.26 4.96 -12.34
C ARG B 1 -13.96 4.95 -10.84
N PRO B 2 -12.83 5.56 -10.43
CA PRO B 2 -12.42 5.62 -9.03
C PRO B 2 -13.33 6.54 -8.21
N PRO B 3 -13.33 6.38 -6.87
CA PRO B 3 -14.15 7.20 -5.98
C PRO B 3 -13.95 8.69 -6.22
N PRO B 4 -14.96 9.51 -5.86
CA PRO B 4 -14.91 10.96 -6.04
C PRO B 4 -13.91 11.62 -5.10
N ALA B 5 -13.93 11.20 -3.84
CA ALA B 5 -13.02 11.75 -2.83
C ALA B 5 -12.85 10.78 -1.66
N HIS B 6 -11.87 9.89 -1.78
CA HIS B 6 -11.60 8.91 -0.75
C HIS B 6 -10.36 9.28 0.05
N HIS B 7 -10.14 10.59 0.22
CA HIS B 7 -8.99 11.09 0.96
C HIS B 7 -7.69 10.73 0.25
N ASN B 8 -7.25 9.48 0.42
CA ASN B 8 -6.03 8.99 -0.19
C ASN B 8 -6.28 8.53 -1.62
N MET B 9 -5.21 8.22 -2.34
CA MET B 9 -5.31 7.76 -3.72
C MET B 9 -5.06 6.26 -3.81
N PHE B 10 -4.01 5.81 -3.15
CA PHE B 10 -3.66 4.38 -3.17
C PHE B 10 -3.38 3.89 -4.59
N SER B 11 -2.97 4.80 -5.45
CA SER B 11 -2.66 4.47 -6.83
C SER B 11 -1.31 3.74 -6.93
N VAL B 12 -0.63 3.89 -8.06
CA VAL B 12 0.67 3.24 -8.25
C VAL B 12 1.81 4.25 -8.39
N PRO B 13 1.97 5.13 -7.39
CA PRO B 13 3.03 6.16 -7.39
C PRO B 13 4.41 5.53 -7.19
N PRO B 14 5.47 6.17 -7.72
CA PRO B 14 6.82 5.63 -7.58
C PRO B 14 7.20 5.46 -6.11
N PRO B 15 7.87 4.35 -5.76
CA PRO B 15 8.22 4.07 -4.37
C PRO B 15 9.30 4.98 -3.79
N PRO B 16 9.10 5.43 -2.53
CA PRO B 16 10.06 6.29 -1.82
C PRO B 16 11.27 5.52 -1.29
N ILE B 17 11.02 4.49 -0.48
CA ILE B 17 12.11 3.69 0.11
C ILE B 17 12.43 2.45 -0.71
N LEU B 18 13.23 1.55 -0.14
CA LEU B 18 13.61 0.32 -0.82
C LEU B 18 14.53 -0.52 0.06
N GLY B 19 14.24 -0.54 1.37
CA GLY B 19 15.04 -1.29 2.30
C GLY B 19 14.48 -2.67 2.55
N ARG B 20 15.06 -3.38 3.52
CA ARG B 20 14.61 -4.73 3.86
C ARG B 20 13.47 -4.68 4.88
N GLY B 21 13.01 -5.85 5.30
CA GLY B 21 11.94 -5.92 6.27
C GLY B 21 10.59 -5.51 5.68
N GLY A 1 -4.32 -10.28 -9.14
CA GLY A 1 -2.99 -10.82 -8.76
C GLY A 1 -1.92 -9.74 -8.69
N ALA A 2 -1.65 -9.25 -7.49
CA ALA A 2 -0.64 -8.22 -7.29
C ALA A 2 0.30 -8.58 -6.14
N ASP A 3 -0.25 -8.58 -4.93
CA ASP A 3 0.54 -8.90 -3.74
C ASP A 3 1.74 -7.96 -3.62
N TYR A 4 1.46 -6.71 -3.26
CA TYR A 4 2.50 -5.71 -3.10
C TYR A 4 2.37 -4.95 -1.79
N SER A 5 1.22 -5.10 -1.12
CA SER A 5 0.98 -4.42 0.15
C SER A 5 2.16 -4.56 1.10
N ALA A 6 2.91 -5.64 0.96
CA ALA A 6 4.06 -5.85 1.83
C ALA A 6 5.10 -4.78 1.62
N GLN A 7 5.68 -4.77 0.44
CA GLN A 7 6.70 -3.78 0.12
C GLN A 7 6.07 -2.40 -0.03
N TRP A 8 4.75 -2.36 -0.20
CA TRP A 8 4.05 -1.10 -0.33
C TRP A 8 3.71 -0.53 1.03
N ALA A 9 3.40 -1.41 1.98
CA ALA A 9 3.10 -0.96 3.32
C ALA A 9 4.39 -0.56 4.01
N GLU A 10 5.49 -1.22 3.64
CA GLU A 10 6.80 -0.91 4.20
C GLU A 10 7.09 0.57 4.02
N TYR A 11 6.55 1.12 2.95
CA TYR A 11 6.73 2.52 2.64
C TYR A 11 5.96 3.37 3.64
N TYR A 12 4.65 3.22 3.62
CA TYR A 12 3.78 3.94 4.53
C TYR A 12 4.14 3.64 5.98
N ARG A 13 4.86 2.53 6.19
CA ARG A 13 5.28 2.17 7.53
C ARG A 13 6.51 2.97 7.93
N SER A 14 6.98 3.82 7.02
CA SER A 14 8.16 4.64 7.28
C SER A 14 8.24 5.81 6.31
N VAL A 15 7.09 6.18 5.75
CA VAL A 15 7.02 7.31 4.83
C VAL A 15 6.16 8.42 5.42
N GLY A 16 5.46 8.10 6.52
CA GLY A 16 4.62 9.08 7.17
C GLY A 16 3.17 8.64 7.28
N LYS A 17 2.94 7.36 7.58
CA LYS A 17 1.58 6.86 7.71
C LYS A 17 1.56 5.35 8.02
N ILE A 18 2.27 4.95 9.07
CA ILE A 18 2.31 3.54 9.46
C ILE A 18 0.90 3.02 9.67
N GLU A 19 0.14 3.75 10.47
CA GLU A 19 -1.24 3.40 10.77
C GLU A 19 -2.01 3.19 9.47
N GLU A 20 -1.66 3.97 8.46
CA GLU A 20 -2.28 3.84 7.15
C GLU A 20 -1.64 2.68 6.40
N ALA A 21 -0.37 2.40 6.72
CA ALA A 21 0.32 1.29 6.09
C ALA A 21 -0.40 0.00 6.42
N GLU A 22 -0.96 -0.07 7.62
CA GLU A 22 -1.72 -1.25 8.01
C GLU A 22 -2.89 -1.43 7.05
N ALA A 23 -3.27 -0.32 6.40
CA ALA A 23 -4.35 -0.34 5.42
C ALA A 23 -3.86 -1.00 4.14
N ILE A 24 -2.58 -0.80 3.83
CA ILE A 24 -1.97 -1.38 2.65
C ILE A 24 -2.09 -2.90 2.70
N GLU A 25 -1.62 -3.47 3.79
CA GLU A 25 -1.65 -4.92 3.98
C GLU A 25 -3.01 -5.49 3.59
N LYS A 26 -4.06 -4.69 3.74
CA LYS A 26 -5.40 -5.12 3.37
C LYS A 26 -5.47 -5.47 1.89
N THR A 27 -4.70 -4.74 1.07
CA THR A 27 -4.68 -5.00 -0.36
C THR A 27 -4.04 -6.35 -0.63
N LEU A 28 -3.11 -6.74 0.24
CA LEU A 28 -2.43 -8.02 0.13
C LEU A 28 -3.45 -9.15 -0.01
N LYS A 29 -4.57 -8.99 0.68
CA LYS A 29 -5.64 -9.96 0.65
C LYS A 29 -6.10 -10.19 -0.79
N ASN A 30 -5.81 -9.23 -1.67
CA ASN A 30 -6.20 -9.32 -3.08
C ASN A 30 -5.83 -10.68 -3.66
N LYS A 31 -6.85 -11.46 -4.01
CA LYS A 31 -6.63 -12.79 -4.58
C LYS A 31 -7.80 -13.19 -5.48
N GLN A 32 -8.41 -12.21 -6.13
CA GLN A 32 -9.54 -12.45 -7.02
C GLN A 32 -9.09 -12.44 -8.48
N ASN A 33 -7.88 -12.93 -8.72
CA ASN A 33 -7.34 -12.98 -10.08
C ASN A 33 -8.22 -13.83 -10.99
N ARG B 1 4.24 26.16 -6.77
CA ARG B 1 4.75 24.98 -6.03
C ARG B 1 3.80 23.78 -6.19
N PRO B 2 2.51 23.97 -5.87
CA PRO B 2 1.51 22.90 -5.96
C PRO B 2 1.55 22.19 -7.32
N PRO B 3 2.10 20.96 -7.35
CA PRO B 3 2.20 20.18 -8.60
C PRO B 3 0.82 19.70 -9.09
N PRO B 4 0.74 19.32 -10.37
CA PRO B 4 -0.52 18.84 -10.97
C PRO B 4 -0.93 17.48 -10.43
N ALA B 5 -2.12 17.40 -9.86
CA ALA B 5 -2.63 16.14 -9.31
C ALA B 5 -4.06 15.88 -9.77
N HIS B 6 -4.24 14.86 -10.58
CA HIS B 6 -5.56 14.49 -11.10
C HIS B 6 -6.09 13.24 -10.41
N HIS B 7 -5.47 12.11 -10.72
CA HIS B 7 -5.88 10.83 -10.13
C HIS B 7 -4.67 10.07 -9.60
N ASN B 8 -4.55 9.99 -8.28
CA ASN B 8 -3.44 9.29 -7.65
C ASN B 8 -3.60 9.28 -6.14
N MET B 9 -4.02 8.15 -5.59
CA MET B 9 -4.22 8.02 -4.15
C MET B 9 -3.62 6.70 -3.64
N PHE B 10 -4.16 5.59 -4.14
CA PHE B 10 -3.67 4.27 -3.74
C PHE B 10 -3.59 3.34 -4.93
N SER B 11 -3.32 3.91 -6.11
CA SER B 11 -3.21 3.13 -7.33
C SER B 11 -1.85 2.44 -7.42
N VAL B 12 -0.83 3.18 -7.84
CA VAL B 12 0.52 2.64 -7.95
C VAL B 12 1.56 3.77 -8.08
N PRO B 13 1.54 4.73 -7.15
CA PRO B 13 2.47 5.86 -7.14
C PRO B 13 3.92 5.39 -7.02
N PRO B 14 4.88 6.17 -7.55
CA PRO B 14 6.30 5.79 -7.50
C PRO B 14 6.75 5.59 -6.06
N PRO B 15 7.57 4.56 -5.80
CA PRO B 15 8.02 4.25 -4.43
C PRO B 15 8.99 5.27 -3.85
N PRO B 16 8.81 5.64 -2.56
CA PRO B 16 9.66 6.59 -1.85
C PRO B 16 11.00 5.99 -1.43
N ILE B 17 10.98 5.09 -0.43
CA ILE B 17 12.21 4.48 0.09
C ILE B 17 12.63 3.27 -0.74
N LEU B 18 13.54 2.46 -0.19
CA LEU B 18 14.02 1.27 -0.87
C LEU B 18 14.99 0.50 0.01
N GLY B 19 14.71 0.48 1.31
CA GLY B 19 15.56 -0.22 2.25
C GLY B 19 14.86 -1.38 2.93
N ARG B 20 14.70 -1.29 4.24
CA ARG B 20 14.04 -2.33 5.01
C ARG B 20 13.33 -1.74 6.23
N GLY B 21 12.75 -2.61 7.04
CA GLY B 21 12.05 -2.17 8.24
C GLY B 21 12.95 -1.40 9.18
N GLY A 1 -3.35 -11.90 -6.52
CA GLY A 1 -2.58 -11.13 -7.54
C GLY A 1 -1.83 -9.97 -6.92
N ALA A 2 -0.68 -9.64 -7.51
CA ALA A 2 0.15 -8.54 -7.02
C ALA A 2 0.69 -8.83 -5.62
N ASP A 3 -0.16 -8.66 -4.62
CA ASP A 3 0.23 -8.90 -3.23
C ASP A 3 1.43 -8.05 -2.85
N TYR A 4 1.49 -6.84 -3.40
CA TYR A 4 2.59 -5.92 -3.11
C TYR A 4 2.39 -5.22 -1.78
N SER A 5 1.21 -5.39 -1.19
CA SER A 5 0.89 -4.76 0.10
C SER A 5 2.04 -4.86 1.08
N ALA A 6 2.82 -5.91 0.98
CA ALA A 6 3.96 -6.09 1.88
C ALA A 6 5.00 -5.01 1.66
N GLN A 7 5.62 -5.05 0.49
CA GLN A 7 6.64 -4.08 0.16
C GLN A 7 6.02 -2.73 -0.15
N TRP A 8 4.68 -2.66 -0.21
CA TRP A 8 4.00 -1.42 -0.45
C TRP A 8 3.58 -0.79 0.86
N ALA A 9 3.27 -1.64 1.84
CA ALA A 9 2.90 -1.14 3.14
C ALA A 9 4.16 -0.75 3.90
N GLU A 10 5.25 -1.47 3.65
CA GLU A 10 6.53 -1.17 4.29
C GLU A 10 6.87 0.28 4.04
N TYR A 11 6.46 0.77 2.87
CA TYR A 11 6.69 2.16 2.50
C TYR A 11 5.93 3.07 3.44
N TYR A 12 4.62 2.99 3.37
CA TYR A 12 3.75 3.79 4.21
C TYR A 12 4.05 3.55 5.69
N ARG A 13 4.69 2.41 5.98
CA ARG A 13 5.06 2.09 7.34
C ARG A 13 6.32 2.84 7.76
N SER A 14 6.87 3.64 6.85
CA SER A 14 8.08 4.39 7.14
C SER A 14 8.29 5.55 6.17
N VAL A 15 7.23 5.95 5.47
CA VAL A 15 7.31 7.07 4.54
C VAL A 15 6.43 8.22 5.03
N GLY A 16 5.63 7.95 6.07
CA GLY A 16 4.76 8.99 6.61
C GLY A 16 3.30 8.61 6.62
N LYS A 17 2.99 7.38 7.00
CA LYS A 17 1.60 6.93 7.05
C LYS A 17 1.49 5.46 7.48
N ILE A 18 2.18 5.10 8.56
CA ILE A 18 2.15 3.74 9.07
C ILE A 18 0.70 3.29 9.25
N GLU A 19 -0.05 4.11 9.96
CA GLU A 19 -1.45 3.83 10.23
C GLU A 19 -2.17 3.52 8.92
N GLU A 20 -1.78 4.23 7.87
CA GLU A 20 -2.36 4.00 6.56
C GLU A 20 -1.71 2.78 5.92
N ALA A 21 -0.48 2.49 6.32
CA ALA A 21 0.22 1.33 5.80
C ALA A 21 -0.55 0.08 6.19
N GLU A 22 -1.16 0.11 7.37
CA GLU A 22 -1.96 -1.02 7.83
C GLU A 22 -3.09 -1.26 6.83
N ALA A 23 -3.42 -0.20 6.07
CA ALA A 23 -4.45 -0.28 5.06
C ALA A 23 -3.94 -1.05 3.85
N ILE A 24 -2.65 -0.93 3.58
CA ILE A 24 -2.04 -1.63 2.46
C ILE A 24 -2.08 -3.13 2.72
N GLU A 25 -1.73 -3.51 3.94
CA GLU A 25 -1.74 -4.91 4.33
C GLU A 25 -3.06 -5.56 3.93
N LYS A 26 -4.12 -4.76 3.85
CA LYS A 26 -5.42 -5.27 3.46
C LYS A 26 -5.38 -5.77 2.02
N THR A 27 -4.63 -5.08 1.17
CA THR A 27 -4.49 -5.49 -0.22
C THR A 27 -3.67 -6.77 -0.29
N LEU A 28 -2.87 -7.02 0.76
CA LEU A 28 -2.05 -8.21 0.82
C LEU A 28 -2.95 -9.44 0.76
N LYS A 29 -4.16 -9.31 1.30
CA LYS A 29 -5.12 -10.41 1.28
C LYS A 29 -5.34 -10.90 -0.15
N ASN A 30 -5.07 -10.02 -1.11
CA ASN A 30 -5.23 -10.36 -2.53
C ASN A 30 -4.52 -11.67 -2.86
N LYS A 31 -5.28 -12.77 -2.82
CA LYS A 31 -4.73 -14.08 -3.12
C LYS A 31 -5.38 -14.69 -4.35
N GLN A 32 -5.76 -13.83 -5.30
CA GLN A 32 -6.39 -14.27 -6.53
C GLN A 32 -7.71 -14.99 -6.23
N ASN A 33 -8.41 -14.52 -5.20
CA ASN A 33 -9.68 -15.11 -4.82
C ASN A 33 -10.80 -14.65 -5.74
N ARG B 1 -18.56 5.67 0.81
CA ARG B 1 -18.75 5.37 -0.62
C ARG B 1 -18.94 3.86 -0.84
N PRO B 2 -20.18 3.38 -0.73
CA PRO B 2 -20.49 1.95 -0.92
C PRO B 2 -20.04 1.42 -2.28
N PRO B 3 -20.34 2.15 -3.38
CA PRO B 3 -19.97 1.74 -4.73
C PRO B 3 -18.51 2.07 -5.04
N PRO B 4 -17.91 1.34 -6.01
CA PRO B 4 -16.52 1.55 -6.40
C PRO B 4 -16.32 2.87 -7.14
N ALA B 5 -15.27 3.59 -6.78
CA ALA B 5 -14.98 4.87 -7.41
C ALA B 5 -13.48 5.18 -7.38
N HIS B 6 -12.98 5.53 -6.20
CA HIS B 6 -11.56 5.84 -6.03
C HIS B 6 -11.16 7.01 -6.91
N HIS B 7 -10.07 7.68 -6.53
CA HIS B 7 -9.57 8.82 -7.28
C HIS B 7 -8.13 9.15 -6.90
N ASN B 8 -7.95 9.58 -5.65
CA ASN B 8 -6.62 9.93 -5.15
C ASN B 8 -6.47 9.53 -3.68
N MET B 9 -5.71 8.48 -3.43
CA MET B 9 -5.49 7.99 -2.07
C MET B 9 -4.51 6.83 -2.06
N PHE B 10 -4.80 5.82 -2.87
CA PHE B 10 -3.94 4.64 -2.96
C PHE B 10 -3.12 4.65 -4.25
N SER B 11 -3.77 4.38 -5.37
CA SER B 11 -3.10 4.37 -6.67
C SER B 11 -1.76 3.63 -6.59
N VAL B 12 -0.85 3.91 -7.52
CA VAL B 12 0.46 3.28 -7.52
C VAL B 12 1.59 4.30 -7.71
N PRO B 13 1.66 5.32 -6.83
CA PRO B 13 2.71 6.34 -6.89
C PRO B 13 4.10 5.75 -6.76
N PRO B 14 5.12 6.39 -7.33
CA PRO B 14 6.50 5.90 -7.26
C PRO B 14 6.94 5.76 -5.81
N PRO B 15 7.67 4.69 -5.46
CA PRO B 15 8.11 4.46 -4.09
C PRO B 15 9.14 5.47 -3.58
N PRO B 16 8.98 5.93 -2.32
CA PRO B 16 9.90 6.88 -1.70
C PRO B 16 11.19 6.22 -1.22
N ILE B 17 11.06 5.22 -0.35
CA ILE B 17 12.23 4.53 0.20
C ILE B 17 12.69 3.37 -0.67
N LEU B 18 13.62 2.57 -0.16
CA LEU B 18 14.16 1.43 -0.90
C LEU B 18 15.20 0.69 -0.07
N GLY B 19 14.94 0.58 1.23
CA GLY B 19 15.87 -0.10 2.11
C GLY B 19 15.56 -1.58 2.24
N ARG B 20 15.30 -2.02 3.47
CA ARG B 20 14.99 -3.42 3.72
C ARG B 20 16.15 -4.33 3.30
N GLY B 21 16.98 -4.70 4.26
CA GLY B 21 18.12 -5.56 3.97
C GLY B 21 18.82 -6.05 5.22
N GLY A 1 -2.21 -11.73 -9.04
CA GLY A 1 -2.82 -10.43 -9.48
C GLY A 1 -1.89 -9.25 -9.24
N ALA A 2 -1.69 -8.89 -7.98
CA ALA A 2 -0.82 -7.78 -7.62
C ALA A 2 0.14 -8.17 -6.50
N ASP A 3 -0.38 -8.22 -5.28
CA ASP A 3 0.43 -8.57 -4.12
C ASP A 3 1.61 -7.64 -3.98
N TYR A 4 1.34 -6.41 -3.58
CA TYR A 4 2.38 -5.39 -3.40
C TYR A 4 2.24 -4.68 -2.07
N SER A 5 1.06 -4.75 -1.46
CA SER A 5 0.80 -4.11 -0.18
C SER A 5 1.94 -4.36 0.81
N ALA A 6 2.62 -5.50 0.66
CA ALA A 6 3.72 -5.83 1.55
C ALA A 6 4.83 -4.81 1.41
N GLN A 7 5.46 -4.80 0.25
CA GLN A 7 6.55 -3.88 0.01
C GLN A 7 6.00 -2.46 -0.11
N TRP A 8 4.69 -2.34 -0.32
CA TRP A 8 4.08 -1.03 -0.44
C TRP A 8 3.77 -0.49 0.95
N ALA A 9 3.42 -1.39 1.86
CA ALA A 9 3.15 -0.99 3.23
C ALA A 9 4.45 -0.63 3.91
N GLU A 10 5.51 -1.36 3.58
CA GLU A 10 6.84 -1.08 4.14
C GLU A 10 7.17 0.38 3.96
N TYR A 11 6.65 0.96 2.88
CA TYR A 11 6.87 2.36 2.58
C TYR A 11 6.13 3.22 3.57
N TYR A 12 4.82 3.08 3.57
CA TYR A 12 3.97 3.82 4.48
C TYR A 12 4.32 3.45 5.92
N ARG A 13 5.11 2.39 6.08
CA ARG A 13 5.53 1.95 7.39
C ARG A 13 6.64 2.84 7.92
N SER A 14 7.25 3.62 7.04
CA SER A 14 8.33 4.50 7.45
C SER A 14 8.47 5.72 6.53
N VAL A 15 7.44 6.00 5.75
CA VAL A 15 7.47 7.15 4.87
C VAL A 15 6.56 8.24 5.42
N GLY A 16 5.69 7.87 6.37
CA GLY A 16 4.80 8.85 6.97
C GLY A 16 3.34 8.48 6.87
N LYS A 17 2.99 7.28 7.31
CA LYS A 17 1.60 6.82 7.26
C LYS A 17 1.49 5.36 7.68
N ILE A 18 2.25 4.98 8.70
CA ILE A 18 2.21 3.60 9.22
C ILE A 18 0.78 3.17 9.47
N GLU A 19 0.09 3.95 10.26
CA GLU A 19 -1.30 3.68 10.60
C GLU A 19 -2.10 3.34 9.35
N GLU A 20 -2.03 4.21 8.35
CA GLU A 20 -2.71 3.97 7.10
C GLU A 20 -2.01 2.85 6.36
N ALA A 21 -0.73 2.63 6.66
CA ALA A 21 -0.01 1.55 6.03
C ALA A 21 -0.67 0.22 6.39
N GLU A 22 -1.18 0.15 7.62
CA GLU A 22 -1.89 -1.05 8.06
C GLU A 22 -3.03 -1.33 7.10
N ALA A 23 -3.50 -0.27 6.44
CA ALA A 23 -4.57 -0.39 5.46
C ALA A 23 -4.05 -1.11 4.23
N ILE A 24 -2.82 -0.80 3.85
CA ILE A 24 -2.19 -1.43 2.70
C ILE A 24 -2.09 -2.92 2.91
N GLU A 25 -1.66 -3.31 4.11
CA GLU A 25 -1.54 -4.73 4.44
C GLU A 25 -2.82 -5.47 4.07
N LYS A 26 -3.94 -4.75 4.05
CA LYS A 26 -5.22 -5.36 3.70
C LYS A 26 -5.26 -5.73 2.22
N THR A 27 -4.48 -5.02 1.39
CA THR A 27 -4.44 -5.31 -0.03
C THR A 27 -3.83 -6.68 -0.28
N LEU A 28 -2.99 -7.13 0.65
CA LEU A 28 -2.35 -8.44 0.55
C LEU A 28 -3.43 -9.51 0.39
N LYS A 29 -4.58 -9.29 1.02
CA LYS A 29 -5.69 -10.22 0.93
C LYS A 29 -6.09 -10.44 -0.53
N ASN A 30 -5.73 -9.48 -1.39
CA ASN A 30 -6.06 -9.56 -2.82
C ASN A 30 -5.65 -10.91 -3.39
N LYS A 31 -4.61 -11.50 -2.82
CA LYS A 31 -4.11 -12.80 -3.29
C LYS A 31 -3.83 -13.73 -2.11
N GLN A 32 -4.64 -13.60 -1.06
CA GLN A 32 -4.48 -14.43 0.13
C GLN A 32 -5.46 -15.60 0.12
N ASN A 33 -5.75 -16.10 -1.07
CA ASN A 33 -6.68 -17.22 -1.23
C ASN A 33 -6.27 -18.11 -2.38
N ARG B 1 -14.17 22.86 0.67
CA ARG B 1 -13.11 21.92 1.11
C ARG B 1 -13.69 20.77 1.94
N PRO B 2 -14.26 19.76 1.28
CA PRO B 2 -14.86 18.60 1.96
C PRO B 2 -13.79 17.71 2.61
N PRO B 3 -14.19 16.96 3.66
CA PRO B 3 -13.26 16.06 4.37
C PRO B 3 -12.54 15.11 3.43
N PRO B 4 -11.36 14.61 3.84
CA PRO B 4 -10.56 13.70 3.03
C PRO B 4 -11.37 12.50 2.54
N ALA B 5 -10.72 11.63 1.78
CA ALA B 5 -11.38 10.44 1.24
C ALA B 5 -10.39 9.54 0.52
N HIS B 6 -10.76 8.27 0.35
CA HIS B 6 -9.90 7.30 -0.32
C HIS B 6 -10.73 6.30 -1.11
N HIS B 7 -10.04 5.40 -1.81
CA HIS B 7 -10.72 4.37 -2.61
C HIS B 7 -9.72 3.43 -3.24
N ASN B 8 -9.84 2.13 -2.92
CA ASN B 8 -8.95 1.13 -3.46
C ASN B 8 -7.49 1.40 -3.04
N MET B 9 -7.33 1.91 -1.82
CA MET B 9 -6.00 2.22 -1.30
C MET B 9 -5.34 3.33 -2.12
N PHE B 10 -4.79 2.96 -3.29
CA PHE B 10 -4.13 3.92 -4.16
C PHE B 10 -3.80 3.29 -5.51
N SER B 11 -3.48 4.13 -6.49
CA SER B 11 -3.15 3.65 -7.83
C SER B 11 -1.79 2.94 -7.82
N VAL B 12 -0.71 3.71 -7.95
CA VAL B 12 0.63 3.15 -7.95
C VAL B 12 1.70 4.24 -8.01
N PRO B 13 1.71 5.14 -7.00
CA PRO B 13 2.69 6.23 -6.92
C PRO B 13 4.12 5.71 -6.85
N PRO B 14 5.10 6.50 -7.33
CA PRO B 14 6.50 6.08 -7.31
C PRO B 14 6.96 5.79 -5.89
N PRO B 15 7.76 4.72 -5.69
CA PRO B 15 8.20 4.35 -4.34
C PRO B 15 9.07 5.40 -3.65
N PRO B 16 8.80 5.65 -2.35
CA PRO B 16 9.55 6.61 -1.55
C PRO B 16 10.92 6.11 -1.10
N ILE B 17 10.94 5.11 -0.21
CA ILE B 17 12.19 4.57 0.32
C ILE B 17 12.74 3.41 -0.52
N LEU B 18 13.65 2.64 0.05
CA LEU B 18 14.25 1.51 -0.66
C LEU B 18 15.23 0.77 0.25
N GLY B 19 14.90 0.67 1.52
CA GLY B 19 15.76 -0.01 2.47
C GLY B 19 15.77 -1.51 2.28
N ARG B 20 16.87 -2.15 2.65
CA ARG B 20 17.00 -3.59 2.53
C ARG B 20 18.28 -4.09 3.19
N GLY B 21 18.17 -4.42 4.48
CA GLY B 21 19.33 -4.90 5.22
C GLY B 21 19.91 -6.17 4.62
N GLY A 1 -0.86 -10.60 -12.26
CA GLY A 1 -0.76 -10.50 -10.77
C GLY A 1 0.12 -9.35 -10.33
N ALA A 2 -0.33 -8.62 -9.31
CA ALA A 2 0.42 -7.49 -8.79
C ALA A 2 1.08 -7.84 -7.45
N ASP A 3 0.24 -8.09 -6.45
CA ASP A 3 0.74 -8.43 -5.12
C ASP A 3 1.73 -7.38 -4.64
N TYR A 4 1.21 -6.37 -3.95
CA TYR A 4 2.04 -5.29 -3.43
C TYR A 4 1.40 -4.70 -2.18
N SER A 5 1.29 -5.50 -1.15
CA SER A 5 0.71 -5.05 0.11
C SER A 5 1.67 -5.34 1.26
N ALA A 6 2.86 -5.79 0.91
CA ALA A 6 3.89 -6.07 1.90
C ALA A 6 5.06 -5.15 1.67
N GLN A 7 5.49 -5.09 0.43
CA GLN A 7 6.59 -4.22 0.08
C GLN A 7 6.05 -2.83 -0.25
N TRP A 8 4.73 -2.69 -0.22
CA TRP A 8 4.10 -1.41 -0.49
C TRP A 8 3.73 -0.77 0.83
N ALA A 9 3.35 -1.60 1.79
CA ALA A 9 3.00 -1.11 3.11
C ALA A 9 4.27 -0.68 3.82
N GLU A 10 5.39 -1.33 3.47
CA GLU A 10 6.68 -1.00 4.06
C GLU A 10 6.95 0.48 3.89
N TYR A 11 6.49 1.02 2.76
CA TYR A 11 6.66 2.42 2.47
C TYR A 11 5.86 3.29 3.43
N TYR A 12 4.56 3.03 3.46
CA TYR A 12 3.66 3.78 4.31
C TYR A 12 3.97 3.60 5.79
N ARG A 13 4.64 2.50 6.15
CA ARG A 13 5.00 2.29 7.54
C ARG A 13 6.38 2.86 7.81
N SER A 14 6.72 3.92 7.08
CA SER A 14 7.99 4.59 7.23
C SER A 14 8.14 5.71 6.19
N VAL A 15 7.00 6.26 5.75
CA VAL A 15 7.01 7.35 4.78
C VAL A 15 6.15 8.52 5.28
N GLY A 16 5.55 8.36 6.46
CA GLY A 16 4.73 9.41 7.02
C GLY A 16 3.30 8.97 7.32
N LYS A 17 3.08 7.67 7.50
CA LYS A 17 1.73 7.18 7.80
C LYS A 17 1.68 5.66 7.98
N ILE A 18 2.25 5.17 9.08
CA ILE A 18 2.24 3.73 9.38
C ILE A 18 0.82 3.25 9.52
N GLU A 19 0.03 4.02 10.24
CA GLU A 19 -1.36 3.70 10.47
C GLU A 19 -2.06 3.41 9.15
N GLU A 20 -1.66 4.14 8.12
CA GLU A 20 -2.21 3.94 6.79
C GLU A 20 -1.53 2.76 6.14
N ALA A 21 -0.29 2.47 6.55
CA ALA A 21 0.43 1.34 6.00
C ALA A 21 -0.31 0.07 6.34
N GLU A 22 -0.94 0.05 7.51
CA GLU A 22 -1.72 -1.10 7.93
C GLU A 22 -2.83 -1.35 6.91
N ALA A 23 -3.17 -0.30 6.16
CA ALA A 23 -4.20 -0.39 5.14
C ALA A 23 -3.71 -1.18 3.95
N ILE A 24 -2.41 -1.06 3.65
CA ILE A 24 -1.82 -1.79 2.54
C ILE A 24 -1.84 -3.28 2.83
N GLU A 25 -1.50 -3.64 4.05
CA GLU A 25 -1.49 -5.04 4.46
C GLU A 25 -2.83 -5.69 4.11
N LYS A 26 -3.88 -4.88 4.04
CA LYS A 26 -5.21 -5.38 3.71
C LYS A 26 -5.28 -5.74 2.23
N THR A 27 -4.49 -5.07 1.40
CA THR A 27 -4.49 -5.34 -0.03
C THR A 27 -3.97 -6.75 -0.28
N LEU A 28 -3.15 -7.25 0.64
CA LEU A 28 -2.61 -8.59 0.54
C LEU A 28 -3.74 -9.60 0.33
N LYS A 29 -4.87 -9.31 0.96
CA LYS A 29 -6.04 -10.17 0.84
C LYS A 29 -6.47 -10.29 -0.62
N ASN A 30 -6.04 -9.33 -1.44
CA ASN A 30 -6.38 -9.33 -2.86
C ASN A 30 -5.99 -10.65 -3.51
N LYS A 31 -6.95 -11.29 -4.17
CA LYS A 31 -6.72 -12.57 -4.84
C LYS A 31 -7.84 -12.87 -5.83
N GLN A 32 -8.12 -11.93 -6.71
CA GLN A 32 -9.17 -12.10 -7.71
C GLN A 32 -10.53 -12.30 -7.04
N ASN A 33 -10.96 -11.29 -6.30
CA ASN A 33 -12.24 -11.34 -5.60
C ASN A 33 -12.28 -12.50 -4.61
N ARG B 1 -18.13 2.97 -23.11
CA ARG B 1 -17.01 3.86 -22.69
C ARG B 1 -15.94 3.08 -21.94
N PRO B 2 -14.74 3.66 -21.78
CA PRO B 2 -13.63 3.02 -21.07
C PRO B 2 -13.89 2.90 -19.57
N PRO B 3 -14.08 1.67 -19.06
CA PRO B 3 -14.34 1.43 -17.64
C PRO B 3 -13.23 1.99 -16.75
N PRO B 4 -11.95 1.74 -17.10
CA PRO B 4 -10.81 2.22 -16.32
C PRO B 4 -10.90 3.71 -16.03
N ALA B 5 -11.23 4.06 -14.79
CA ALA B 5 -11.34 5.46 -14.39
C ALA B 5 -11.49 5.58 -12.88
N HIS B 6 -10.38 5.80 -12.19
CA HIS B 6 -10.40 5.94 -10.74
C HIS B 6 -9.14 6.65 -10.25
N HIS B 7 -9.32 7.83 -9.67
CA HIS B 7 -8.19 8.60 -9.16
C HIS B 7 -8.14 8.56 -7.64
N ASN B 8 -7.01 8.09 -7.10
CA ASN B 8 -6.85 7.99 -5.66
C ASN B 8 -5.37 7.99 -5.28
N MET B 9 -5.09 7.99 -3.98
CA MET B 9 -3.71 7.99 -3.49
C MET B 9 -3.28 6.59 -3.08
N PHE B 10 -3.80 5.59 -3.79
CA PHE B 10 -3.48 4.20 -3.50
C PHE B 10 -3.42 3.37 -4.79
N SER B 11 -3.12 4.03 -5.89
CA SER B 11 -3.03 3.36 -7.18
C SER B 11 -1.64 2.75 -7.39
N VAL B 12 -0.72 3.55 -7.94
CA VAL B 12 0.66 3.09 -8.17
C VAL B 12 1.64 4.25 -8.19
N PRO B 13 1.70 5.03 -7.09
CA PRO B 13 2.62 6.17 -6.98
C PRO B 13 4.07 5.72 -6.86
N PRO B 14 5.03 6.53 -7.33
CA PRO B 14 6.45 6.18 -7.25
C PRO B 14 6.87 5.95 -5.80
N PRO B 15 7.71 4.93 -5.56
CA PRO B 15 8.16 4.60 -4.19
C PRO B 15 9.13 5.62 -3.59
N PRO B 16 8.94 5.97 -2.31
CA PRO B 16 9.80 6.92 -1.60
C PRO B 16 11.15 6.30 -1.21
N ILE B 17 11.11 5.25 -0.39
CA ILE B 17 12.33 4.59 0.07
C ILE B 17 12.69 3.38 -0.78
N LEU B 18 13.55 2.50 -0.24
CA LEU B 18 13.97 1.31 -0.96
C LEU B 18 14.89 0.46 -0.09
N GLY B 19 14.58 0.41 1.20
CA GLY B 19 15.39 -0.37 2.13
C GLY B 19 15.42 -1.84 1.76
N ARG B 20 16.60 -2.45 1.89
CA ARG B 20 16.76 -3.87 1.58
C ARG B 20 17.92 -4.47 2.37
N GLY B 21 17.61 -4.97 3.56
CA GLY B 21 18.64 -5.57 4.40
C GLY B 21 19.40 -4.54 5.20
N GLY A 1 -5.20 -8.78 -8.50
CA GLY A 1 -4.00 -9.44 -7.90
C GLY A 1 -2.98 -8.44 -7.40
N ALA A 2 -1.71 -8.69 -7.72
CA ALA A 2 -0.63 -7.80 -7.30
C ALA A 2 -0.56 -7.70 -5.78
N ASP A 3 0.16 -8.63 -5.15
CA ASP A 3 0.30 -8.63 -3.70
C ASP A 3 1.48 -7.77 -3.26
N TYR A 4 1.48 -6.52 -3.69
CA TYR A 4 2.56 -5.59 -3.34
C TYR A 4 2.33 -4.94 -1.98
N SER A 5 1.17 -5.20 -1.39
CA SER A 5 0.84 -4.62 -0.08
C SER A 5 2.00 -4.74 0.91
N ALA A 6 2.80 -5.77 0.76
CA ALA A 6 3.94 -5.96 1.65
C ALA A 6 4.96 -4.87 1.47
N GLN A 7 5.58 -4.84 0.32
CA GLN A 7 6.59 -3.84 0.02
C GLN A 7 5.95 -2.46 -0.13
N TRP A 8 4.63 -2.44 -0.35
CA TRP A 8 3.92 -1.18 -0.49
C TRP A 8 3.55 -0.63 0.87
N ALA A 9 3.21 -1.53 1.79
CA ALA A 9 2.87 -1.10 3.13
C ALA A 9 4.14 -0.68 3.86
N GLU A 10 5.25 -1.34 3.52
CA GLU A 10 6.54 -1.01 4.13
C GLU A 10 6.84 0.47 3.96
N TYR A 11 6.33 1.04 2.88
CA TYR A 11 6.53 2.45 2.59
C TYR A 11 5.74 3.30 3.55
N TYR A 12 4.43 3.09 3.55
CA TYR A 12 3.53 3.84 4.40
C TYR A 12 3.87 3.64 5.87
N ARG A 13 4.48 2.52 6.21
CA ARG A 13 4.88 2.30 7.60
C ARG A 13 6.29 2.83 7.82
N SER A 14 6.63 3.85 7.06
CA SER A 14 7.95 4.49 7.15
C SER A 14 8.07 5.65 6.17
N VAL A 15 6.91 6.16 5.72
CA VAL A 15 6.87 7.29 4.80
C VAL A 15 5.98 8.40 5.34
N GLY A 16 5.41 8.17 6.54
CA GLY A 16 4.55 9.16 7.15
C GLY A 16 3.10 8.71 7.23
N LYS A 17 2.87 7.44 7.58
CA LYS A 17 1.51 6.93 7.70
C LYS A 17 1.47 5.43 8.01
N ILE A 18 2.12 5.02 9.10
CA ILE A 18 2.14 3.61 9.49
C ILE A 18 0.72 3.12 9.67
N GLU A 19 -0.04 3.87 10.45
CA GLU A 19 -1.42 3.55 10.72
C GLU A 19 -2.16 3.31 9.41
N GLU A 20 -1.79 4.07 8.41
CA GLU A 20 -2.39 3.92 7.08
C GLU A 20 -1.72 2.76 6.36
N ALA A 21 -0.46 2.49 6.71
CA ALA A 21 0.25 1.40 6.10
C ALA A 21 -0.47 0.10 6.41
N GLU A 22 -1.06 0.04 7.61
CA GLU A 22 -1.83 -1.14 8.01
C GLU A 22 -2.94 -1.37 6.99
N ALA A 23 -3.32 -0.30 6.30
CA ALA A 23 -4.36 -0.36 5.28
C ALA A 23 -3.86 -1.13 4.07
N ILE A 24 -2.59 -0.95 3.72
CA ILE A 24 -2.01 -1.65 2.60
C ILE A 24 -2.01 -3.15 2.87
N GLU A 25 -1.63 -3.51 4.09
CA GLU A 25 -1.61 -4.91 4.49
C GLU A 25 -2.91 -5.59 4.08
N LYS A 26 -3.99 -4.81 4.02
CA LYS A 26 -5.29 -5.33 3.61
C LYS A 26 -5.26 -5.70 2.14
N THR A 27 -4.48 -4.97 1.35
CA THR A 27 -4.36 -5.25 -0.07
C THR A 27 -3.65 -6.59 -0.27
N LEU A 28 -2.78 -6.92 0.68
CA LEU A 28 -2.04 -8.18 0.63
C LEU A 28 -3.02 -9.34 0.45
N LYS A 29 -4.21 -9.19 1.02
CA LYS A 29 -5.24 -10.21 0.90
C LYS A 29 -5.53 -10.52 -0.57
N ASN A 30 -5.21 -9.57 -1.44
CA ASN A 30 -5.43 -9.72 -2.88
C ASN A 30 -4.94 -11.09 -3.37
N LYS A 31 -3.93 -11.63 -2.69
CA LYS A 31 -3.36 -12.92 -3.06
C LYS A 31 -3.95 -14.04 -2.19
N GLN A 32 -5.21 -13.87 -1.79
CA GLN A 32 -5.87 -14.86 -0.96
C GLN A 32 -5.15 -15.04 0.36
N ASN A 33 -4.59 -13.95 0.89
CA ASN A 33 -3.85 -14.00 2.15
C ASN A 33 -2.67 -14.95 2.06
N ARG B 1 -15.97 -1.76 -13.42
CA ARG B 1 -15.51 -1.35 -14.78
C ARG B 1 -15.39 0.17 -14.90
N PRO B 2 -16.47 0.91 -14.61
CA PRO B 2 -16.46 2.38 -14.71
C PRO B 2 -15.32 3.01 -13.92
N PRO B 3 -15.16 2.66 -12.63
CA PRO B 3 -14.09 3.21 -11.79
C PRO B 3 -12.71 2.68 -12.18
N PRO B 4 -11.85 3.54 -12.76
CA PRO B 4 -10.51 3.15 -13.17
C PRO B 4 -9.60 2.86 -11.98
N ALA B 5 -9.65 3.73 -10.98
CA ALA B 5 -8.84 3.57 -9.78
C ALA B 5 -7.34 3.61 -10.13
N HIS B 6 -6.84 4.80 -10.42
CA HIS B 6 -5.43 4.96 -10.76
C HIS B 6 -5.01 6.44 -10.66
N HIS B 7 -5.64 7.16 -9.74
CA HIS B 7 -5.33 8.57 -9.55
C HIS B 7 -6.13 9.15 -8.38
N ASN B 8 -5.66 8.89 -7.16
CA ASN B 8 -6.34 9.38 -5.97
C ASN B 8 -5.38 9.47 -4.79
N MET B 9 -4.80 8.34 -4.41
CA MET B 9 -3.86 8.29 -3.31
C MET B 9 -3.29 6.88 -3.13
N PHE B 10 -4.15 5.88 -3.29
CA PHE B 10 -3.73 4.49 -3.15
C PHE B 10 -3.44 3.86 -4.51
N SER B 11 -3.11 4.70 -5.49
CA SER B 11 -2.82 4.23 -6.84
C SER B 11 -1.45 3.53 -6.87
N VAL B 12 -0.76 3.62 -8.01
CA VAL B 12 0.55 2.99 -8.13
C VAL B 12 1.67 4.03 -8.33
N PRO B 13 1.78 4.98 -7.39
CA PRO B 13 2.81 6.03 -7.44
C PRO B 13 4.22 5.47 -7.28
N PRO B 14 5.24 6.13 -7.84
CA PRO B 14 6.62 5.64 -7.75
C PRO B 14 7.03 5.49 -6.28
N PRO B 15 7.76 4.42 -5.95
CA PRO B 15 8.16 4.16 -4.55
C PRO B 15 9.22 5.12 -4.02
N PRO B 16 9.05 5.59 -2.76
CA PRO B 16 9.99 6.51 -2.11
C PRO B 16 11.26 5.81 -1.62
N ILE B 17 11.13 4.98 -0.58
CA ILE B 17 12.28 4.28 0.00
C ILE B 17 12.64 3.03 -0.80
N LEU B 18 13.53 2.21 -0.23
CA LEU B 18 13.96 0.99 -0.90
C LEU B 18 14.93 0.21 -0.01
N GLY B 19 14.67 0.22 1.29
CA GLY B 19 15.52 -0.48 2.23
C GLY B 19 15.14 -1.94 2.39
N ARG B 20 14.65 -2.28 3.58
CA ARG B 20 14.24 -3.65 3.87
C ARG B 20 13.53 -3.73 5.22
N GLY B 21 12.77 -2.69 5.54
CA GLY B 21 12.05 -2.66 6.80
C GLY B 21 12.84 -2.00 7.91
N GLY A 1 -3.82 -11.46 -8.89
CA GLY A 1 -4.12 -10.36 -7.93
C GLY A 1 -3.03 -9.29 -7.92
N ALA A 2 -2.54 -8.97 -6.73
CA ALA A 2 -1.49 -7.96 -6.58
C ALA A 2 -0.97 -7.91 -5.15
N ASP A 3 -0.16 -8.90 -4.79
CA ASP A 3 0.40 -8.96 -3.44
C ASP A 3 1.61 -8.03 -3.31
N TYR A 4 1.33 -6.75 -3.14
CA TYR A 4 2.39 -5.75 -3.00
C TYR A 4 2.28 -4.99 -1.69
N SER A 5 1.18 -5.18 -0.96
CA SER A 5 0.96 -4.51 0.32
C SER A 5 2.19 -4.57 1.20
N ALA A 6 2.96 -5.63 1.09
CA ALA A 6 4.17 -5.78 1.89
C ALA A 6 5.17 -4.69 1.59
N GLN A 7 5.66 -4.69 0.37
CA GLN A 7 6.63 -3.69 -0.05
C GLN A 7 5.97 -2.32 -0.12
N TRP A 8 4.65 -2.31 -0.36
CA TRP A 8 3.91 -1.07 -0.47
C TRP A 8 3.59 -0.51 0.90
N ALA A 9 3.40 -1.38 1.89
CA ALA A 9 3.12 -0.91 3.23
C ALA A 9 4.41 -0.42 3.85
N GLU A 10 5.51 -1.01 3.39
CA GLU A 10 6.83 -0.63 3.85
C GLU A 10 7.03 0.86 3.72
N TYR A 11 6.42 1.43 2.70
CA TYR A 11 6.52 2.85 2.46
C TYR A 11 5.70 3.60 3.48
N TYR A 12 4.42 3.34 3.50
CA TYR A 12 3.52 3.97 4.46
C TYR A 12 3.97 3.67 5.88
N ARG A 13 4.73 2.60 6.05
CA ARG A 13 5.23 2.25 7.38
C ARG A 13 6.45 3.09 7.74
N SER A 14 6.90 3.91 6.79
CA SER A 14 8.06 4.76 7.02
C SER A 14 8.12 5.91 6.02
N VAL A 15 6.96 6.26 5.46
CA VAL A 15 6.86 7.35 4.50
C VAL A 15 5.87 8.40 5.02
N GLY A 16 5.22 8.09 6.14
CA GLY A 16 4.25 9.01 6.71
C GLY A 16 2.83 8.51 6.63
N LYS A 17 2.60 7.29 7.11
CA LYS A 17 1.27 6.70 7.07
C LYS A 17 1.27 5.26 7.61
N ILE A 18 2.06 5.00 8.66
CA ILE A 18 2.13 3.66 9.23
C ILE A 18 0.74 3.12 9.48
N GLU A 19 -0.03 3.88 10.24
CA GLU A 19 -1.39 3.53 10.57
C GLU A 19 -2.17 3.17 9.30
N GLU A 20 -1.86 3.87 8.22
CA GLU A 20 -2.49 3.61 6.94
C GLU A 20 -1.82 2.41 6.28
N ALA A 21 -0.54 2.19 6.62
CA ALA A 21 0.18 1.06 6.07
C ALA A 21 -0.48 -0.22 6.51
N GLU A 22 -1.03 -0.21 7.72
CA GLU A 22 -1.74 -1.38 8.23
C GLU A 22 -2.94 -1.65 7.34
N ALA A 23 -3.39 -0.60 6.65
CA ALA A 23 -4.51 -0.71 5.73
C ALA A 23 -4.05 -1.35 4.42
N ILE A 24 -2.80 -1.04 4.05
CA ILE A 24 -2.21 -1.59 2.84
C ILE A 24 -2.12 -3.10 2.95
N GLU A 25 -1.59 -3.58 4.06
CA GLU A 25 -1.45 -5.01 4.29
C GLU A 25 -2.74 -5.73 3.97
N LYS A 26 -3.88 -5.04 4.11
CA LYS A 26 -5.17 -5.63 3.81
C LYS A 26 -5.29 -5.91 2.32
N THR A 27 -4.57 -5.11 1.52
CA THR A 27 -4.59 -5.28 0.07
C THR A 27 -3.97 -6.62 -0.31
N LEU A 28 -3.00 -7.05 0.50
CA LEU A 28 -2.33 -8.33 0.28
C LEU A 28 -3.36 -9.44 0.10
N LYS A 29 -4.44 -9.33 0.84
CA LYS A 29 -5.52 -10.30 0.77
C LYS A 29 -6.07 -10.39 -0.66
N ASN A 30 -5.81 -9.35 -1.45
CA ASN A 30 -6.27 -9.30 -2.84
C ASN A 30 -5.97 -10.60 -3.56
N LYS A 31 -4.89 -11.27 -3.16
CA LYS A 31 -4.49 -12.54 -3.77
C LYS A 31 -4.50 -13.66 -2.74
N GLN A 32 -5.41 -13.58 -1.78
CA GLN A 32 -5.52 -14.59 -0.74
C GLN A 32 -4.22 -14.69 0.06
N ASN A 33 -3.54 -13.55 0.21
CA ASN A 33 -2.28 -13.52 0.95
C ASN A 33 -2.46 -12.77 2.27
N ARG B 1 -11.10 -4.38 -14.88
CA ARG B 1 -12.28 -3.46 -14.88
C ARG B 1 -13.41 -3.99 -13.97
N PRO B 2 -13.77 -5.28 -14.09
CA PRO B 2 -14.84 -5.88 -13.30
C PRO B 2 -14.75 -5.54 -11.81
N PRO B 3 -13.54 -5.60 -11.22
CA PRO B 3 -13.35 -5.29 -9.79
C PRO B 3 -13.64 -3.83 -9.47
N PRO B 4 -14.74 -3.57 -8.73
CA PRO B 4 -15.13 -2.20 -8.36
C PRO B 4 -13.98 -1.43 -7.71
N ALA B 5 -14.25 -0.19 -7.30
CA ALA B 5 -13.24 0.64 -6.66
C ALA B 5 -13.85 1.95 -6.17
N HIS B 6 -14.66 2.57 -7.02
CA HIS B 6 -15.31 3.83 -6.69
C HIS B 6 -14.29 4.97 -6.60
N HIS B 7 -13.44 4.92 -5.56
CA HIS B 7 -12.42 5.94 -5.37
C HIS B 7 -11.04 5.40 -5.73
N ASN B 8 -10.09 6.31 -5.91
CA ASN B 8 -8.72 5.92 -6.27
C ASN B 8 -7.71 6.91 -5.69
N MET B 9 -7.35 6.71 -4.43
CA MET B 9 -6.39 7.59 -3.77
C MET B 9 -5.03 6.90 -3.62
N PHE B 10 -5.06 5.59 -3.44
CA PHE B 10 -3.83 4.81 -3.29
C PHE B 10 -2.98 4.88 -4.55
N SER B 11 -3.57 4.53 -5.68
CA SER B 11 -2.86 4.56 -6.96
C SER B 11 -1.56 3.76 -6.88
N VAL B 12 -0.63 4.03 -7.79
CA VAL B 12 0.65 3.34 -7.81
C VAL B 12 1.82 4.30 -8.00
N PRO B 13 1.94 5.32 -7.14
CA PRO B 13 3.03 6.30 -7.21
C PRO B 13 4.39 5.63 -7.06
N PRO B 14 5.46 6.22 -7.64
CA PRO B 14 6.79 5.64 -7.55
C PRO B 14 7.22 5.48 -6.09
N PRO B 15 7.87 4.36 -5.74
CA PRO B 15 8.26 4.09 -4.36
C PRO B 15 9.38 4.98 -3.83
N PRO B 16 9.23 5.47 -2.57
CA PRO B 16 10.23 6.31 -1.91
C PRO B 16 11.45 5.53 -1.40
N ILE B 17 11.20 4.52 -0.56
CA ILE B 17 12.29 3.73 0.02
C ILE B 17 12.57 2.45 -0.77
N LEU B 18 13.55 1.67 -0.31
CA LEU B 18 13.92 0.43 -0.99
C LEU B 18 14.57 -0.52 0.01
N GLY B 19 14.18 -0.41 1.26
CA GLY B 19 14.73 -1.26 2.29
C GLY B 19 13.89 -2.50 2.53
N ARG B 20 14.57 -3.63 2.79
CA ARG B 20 13.87 -4.89 3.03
C ARG B 20 13.49 -5.03 4.51
N GLY B 21 12.20 -5.10 4.78
CA GLY B 21 11.73 -5.23 6.15
C GLY B 21 12.17 -4.07 7.02
N GLY A 1 -4.26 -10.19 -10.18
CA GLY A 1 -2.79 -10.39 -10.15
C GLY A 1 -2.03 -9.10 -9.87
N ALA A 2 -1.47 -9.01 -8.67
CA ALA A 2 -0.72 -7.82 -8.27
C ALA A 2 0.11 -8.10 -7.02
N ASP A 3 -0.56 -8.15 -5.88
CA ASP A 3 0.11 -8.39 -4.60
C ASP A 3 1.30 -7.45 -4.43
N TYR A 4 1.03 -6.28 -3.86
CA TYR A 4 2.06 -5.28 -3.63
C TYR A 4 1.92 -4.59 -2.28
N SER A 5 0.83 -4.86 -1.57
CA SER A 5 0.59 -4.27 -0.27
C SER A 5 1.80 -4.42 0.65
N ALA A 6 2.59 -5.46 0.43
CA ALA A 6 3.77 -5.69 1.25
C ALA A 6 4.78 -4.59 1.04
N GLN A 7 5.35 -4.54 -0.15
CA GLN A 7 6.34 -3.53 -0.47
C GLN A 7 5.68 -2.16 -0.54
N TRP A 8 4.36 -2.14 -0.74
CA TRP A 8 3.62 -0.90 -0.83
C TRP A 8 3.33 -0.37 0.56
N ALA A 9 3.12 -1.28 1.51
CA ALA A 9 2.86 -0.87 2.88
C ALA A 9 4.16 -0.40 3.52
N GLU A 10 5.29 -0.94 3.02
CA GLU A 10 6.60 -0.55 3.55
C GLU A 10 6.77 0.95 3.40
N TYR A 11 6.14 1.51 2.37
CA TYR A 11 6.20 2.94 2.13
C TYR A 11 5.48 3.67 3.24
N TYR A 12 4.18 3.46 3.28
CA TYR A 12 3.31 4.06 4.27
C TYR A 12 3.77 3.75 5.68
N ARG A 13 4.61 2.72 5.83
CA ARG A 13 5.12 2.35 7.13
C ARG A 13 6.33 3.21 7.50
N SER A 14 6.71 4.11 6.60
CA SER A 14 7.86 4.97 6.86
C SER A 14 7.88 6.19 5.93
N VAL A 15 6.75 6.49 5.30
CA VAL A 15 6.65 7.64 4.42
C VAL A 15 5.72 8.69 5.03
N GLY A 16 5.00 8.30 6.08
CA GLY A 16 4.11 9.23 6.74
C GLY A 16 2.68 8.73 6.86
N LYS A 17 2.51 7.48 7.26
CA LYS A 17 1.17 6.90 7.41
C LYS A 17 1.22 5.42 7.79
N ILE A 18 2.07 5.09 8.76
CA ILE A 18 2.19 3.70 9.22
C ILE A 18 0.81 3.13 9.53
N GLU A 19 0.06 3.86 10.33
CA GLU A 19 -1.27 3.48 10.71
C GLU A 19 -2.08 3.12 9.46
N GLU A 20 -1.90 3.90 8.42
CA GLU A 20 -2.58 3.66 7.16
C GLU A 20 -1.88 2.52 6.43
N ALA A 21 -0.58 2.34 6.70
CA ALA A 21 0.16 1.27 6.08
C ALA A 21 -0.45 -0.06 6.50
N GLU A 22 -0.96 -0.10 7.73
CA GLU A 22 -1.62 -1.31 8.22
C GLU A 22 -2.81 -1.64 7.34
N ALA A 23 -3.34 -0.60 6.67
CA ALA A 23 -4.47 -0.76 5.78
C ALA A 23 -4.01 -1.46 4.51
N ILE A 24 -2.84 -1.07 4.01
CA ILE A 24 -2.27 -1.69 2.82
C ILE A 24 -2.08 -3.17 3.06
N GLU A 25 -1.56 -3.50 4.23
CA GLU A 25 -1.33 -4.90 4.59
C GLU A 25 -2.58 -5.73 4.28
N LYS A 26 -3.73 -5.07 4.31
CA LYS A 26 -5.00 -5.74 4.02
C LYS A 26 -5.12 -6.03 2.53
N THR A 27 -4.48 -5.20 1.70
CA THR A 27 -4.52 -5.41 0.25
C THR A 27 -3.83 -6.72 -0.10
N LEU A 28 -2.87 -7.12 0.73
CA LEU A 28 -2.15 -8.37 0.52
C LEU A 28 -3.13 -9.52 0.34
N LYS A 29 -4.25 -9.43 1.07
CA LYS A 29 -5.29 -10.46 0.98
C LYS A 29 -5.77 -10.61 -0.46
N ASN A 30 -5.57 -9.57 -1.26
CA ASN A 30 -5.97 -9.58 -2.66
C ASN A 30 -5.46 -10.83 -3.38
N LYS A 31 -6.35 -11.50 -4.11
CA LYS A 31 -5.98 -12.70 -4.83
C LYS A 31 -5.41 -13.77 -3.89
N GLN A 32 -5.94 -13.81 -2.68
CA GLN A 32 -5.49 -14.78 -1.68
C GLN A 32 -6.68 -15.37 -0.91
N ASN A 33 -7.79 -15.52 -1.60
CA ASN A 33 -9.00 -16.08 -0.99
C ASN A 33 -8.87 -17.59 -0.79
N ARG B 1 -19.15 -5.44 6.71
CA ARG B 1 -17.97 -4.65 6.28
C ARG B 1 -18.27 -3.88 4.99
N PRO B 2 -18.95 -2.73 5.09
CA PRO B 2 -19.30 -1.91 3.92
C PRO B 2 -18.09 -1.64 3.02
N PRO B 3 -18.01 -2.32 1.86
CA PRO B 3 -16.89 -2.13 0.93
C PRO B 3 -16.73 -0.68 0.47
N PRO B 4 -17.85 -0.03 0.08
CA PRO B 4 -17.80 1.36 -0.37
C PRO B 4 -17.75 2.36 0.78
N ALA B 5 -16.73 2.21 1.63
CA ALA B 5 -16.56 3.10 2.78
C ALA B 5 -15.25 2.82 3.49
N HIS B 6 -14.22 2.51 2.73
CA HIS B 6 -12.90 2.22 3.28
C HIS B 6 -11.81 2.97 2.53
N HIS B 7 -11.82 2.85 1.20
CA HIS B 7 -10.83 3.51 0.37
C HIS B 7 -9.43 3.05 0.71
N ASN B 8 -9.00 1.95 0.08
CA ASN B 8 -7.67 1.40 0.32
C ASN B 8 -6.72 1.75 -0.82
N MET B 9 -7.27 1.88 -2.03
CA MET B 9 -6.47 2.21 -3.20
C MET B 9 -5.87 3.61 -3.07
N PHE B 10 -4.78 3.85 -3.79
CA PHE B 10 -4.10 5.15 -3.76
C PHE B 10 -3.10 5.27 -4.90
N SER B 11 -3.45 4.72 -6.05
CA SER B 11 -2.57 4.76 -7.22
C SER B 11 -1.23 4.10 -6.90
N VAL B 12 -0.44 3.82 -7.93
CA VAL B 12 0.86 3.18 -7.72
C VAL B 12 1.75 4.07 -6.83
N PRO B 13 2.20 3.53 -5.69
CA PRO B 13 3.04 4.26 -4.72
C PRO B 13 4.39 4.74 -5.27
N PRO B 14 4.91 5.83 -4.69
CA PRO B 14 6.20 6.42 -5.07
C PRO B 14 7.36 5.44 -4.95
N PRO B 15 8.46 5.68 -5.70
CA PRO B 15 9.62 4.79 -5.73
C PRO B 15 10.15 4.51 -4.32
N PRO B 16 10.83 3.35 -4.14
CA PRO B 16 11.29 2.91 -2.81
C PRO B 16 12.03 3.98 -2.03
N ILE B 17 11.50 4.23 -0.83
CA ILE B 17 12.03 5.24 0.07
C ILE B 17 13.55 5.18 0.16
N LEU B 18 14.08 4.05 0.63
CA LEU B 18 15.53 3.88 0.75
C LEU B 18 15.85 2.46 1.22
N GLY B 19 15.08 1.49 0.75
CA GLY B 19 15.30 0.12 1.14
C GLY B 19 16.09 -0.66 0.10
N ARG B 20 16.34 -1.94 0.38
CA ARG B 20 17.08 -2.79 -0.53
C ARG B 20 17.15 -4.23 -0.01
N GLY B 21 16.09 -4.99 -0.25
CA GLY B 21 16.05 -6.37 0.21
C GLY B 21 14.69 -6.75 0.77
N GLY A 1 -3.09 -11.31 -8.30
CA GLY A 1 -2.06 -11.30 -9.37
C GLY A 1 -0.98 -10.27 -9.13
N ALA A 2 -1.36 -9.15 -8.54
CA ALA A 2 -0.42 -8.07 -8.25
C ALA A 2 0.36 -8.36 -6.96
N ASP A 3 -0.36 -8.36 -5.84
CA ASP A 3 0.25 -8.61 -4.54
C ASP A 3 1.43 -7.68 -4.30
N TYR A 4 1.12 -6.49 -3.80
CA TYR A 4 2.13 -5.47 -3.53
C TYR A 4 1.81 -4.69 -2.27
N SER A 5 0.78 -5.11 -1.55
CA SER A 5 0.36 -4.42 -0.34
C SER A 5 1.37 -4.59 0.79
N ALA A 6 2.26 -5.55 0.66
CA ALA A 6 3.27 -5.77 1.68
C ALA A 6 4.42 -4.80 1.53
N GLN A 7 5.04 -4.85 0.36
CA GLN A 7 6.16 -3.96 0.10
C GLN A 7 5.69 -2.52 0.01
N TRP A 8 4.42 -2.32 -0.35
CA TRP A 8 3.89 -0.98 -0.43
C TRP A 8 3.66 -0.43 0.97
N ALA A 9 3.32 -1.32 1.89
CA ALA A 9 3.12 -0.92 3.27
C ALA A 9 4.44 -0.52 3.90
N GLU A 10 5.52 -1.17 3.48
CA GLU A 10 6.84 -0.86 4.00
C GLU A 10 7.12 0.63 3.83
N TYR A 11 6.58 1.19 2.76
CA TYR A 11 6.75 2.60 2.48
C TYR A 11 5.99 3.44 3.49
N TYR A 12 4.68 3.26 3.50
CA TYR A 12 3.83 3.99 4.43
C TYR A 12 4.22 3.69 5.87
N ARG A 13 4.90 2.56 6.08
CA ARG A 13 5.34 2.19 7.41
C ARG A 13 6.51 3.06 7.85
N SER A 14 7.03 3.86 6.94
CA SER A 14 8.16 4.74 7.25
C SER A 14 8.22 5.94 6.30
N VAL A 15 7.11 6.22 5.62
CA VAL A 15 7.04 7.35 4.71
C VAL A 15 6.13 8.44 5.30
N GLY A 16 5.40 8.08 6.36
CA GLY A 16 4.50 9.02 7.00
C GLY A 16 3.06 8.55 6.99
N LYS A 17 2.86 7.25 7.17
CA LYS A 17 1.52 6.68 7.17
C LYS A 17 1.52 5.24 7.70
N ILE A 18 2.23 5.00 8.81
CA ILE A 18 2.29 3.66 9.39
C ILE A 18 0.88 3.14 9.67
N GLU A 19 0.15 3.91 10.44
CA GLU A 19 -1.22 3.56 10.78
C GLU A 19 -2.00 3.19 9.54
N GLU A 20 -1.89 4.02 8.52
CA GLU A 20 -2.56 3.74 7.26
C GLU A 20 -1.82 2.61 6.55
N ALA A 21 -0.54 2.43 6.89
CA ALA A 21 0.24 1.37 6.30
C ALA A 21 -0.32 0.02 6.75
N GLU A 22 -1.07 0.01 7.85
CA GLU A 22 -1.71 -1.20 8.30
C GLU A 22 -2.89 -1.52 7.39
N ALA A 23 -3.26 -0.51 6.57
CA ALA A 23 -4.34 -0.67 5.62
C ALA A 23 -3.82 -1.37 4.38
N ILE A 24 -2.56 -1.08 4.04
CA ILE A 24 -1.89 -1.69 2.88
C ILE A 24 -1.93 -3.19 3.02
N GLU A 25 -1.40 -3.68 4.14
CA GLU A 25 -1.36 -5.11 4.41
C GLU A 25 -2.70 -5.76 4.08
N LYS A 26 -3.78 -4.99 4.15
CA LYS A 26 -5.11 -5.51 3.84
C LYS A 26 -5.25 -5.77 2.33
N THR A 27 -4.57 -4.96 1.52
CA THR A 27 -4.63 -5.15 0.06
C THR A 27 -4.04 -6.49 -0.31
N LEU A 28 -3.11 -6.97 0.51
CA LEU A 28 -2.48 -8.27 0.28
C LEU A 28 -3.54 -9.34 0.07
N LYS A 29 -4.64 -9.21 0.81
CA LYS A 29 -5.74 -10.14 0.69
C LYS A 29 -6.24 -10.23 -0.75
N ASN A 30 -5.94 -9.20 -1.54
CA ASN A 30 -6.34 -9.15 -2.94
C ASN A 30 -5.96 -10.44 -3.67
N LYS A 31 -6.95 -11.09 -4.28
CA LYS A 31 -6.72 -12.33 -5.00
C LYS A 31 -7.90 -12.65 -5.92
N GLN A 32 -8.54 -11.62 -6.43
CA GLN A 32 -9.69 -11.79 -7.32
C GLN A 32 -9.41 -11.21 -8.70
N ASN A 33 -8.15 -11.31 -9.13
CA ASN A 33 -7.75 -10.80 -10.43
C ASN A 33 -7.99 -9.29 -10.52
N ARG B 1 -22.18 2.05 0.77
CA ARG B 1 -20.78 1.64 0.52
C ARG B 1 -19.84 2.86 0.53
N PRO B 2 -18.56 2.64 0.87
CA PRO B 2 -17.57 3.73 0.93
C PRO B 2 -17.21 4.24 -0.47
N PRO B 3 -16.66 5.47 -0.54
CA PRO B 3 -16.27 6.08 -1.82
C PRO B 3 -15.05 5.38 -2.44
N PRO B 4 -15.25 4.68 -3.58
CA PRO B 4 -14.17 3.98 -4.26
C PRO B 4 -12.97 4.89 -4.54
N ALA B 5 -13.23 6.18 -4.68
CA ALA B 5 -12.17 7.14 -4.95
C ALA B 5 -12.67 8.57 -4.72
N HIS B 6 -11.87 9.36 -4.01
CA HIS B 6 -12.22 10.74 -3.73
C HIS B 6 -11.00 11.54 -3.27
N HIS B 7 -10.38 11.09 -2.18
CA HIS B 7 -9.19 11.75 -1.65
C HIS B 7 -8.09 10.74 -1.36
N ASN B 8 -8.01 9.70 -2.18
CA ASN B 8 -7.00 8.66 -2.01
C ASN B 8 -6.75 7.94 -3.33
N MET B 9 -5.47 7.73 -3.65
CA MET B 9 -5.10 7.05 -4.88
C MET B 9 -4.78 5.58 -4.61
N PHE B 10 -3.63 5.32 -4.01
CA PHE B 10 -3.21 3.97 -3.70
C PHE B 10 -3.12 3.11 -4.97
N SER B 11 -2.92 3.77 -6.12
CA SER B 11 -2.81 3.07 -7.39
C SER B 11 -1.41 2.51 -7.57
N VAL B 12 -0.51 3.31 -8.12
CA VAL B 12 0.88 2.88 -8.34
C VAL B 12 1.84 4.06 -8.35
N PRO B 13 1.87 4.87 -7.28
CA PRO B 13 2.75 6.03 -7.16
C PRO B 13 4.21 5.61 -7.01
N PRO B 14 5.16 6.43 -7.47
CA PRO B 14 6.59 6.10 -7.37
C PRO B 14 6.98 5.88 -5.91
N PRO B 15 7.82 4.87 -5.64
CA PRO B 15 8.24 4.54 -4.27
C PRO B 15 9.19 5.57 -3.64
N PRO B 16 8.97 5.92 -2.36
CA PRO B 16 9.81 6.86 -1.63
C PRO B 16 11.15 6.25 -1.20
N ILE B 17 11.08 5.18 -0.40
CA ILE B 17 12.29 4.52 0.11
C ILE B 17 12.68 3.32 -0.75
N LEU B 18 13.54 2.46 -0.20
CA LEU B 18 13.99 1.27 -0.91
C LEU B 18 14.92 0.44 -0.03
N GLY B 19 14.62 0.38 1.26
CA GLY B 19 15.44 -0.36 2.18
C GLY B 19 15.12 -1.85 2.17
N ARG B 20 15.69 -2.57 1.20
CA ARG B 20 15.46 -4.00 1.08
C ARG B 20 16.64 -4.69 0.41
N GLY B 21 16.91 -5.92 0.80
CA GLY B 21 18.01 -6.67 0.21
C GLY B 21 19.26 -6.61 1.07
N GLY A 1 -3.64 -10.17 -10.14
CA GLY A 1 -2.19 -10.33 -10.43
C GLY A 1 -1.41 -9.06 -10.19
N ALA A 2 -0.89 -8.91 -8.97
CA ALA A 2 -0.12 -7.74 -8.60
C ALA A 2 0.62 -7.96 -7.28
N ASP A 3 -0.15 -8.12 -6.20
CA ASP A 3 0.43 -8.33 -4.88
C ASP A 3 1.44 -7.24 -4.55
N TYR A 4 0.94 -6.17 -3.97
CA TYR A 4 1.78 -5.03 -3.60
C TYR A 4 1.21 -4.32 -2.37
N SER A 5 0.94 -5.11 -1.34
CA SER A 5 0.38 -4.57 -0.11
C SER A 5 1.40 -4.67 1.02
N ALA A 6 2.36 -5.56 0.85
CA ALA A 6 3.39 -5.74 1.86
C ALA A 6 4.53 -4.78 1.61
N GLN A 7 4.99 -4.75 0.37
CA GLN A 7 6.08 -3.88 -0.01
C GLN A 7 5.60 -2.43 -0.07
N TRP A 8 4.29 -2.25 -0.28
CA TRP A 8 3.73 -0.90 -0.33
C TRP A 8 3.60 -0.36 1.08
N ALA A 9 3.26 -1.25 2.01
CA ALA A 9 3.13 -0.86 3.40
C ALA A 9 4.50 -0.50 3.97
N GLU A 10 5.54 -1.18 3.47
CA GLU A 10 6.90 -0.90 3.92
C GLU A 10 7.20 0.58 3.74
N TYR A 11 6.56 1.18 2.73
CA TYR A 11 6.75 2.59 2.44
C TYR A 11 6.07 3.43 3.50
N TYR A 12 4.77 3.28 3.59
CA TYR A 12 3.98 4.01 4.57
C TYR A 12 4.45 3.64 5.98
N ARG A 13 5.17 2.53 6.09
CA ARG A 13 5.69 2.09 7.37
C ARG A 13 6.80 3.03 7.84
N SER A 14 7.28 3.87 6.94
CA SER A 14 8.34 4.81 7.28
C SER A 14 8.36 6.01 6.33
N VAL A 15 7.25 6.22 5.63
CA VAL A 15 7.12 7.36 4.73
C VAL A 15 6.22 8.41 5.36
N GLY A 16 5.48 7.99 6.40
CA GLY A 16 4.58 8.92 7.07
C GLY A 16 3.13 8.47 6.99
N LYS A 17 2.90 7.17 7.13
CA LYS A 17 1.54 6.64 7.06
C LYS A 17 1.48 5.21 7.59
N ILE A 18 2.22 4.93 8.67
CA ILE A 18 2.22 3.59 9.27
C ILE A 18 0.80 3.13 9.55
N GLU A 19 0.09 3.94 10.30
CA GLU A 19 -1.29 3.64 10.65
C GLU A 19 -2.07 3.22 9.42
N GLU A 20 -2.08 4.08 8.40
CA GLU A 20 -2.75 3.75 7.16
C GLU A 20 -2.01 2.60 6.48
N ALA A 21 -0.72 2.44 6.83
CA ALA A 21 0.05 1.36 6.26
C ALA A 21 -0.52 0.03 6.70
N GLU A 22 -1.24 0.04 7.82
CA GLU A 22 -1.88 -1.18 8.27
C GLU A 22 -3.01 -1.52 7.31
N ALA A 23 -3.38 -0.54 6.48
CA ALA A 23 -4.41 -0.71 5.47
C ALA A 23 -3.84 -1.49 4.30
N ILE A 24 -2.61 -1.12 3.92
CA ILE A 24 -1.90 -1.78 2.81
C ILE A 24 -1.91 -3.28 3.01
N GLU A 25 -1.43 -3.71 4.17
CA GLU A 25 -1.37 -5.12 4.49
C GLU A 25 -2.70 -5.81 4.21
N LYS A 26 -3.79 -5.03 4.22
CA LYS A 26 -5.10 -5.56 3.93
C LYS A 26 -5.28 -5.86 2.44
N THR A 27 -4.58 -5.09 1.60
CA THR A 27 -4.66 -5.31 0.15
C THR A 27 -4.08 -6.68 -0.19
N LEU A 28 -3.18 -7.16 0.65
CA LEU A 28 -2.56 -8.47 0.44
C LEU A 28 -3.64 -9.52 0.26
N LYS A 29 -4.74 -9.34 0.97
CA LYS A 29 -5.87 -10.26 0.89
C LYS A 29 -6.38 -10.36 -0.55
N ASN A 30 -6.06 -9.34 -1.36
CA ASN A 30 -6.48 -9.30 -2.75
C ASN A 30 -6.09 -10.59 -3.47
N LYS A 31 -4.95 -11.16 -3.09
CA LYS A 31 -4.47 -12.40 -3.70
C LYS A 31 -3.94 -13.36 -2.64
N GLN A 32 -4.58 -13.36 -1.47
CA GLN A 32 -4.17 -14.22 -0.38
C GLN A 32 -5.37 -14.97 0.19
N ASN A 33 -6.33 -15.29 -0.67
CA ASN A 33 -7.53 -16.00 -0.26
C ASN A 33 -7.22 -17.47 0.00
N ARG B 1 -20.45 11.37 -10.78
CA ARG B 1 -19.52 10.39 -10.18
C ARG B 1 -18.06 10.79 -10.40
N PRO B 2 -17.50 11.57 -9.47
CA PRO B 2 -16.11 12.03 -9.57
C PRO B 2 -15.11 10.91 -9.32
N PRO B 3 -14.45 10.39 -10.38
CA PRO B 3 -13.47 9.31 -10.26
C PRO B 3 -12.52 9.50 -9.07
N PRO B 4 -11.80 10.63 -9.01
CA PRO B 4 -10.86 10.90 -7.92
C PRO B 4 -11.58 11.14 -6.59
N ALA B 5 -11.93 10.05 -5.92
CA ALA B 5 -12.62 10.14 -4.63
C ALA B 5 -11.63 10.39 -3.50
N HIS B 6 -12.17 10.63 -2.30
CA HIS B 6 -11.33 10.88 -1.13
C HIS B 6 -11.33 9.68 -0.19
N HIS B 7 -11.46 8.50 -0.77
CA HIS B 7 -11.47 7.27 0.02
C HIS B 7 -10.05 6.84 0.39
N ASN B 8 -9.28 6.44 -0.62
CA ASN B 8 -7.91 6.00 -0.41
C ASN B 8 -7.15 5.92 -1.73
N MET B 9 -7.42 4.87 -2.49
CA MET B 9 -6.76 4.66 -3.78
C MET B 9 -5.25 4.59 -3.61
N PHE B 10 -4.70 3.39 -3.74
CA PHE B 10 -3.26 3.19 -3.61
C PHE B 10 -2.53 3.67 -4.86
N SER B 11 -3.07 3.35 -6.02
CA SER B 11 -2.47 3.76 -7.29
C SER B 11 -1.05 3.20 -7.40
N VAL B 12 -0.32 3.62 -8.44
CA VAL B 12 1.05 3.16 -8.64
C VAL B 12 2.04 4.32 -8.63
N PRO B 13 2.01 5.13 -7.56
CA PRO B 13 2.91 6.28 -7.41
C PRO B 13 4.36 5.83 -7.19
N PRO B 14 5.34 6.65 -7.60
CA PRO B 14 6.76 6.30 -7.44
C PRO B 14 7.10 6.04 -5.98
N PRO B 15 7.91 5.00 -5.70
CA PRO B 15 8.28 4.64 -4.33
C PRO B 15 9.21 5.64 -3.65
N PRO B 16 8.95 5.94 -2.36
CA PRO B 16 9.77 6.87 -1.58
C PRO B 16 11.10 6.26 -1.12
N ILE B 17 11.04 5.10 -0.44
CA ILE B 17 12.25 4.44 0.04
C ILE B 17 12.63 3.22 -0.81
N LEU B 18 13.47 2.36 -0.25
CA LEU B 18 13.91 1.16 -0.96
C LEU B 18 14.80 0.31 -0.07
N GLY B 19 14.48 0.26 1.22
CA GLY B 19 15.27 -0.52 2.16
C GLY B 19 14.55 -1.75 2.65
N ARG B 20 14.87 -2.18 3.86
CA ARG B 20 14.25 -3.36 4.45
C ARG B 20 12.95 -2.99 5.18
N GLY B 21 12.39 -3.94 5.91
CA GLY B 21 11.16 -3.69 6.64
C GLY B 21 11.35 -2.71 7.78
N GLY A 1 -2.56 -10.60 -10.61
CA GLY A 1 -2.14 -10.56 -9.18
C GLY A 1 -1.08 -9.51 -8.92
N ALA A 2 -0.97 -9.07 -7.67
CA ALA A 2 0.01 -8.05 -7.30
C ALA A 2 0.53 -8.30 -5.88
N ASP A 3 -0.34 -8.09 -4.90
CA ASP A 3 0.04 -8.28 -3.49
C ASP A 3 1.20 -7.38 -3.11
N TYR A 4 1.22 -6.18 -3.68
CA TYR A 4 2.28 -5.20 -3.40
C TYR A 4 2.12 -4.60 -2.01
N SER A 5 1.00 -4.88 -1.35
CA SER A 5 0.74 -4.35 -0.01
C SER A 5 1.96 -4.43 0.89
N ALA A 6 2.77 -5.46 0.69
CA ALA A 6 3.97 -5.63 1.51
C ALA A 6 4.94 -4.50 1.28
N GLN A 7 5.47 -4.43 0.08
CA GLN A 7 6.40 -3.39 -0.27
C GLN A 7 5.72 -2.03 -0.29
N TRP A 8 4.40 -2.04 -0.47
CA TRP A 8 3.62 -0.81 -0.53
C TRP A 8 3.25 -0.32 0.86
N ALA A 9 3.14 -1.23 1.83
CA ALA A 9 2.83 -0.82 3.18
C ALA A 9 4.13 -0.46 3.86
N GLU A 10 5.19 -1.10 3.41
CA GLU A 10 6.52 -0.85 3.92
C GLU A 10 6.83 0.62 3.83
N TYR A 11 6.32 1.25 2.77
CA TYR A 11 6.53 2.66 2.55
C TYR A 11 5.80 3.45 3.61
N TYR A 12 4.48 3.31 3.64
CA TYR A 12 3.67 4.00 4.61
C TYR A 12 4.09 3.62 6.02
N ARG A 13 4.74 2.46 6.15
CA ARG A 13 5.21 2.01 7.46
C ARG A 13 6.46 2.77 7.89
N SER A 14 6.99 3.60 7.01
CA SER A 14 8.19 4.36 7.34
C SER A 14 8.36 5.61 6.46
N VAL A 15 7.30 5.99 5.77
CA VAL A 15 7.34 7.18 4.92
C VAL A 15 6.40 8.26 5.49
N GLY A 16 5.62 7.87 6.50
CA GLY A 16 4.70 8.81 7.12
C GLY A 16 3.25 8.39 6.99
N LYS A 17 2.95 7.15 7.36
CA LYS A 17 1.59 6.63 7.29
C LYS A 17 1.51 5.19 7.79
N ILE A 18 2.25 4.87 8.85
CA ILE A 18 2.23 3.51 9.40
C ILE A 18 0.81 3.04 9.63
N GLU A 19 0.08 3.84 10.38
CA GLU A 19 -1.30 3.55 10.68
C GLU A 19 -2.08 3.26 9.41
N GLU A 20 -1.77 4.01 8.36
CA GLU A 20 -2.40 3.81 7.07
C GLU A 20 -1.76 2.62 6.37
N ALA A 21 -0.50 2.35 6.72
CA ALA A 21 0.21 1.22 6.14
C ALA A 21 -0.52 -0.06 6.52
N GLU A 22 -1.08 -0.08 7.72
CA GLU A 22 -1.84 -1.24 8.17
C GLU A 22 -3.00 -1.46 7.21
N ALA A 23 -3.38 -0.38 6.51
CA ALA A 23 -4.45 -0.44 5.53
C ALA A 23 -3.97 -1.12 4.26
N ILE A 24 -2.70 -0.89 3.91
CA ILE A 24 -2.12 -1.51 2.73
C ILE A 24 -2.11 -3.01 2.89
N GLU A 25 -1.66 -3.46 4.06
CA GLU A 25 -1.60 -4.88 4.35
C GLU A 25 -2.92 -5.57 3.99
N LYS A 26 -4.01 -4.80 4.04
CA LYS A 26 -5.32 -5.34 3.69
C LYS A 26 -5.33 -5.76 2.23
N THR A 27 -4.68 -4.97 1.38
CA THR A 27 -4.61 -5.29 -0.04
C THR A 27 -3.74 -6.53 -0.24
N LEU A 28 -2.87 -6.80 0.73
CA LEU A 28 -2.00 -7.95 0.68
C LEU A 28 -2.84 -9.22 0.58
N LYS A 29 -4.02 -9.18 1.20
CA LYS A 29 -4.94 -10.31 1.16
C LYS A 29 -5.21 -10.73 -0.29
N ASN A 30 -5.04 -9.78 -1.21
CA ASN A 30 -5.26 -10.03 -2.64
C ASN A 30 -4.51 -11.28 -3.09
N LYS A 31 -5.25 -12.25 -3.63
CA LYS A 31 -4.65 -13.49 -4.10
C LYS A 31 -5.55 -14.15 -5.15
N GLN A 32 -6.26 -13.34 -5.92
CA GLN A 32 -7.16 -13.84 -6.95
C GLN A 32 -8.23 -14.73 -6.34
N ASN A 33 -8.67 -14.41 -5.13
CA ASN A 33 -9.68 -15.18 -4.45
C ASN A 33 -9.23 -16.62 -4.22
N ARG B 1 -5.66 -7.08 -14.64
CA ARG B 1 -6.64 -5.98 -14.38
C ARG B 1 -6.33 -5.26 -13.08
N PRO B 2 -6.67 -3.96 -12.99
CA PRO B 2 -6.43 -3.15 -11.79
C PRO B 2 -7.32 -3.56 -10.62
N PRO B 3 -6.88 -3.31 -9.39
CA PRO B 3 -7.65 -3.66 -8.18
C PRO B 3 -8.89 -2.79 -8.02
N PRO B 4 -9.81 -3.19 -7.12
CA PRO B 4 -11.05 -2.44 -6.88
C PRO B 4 -10.80 -1.12 -6.17
N ALA B 5 -11.80 -0.25 -6.17
CA ALA B 5 -11.69 1.06 -5.52
C ALA B 5 -10.56 1.88 -6.14
N HIS B 6 -10.93 2.88 -6.93
CA HIS B 6 -9.95 3.74 -7.58
C HIS B 6 -9.76 5.04 -6.79
N HIS B 7 -10.81 5.86 -6.74
CA HIS B 7 -10.76 7.12 -6.03
C HIS B 7 -9.74 8.07 -6.66
N ASN B 8 -8.47 7.85 -6.36
CA ASN B 8 -7.40 8.68 -6.91
C ASN B 8 -6.03 8.16 -6.50
N MET B 9 -5.73 8.24 -5.20
CA MET B 9 -4.46 7.78 -4.68
C MET B 9 -4.49 6.27 -4.45
N PHE B 10 -3.41 5.75 -3.87
CA PHE B 10 -3.30 4.32 -3.60
C PHE B 10 -3.38 3.51 -4.90
N SER B 11 -2.92 4.12 -6.00
CA SER B 11 -2.93 3.45 -7.29
C SER B 11 -1.60 2.76 -7.57
N VAL B 12 -0.66 3.47 -8.17
CA VAL B 12 0.66 2.91 -8.47
C VAL B 12 1.73 4.00 -8.54
N PRO B 13 1.78 4.87 -7.52
CA PRO B 13 2.77 5.95 -7.45
C PRO B 13 4.18 5.43 -7.21
N PRO B 14 5.21 6.15 -7.67
CA PRO B 14 6.60 5.71 -7.50
C PRO B 14 6.93 5.54 -6.02
N PRO B 15 7.67 4.48 -5.66
CA PRO B 15 8.01 4.20 -4.26
C PRO B 15 9.02 5.18 -3.66
N PRO B 16 8.77 5.61 -2.40
CA PRO B 16 9.66 6.52 -1.67
C PRO B 16 10.91 5.82 -1.14
N ILE B 17 10.71 4.79 -0.31
CA ILE B 17 11.84 4.06 0.28
C ILE B 17 12.28 2.88 -0.58
N LEU B 18 13.17 2.05 -0.03
CA LEU B 18 13.67 0.89 -0.75
C LEU B 18 14.68 0.12 0.10
N GLY B 19 14.40 0.03 1.40
CA GLY B 19 15.29 -0.67 2.30
C GLY B 19 14.89 -2.12 2.50
N ARG B 20 15.02 -2.60 3.74
CA ARG B 20 14.66 -3.97 4.06
C ARG B 20 14.82 -4.24 5.56
N GLY B 21 13.71 -4.15 6.28
CA GLY B 21 13.73 -4.38 7.71
C GLY B 21 13.38 -5.81 8.08
N GLY A 1 -3.08 -11.71 -9.19
CA GLY A 1 -2.90 -11.74 -7.71
C GLY A 1 -2.35 -10.44 -7.17
N ALA A 2 -1.59 -9.73 -8.00
CA ALA A 2 -1.00 -8.46 -7.59
C ALA A 2 -0.01 -8.66 -6.45
N ASP A 3 -0.53 -8.74 -5.23
CA ASP A 3 0.31 -8.93 -4.04
C ASP A 3 1.45 -7.91 -4.01
N TYR A 4 1.11 -6.68 -3.64
CA TYR A 4 2.10 -5.61 -3.57
C TYR A 4 2.00 -4.82 -2.26
N SER A 5 0.86 -4.93 -1.58
CA SER A 5 0.64 -4.23 -0.31
C SER A 5 1.82 -4.44 0.64
N ALA A 6 2.52 -5.56 0.49
CA ALA A 6 3.66 -5.84 1.35
C ALA A 6 4.74 -4.81 1.17
N GLN A 7 5.32 -4.78 -0.02
CA GLN A 7 6.36 -3.82 -0.31
C GLN A 7 5.75 -2.43 -0.41
N TRP A 8 4.46 -2.39 -0.73
CA TRP A 8 3.77 -1.12 -0.85
C TRP A 8 3.49 -0.53 0.53
N ALA A 9 3.23 -1.40 1.50
CA ALA A 9 2.98 -0.93 2.84
C ALA A 9 4.27 -0.43 3.46
N GLU A 10 5.40 -0.98 3.01
CA GLU A 10 6.71 -0.57 3.51
C GLU A 10 6.86 0.93 3.34
N TYR A 11 6.27 1.45 2.27
CA TYR A 11 6.33 2.87 1.99
C TYR A 11 5.58 3.62 3.07
N TYR A 12 4.29 3.40 3.10
CA TYR A 12 3.40 4.03 4.06
C TYR A 12 3.84 3.75 5.48
N ARG A 13 4.66 2.72 5.66
CA ARG A 13 5.15 2.39 6.99
C ARG A 13 6.33 3.27 7.37
N SER A 14 6.74 4.16 6.45
CA SER A 14 7.86 5.04 6.71
C SER A 14 7.88 6.24 5.76
N VAL A 15 6.77 6.49 5.08
CA VAL A 15 6.68 7.64 4.18
C VAL A 15 5.75 8.69 4.77
N GLY A 16 4.99 8.31 5.81
CA GLY A 16 4.08 9.26 6.43
C GLY A 16 2.66 8.76 6.53
N LYS A 17 2.49 7.50 6.94
CA LYS A 17 1.15 6.92 7.09
C LYS A 17 1.21 5.46 7.51
N ILE A 18 2.05 5.15 8.50
CA ILE A 18 2.17 3.78 8.99
C ILE A 18 0.81 3.21 9.30
N GLU A 19 0.05 3.95 10.09
CA GLU A 19 -1.29 3.56 10.48
C GLU A 19 -2.10 3.20 9.23
N GLU A 20 -1.86 3.94 8.16
CA GLU A 20 -2.53 3.69 6.89
C GLU A 20 -1.85 2.52 6.20
N ALA A 21 -0.56 2.33 6.46
CA ALA A 21 0.16 1.22 5.87
C ALA A 21 -0.46 -0.08 6.33
N GLU A 22 -0.97 -0.09 7.56
CA GLU A 22 -1.64 -1.27 8.09
C GLU A 22 -2.84 -1.59 7.21
N ALA A 23 -3.35 -0.55 6.54
CA ALA A 23 -4.48 -0.70 5.64
C ALA A 23 -4.04 -1.41 4.36
N ILE A 24 -2.83 -1.05 3.91
CA ILE A 24 -2.26 -1.65 2.71
C ILE A 24 -2.11 -3.14 2.93
N GLU A 25 -1.58 -3.52 4.08
CA GLU A 25 -1.39 -4.92 4.41
C GLU A 25 -2.66 -5.72 4.14
N LYS A 26 -3.81 -5.04 4.20
CA LYS A 26 -5.09 -5.69 3.93
C LYS A 26 -5.20 -6.08 2.46
N THR A 27 -4.51 -5.34 1.59
CA THR A 27 -4.53 -5.65 0.16
C THR A 27 -3.93 -7.02 -0.09
N LEU A 28 -2.98 -7.41 0.76
CA LEU A 28 -2.34 -8.71 0.64
C LEU A 28 -3.38 -9.81 0.54
N LYS A 29 -4.50 -9.61 1.23
CA LYS A 29 -5.59 -10.58 1.21
C LYS A 29 -6.06 -10.83 -0.22
N ASN A 30 -5.77 -9.88 -1.11
CA ASN A 30 -6.15 -9.99 -2.51
C ASN A 30 -5.77 -11.36 -3.08
N LYS A 31 -4.50 -11.53 -3.41
CA LYS A 31 -4.00 -12.79 -3.96
C LYS A 31 -4.93 -13.33 -5.04
N GLN A 32 -5.59 -12.43 -5.75
CA GLN A 32 -6.51 -12.82 -6.82
C GLN A 32 -7.08 -11.60 -7.52
N ASN A 33 -6.24 -10.96 -8.34
CA ASN A 33 -6.66 -9.77 -9.08
C ASN A 33 -7.09 -8.66 -8.13
N ARG B 1 -16.15 3.13 6.13
CA ARG B 1 -15.97 3.79 4.82
C ARG B 1 -14.61 3.43 4.20
N PRO B 2 -14.48 3.63 2.88
CA PRO B 2 -13.24 3.33 2.15
C PRO B 2 -12.03 4.07 2.73
N PRO B 3 -12.17 5.39 2.96
CA PRO B 3 -11.08 6.21 3.50
C PRO B 3 -10.95 6.07 5.02
N PRO B 4 -9.87 5.40 5.49
CA PRO B 4 -9.64 5.21 6.93
C PRO B 4 -9.29 6.52 7.64
N ALA B 5 -8.67 7.44 6.90
CA ALA B 5 -8.29 8.73 7.46
C ALA B 5 -8.15 9.79 6.37
N HIS B 6 -7.33 9.48 5.37
CA HIS B 6 -7.12 10.41 4.26
C HIS B 6 -6.62 9.67 3.02
N HIS B 7 -7.57 9.12 2.25
CA HIS B 7 -7.23 8.39 1.03
C HIS B 7 -7.02 9.34 -0.13
N ASN B 8 -5.79 9.77 -0.32
CA ASN B 8 -5.45 10.69 -1.42
C ASN B 8 -5.11 9.92 -2.68
N MET B 9 -6.02 9.05 -3.11
CA MET B 9 -5.83 8.24 -4.31
C MET B 9 -4.59 7.35 -4.17
N PHE B 10 -4.81 6.11 -3.77
CA PHE B 10 -3.72 5.16 -3.60
C PHE B 10 -2.98 4.94 -4.91
N SER B 11 -3.66 4.37 -5.90
CA SER B 11 -3.06 4.11 -7.20
C SER B 11 -1.75 3.34 -7.06
N VAL B 12 -0.64 4.06 -6.96
CA VAL B 12 0.67 3.43 -6.80
C VAL B 12 1.56 4.26 -5.88
N PRO B 13 2.29 3.61 -4.97
CA PRO B 13 3.17 4.27 -4.01
C PRO B 13 4.43 4.91 -4.62
N PRO B 14 4.95 5.95 -3.96
CA PRO B 14 6.16 6.68 -4.36
C PRO B 14 7.37 5.74 -4.48
N PRO B 15 8.38 6.13 -5.27
CA PRO B 15 9.58 5.32 -5.49
C PRO B 15 10.23 4.90 -4.16
N PRO B 16 10.99 3.79 -4.17
CA PRO B 16 11.56 3.22 -2.96
C PRO B 16 12.26 4.23 -2.09
N ILE B 17 11.72 4.37 -0.87
CA ILE B 17 12.22 5.32 0.12
C ILE B 17 13.73 5.21 0.29
N LEU B 18 14.31 6.20 0.94
CA LEU B 18 15.75 6.22 1.18
C LEU B 18 16.12 7.34 2.15
N GLY B 19 15.22 7.60 3.10
CA GLY B 19 15.47 8.64 4.08
C GLY B 19 16.03 8.10 5.38
N ARG B 20 16.75 6.99 5.28
CA ARG B 20 17.35 6.36 6.46
C ARG B 20 18.73 6.97 6.76
N GLY B 21 19.23 6.72 7.97
CA GLY B 21 20.52 7.25 8.35
C GLY B 21 20.75 7.19 9.85
N GLY A 1 -4.10 -9.12 -9.95
CA GLY A 1 -2.71 -9.52 -10.29
C GLY A 1 -1.71 -8.43 -9.97
N ALA A 2 -1.15 -8.49 -8.76
CA ALA A 2 -0.18 -7.50 -8.32
C ALA A 2 0.56 -7.97 -7.06
N ASP A 3 -0.16 -8.00 -5.94
CA ASP A 3 0.42 -8.42 -4.68
C ASP A 3 1.66 -7.61 -4.34
N TYR A 4 1.44 -6.45 -3.75
CA TYR A 4 2.54 -5.56 -3.38
C TYR A 4 2.32 -4.91 -2.01
N SER A 5 1.16 -5.17 -1.40
CA SER A 5 0.83 -4.61 -0.10
C SER A 5 2.01 -4.68 0.87
N ALA A 6 2.83 -5.71 0.72
CA ALA A 6 3.99 -5.87 1.60
C ALA A 6 4.99 -4.75 1.37
N GLN A 7 5.58 -4.75 0.18
CA GLN A 7 6.55 -3.74 -0.17
C GLN A 7 5.91 -2.37 -0.30
N TRP A 8 4.58 -2.36 -0.50
CA TRP A 8 3.85 -1.11 -0.64
C TRP A 8 3.42 -0.55 0.71
N ALA A 9 3.27 -1.42 1.70
CA ALA A 9 2.89 -0.96 3.02
C ALA A 9 4.15 -0.54 3.74
N GLU A 10 5.25 -1.20 3.35
CA GLU A 10 6.55 -0.92 3.90
C GLU A 10 6.85 0.56 3.81
N TYR A 11 6.40 1.16 2.72
CA TYR A 11 6.60 2.57 2.49
C TYR A 11 5.80 3.37 3.50
N TYR A 12 4.51 3.20 3.46
CA TYR A 12 3.62 3.90 4.37
C TYR A 12 3.94 3.54 5.81
N ARG A 13 4.66 2.44 6.01
CA ARG A 13 5.03 2.02 7.36
C ARG A 13 6.32 2.70 7.79
N SER A 14 6.87 3.55 6.93
CA SER A 14 8.10 4.25 7.27
C SER A 14 8.34 5.45 6.37
N VAL A 15 7.29 5.93 5.72
CA VAL A 15 7.39 7.10 4.85
C VAL A 15 6.52 8.23 5.39
N GLY A 16 5.72 7.93 6.43
CA GLY A 16 4.87 8.94 7.02
C GLY A 16 3.39 8.61 6.98
N LYS A 17 3.05 7.40 7.46
CA LYS A 17 1.64 6.98 7.47
C LYS A 17 1.51 5.50 7.82
N ILE A 18 2.23 5.05 8.85
CA ILE A 18 2.18 3.65 9.28
C ILE A 18 0.74 3.22 9.47
N GLU A 19 0.01 4.01 10.23
CA GLU A 19 -1.39 3.75 10.51
C GLU A 19 -2.13 3.46 9.21
N GLU A 20 -1.86 4.26 8.19
CA GLU A 20 -2.47 4.05 6.89
C GLU A 20 -1.79 2.89 6.19
N ALA A 21 -0.52 2.63 6.56
CA ALA A 21 0.20 1.52 5.98
C ALA A 21 -0.52 0.23 6.32
N GLU A 22 -1.11 0.19 7.52
CA GLU A 22 -1.87 -0.97 7.93
C GLU A 22 -2.97 -1.24 6.90
N ALA A 23 -3.35 -0.19 6.18
CA ALA A 23 -4.37 -0.29 5.15
C ALA A 23 -3.85 -1.09 3.96
N ILE A 24 -2.58 -0.87 3.61
CA ILE A 24 -1.97 -1.59 2.50
C ILE A 24 -1.90 -3.07 2.85
N GLU A 25 -1.59 -3.36 4.11
CA GLU A 25 -1.51 -4.74 4.55
C GLU A 25 -2.80 -5.49 4.18
N LYS A 26 -3.89 -4.74 4.04
CA LYS A 26 -5.16 -5.33 3.65
C LYS A 26 -5.15 -5.68 2.17
N THR A 27 -4.37 -4.95 1.38
CA THR A 27 -4.27 -5.22 -0.04
C THR A 27 -3.59 -6.57 -0.27
N LEU A 28 -2.72 -6.94 0.68
CA LEU A 28 -2.01 -8.21 0.61
C LEU A 28 -3.01 -9.34 0.41
N LYS A 29 -4.20 -9.19 0.99
CA LYS A 29 -5.25 -10.20 0.86
C LYS A 29 -5.54 -10.48 -0.61
N ASN A 30 -5.22 -9.50 -1.47
CA ASN A 30 -5.44 -9.64 -2.90
C ASN A 30 -4.85 -10.94 -3.44
N LYS A 31 -5.69 -11.97 -3.55
CA LYS A 31 -5.25 -13.26 -4.03
C LYS A 31 -6.44 -14.17 -4.35
N GLN A 32 -7.51 -13.56 -4.86
CA GLN A 32 -8.71 -14.31 -5.19
C GLN A 32 -9.14 -14.03 -6.63
N ASN A 33 -8.16 -13.84 -7.52
CA ASN A 33 -8.44 -13.57 -8.92
C ASN A 33 -9.24 -12.28 -9.07
N ARG B 1 -8.26 -7.75 -21.41
CA ARG B 1 -7.07 -6.86 -21.36
C ARG B 1 -6.77 -6.41 -19.93
N PRO B 2 -5.56 -5.87 -19.69
CA PRO B 2 -5.16 -5.39 -18.37
C PRO B 2 -5.90 -4.13 -17.95
N PRO B 3 -6.80 -4.22 -16.96
CA PRO B 3 -7.58 -3.08 -16.47
C PRO B 3 -6.71 -2.07 -15.73
N PRO B 4 -7.16 -0.81 -15.66
CA PRO B 4 -6.42 0.26 -14.97
C PRO B 4 -6.43 0.08 -13.46
N ALA B 5 -5.35 0.54 -12.81
CA ALA B 5 -5.23 0.44 -11.36
C ALA B 5 -6.11 1.46 -10.66
N HIS B 6 -6.00 1.52 -9.34
CA HIS B 6 -6.79 2.46 -8.55
C HIS B 6 -6.47 3.89 -8.95
N HIS B 7 -6.92 4.84 -8.13
CA HIS B 7 -6.69 6.26 -8.41
C HIS B 7 -6.68 7.07 -7.12
N ASN B 8 -6.79 8.39 -7.25
CA ASN B 8 -6.80 9.28 -6.10
C ASN B 8 -5.42 9.33 -5.43
N MET B 9 -5.00 8.21 -4.86
CA MET B 9 -3.71 8.13 -4.19
C MET B 9 -3.28 6.67 -4.01
N PHE B 10 -4.22 5.83 -3.60
CA PHE B 10 -3.93 4.42 -3.38
C PHE B 10 -4.01 3.64 -4.70
N SER B 11 -3.22 4.06 -5.68
CA SER B 11 -3.19 3.41 -6.99
C SER B 11 -1.86 2.70 -7.20
N VAL B 12 -0.85 3.46 -7.64
CA VAL B 12 0.48 2.90 -7.87
C VAL B 12 1.54 4.00 -8.00
N PRO B 13 1.65 4.87 -6.97
CA PRO B 13 2.64 5.96 -6.96
C PRO B 13 4.06 5.43 -6.80
N PRO B 14 5.07 6.15 -7.32
CA PRO B 14 6.46 5.71 -7.22
C PRO B 14 6.85 5.56 -5.75
N PRO B 15 7.61 4.50 -5.42
CA PRO B 15 8.02 4.23 -4.03
C PRO B 15 9.04 5.22 -3.47
N PRO B 16 8.84 5.67 -2.21
CA PRO B 16 9.75 6.58 -1.53
C PRO B 16 11.03 5.89 -1.03
N ILE B 17 10.85 4.86 -0.20
CA ILE B 17 11.99 4.14 0.38
C ILE B 17 12.46 2.99 -0.50
N LEU B 18 13.35 2.15 0.03
CA LEU B 18 13.88 1.02 -0.73
C LEU B 18 14.91 0.26 0.11
N GLY B 19 14.62 0.13 1.40
CA GLY B 19 15.53 -0.58 2.29
C GLY B 19 14.89 -1.78 2.94
N ARG B 20 14.62 -1.68 4.24
CA ARG B 20 14.01 -2.78 4.97
C ARG B 20 13.21 -2.26 6.16
N GLY B 21 12.62 -3.18 6.92
CA GLY B 21 11.84 -2.78 8.08
C GLY B 21 12.64 -1.99 9.09
N GLY A 1 -0.79 -12.01 -9.31
CA GLY A 1 -1.69 -11.22 -8.42
C GLY A 1 -1.12 -9.85 -8.10
N ALA A 2 -1.89 -9.04 -7.39
CA ALA A 2 -1.46 -7.70 -7.03
C ALA A 2 -0.97 -7.64 -5.58
N ASP A 3 -0.32 -8.72 -5.16
CA ASP A 3 0.21 -8.80 -3.79
C ASP A 3 1.38 -7.84 -3.61
N TYR A 4 1.07 -6.55 -3.61
CA TYR A 4 2.09 -5.51 -3.44
C TYR A 4 1.90 -4.75 -2.13
N SER A 5 0.72 -4.88 -1.54
CA SER A 5 0.42 -4.20 -0.29
C SER A 5 1.52 -4.38 0.74
N ALA A 6 2.22 -5.50 0.65
CA ALA A 6 3.29 -5.78 1.58
C ALA A 6 4.44 -4.80 1.41
N GLN A 7 5.10 -4.89 0.27
CA GLN A 7 6.21 -3.99 0.00
C GLN A 7 5.70 -2.56 -0.12
N TRP A 8 4.42 -2.40 -0.41
CA TRP A 8 3.85 -1.08 -0.53
C TRP A 8 3.63 -0.50 0.86
N ALA A 9 3.29 -1.37 1.81
CA ALA A 9 3.10 -0.93 3.17
C ALA A 9 4.43 -0.47 3.74
N GLU A 10 5.48 -1.26 3.48
CA GLU A 10 6.83 -0.93 3.95
C GLU A 10 7.10 0.55 3.75
N TYR A 11 6.51 1.11 2.69
CA TYR A 11 6.68 2.52 2.39
C TYR A 11 5.93 3.37 3.39
N TYR A 12 4.64 3.12 3.50
CA TYR A 12 3.80 3.86 4.42
C TYR A 12 4.18 3.56 5.86
N ARG A 13 4.97 2.50 6.06
CA ARG A 13 5.40 2.14 7.40
C ARG A 13 6.55 3.05 7.84
N SER A 14 7.05 3.85 6.90
CA SER A 14 8.14 4.76 7.21
C SER A 14 8.19 5.93 6.24
N VAL A 15 7.06 6.21 5.59
CA VAL A 15 6.98 7.33 4.68
C VAL A 15 6.12 8.43 5.28
N GLY A 16 5.39 8.09 6.35
CA GLY A 16 4.54 9.06 7.01
C GLY A 16 3.09 8.63 7.10
N LYS A 17 2.87 7.37 7.41
CA LYS A 17 1.51 6.86 7.54
C LYS A 17 1.50 5.38 7.93
N ILE A 18 2.27 5.03 8.97
CA ILE A 18 2.33 3.65 9.45
C ILE A 18 0.92 3.13 9.73
N GLU A 19 0.19 3.89 10.53
CA GLU A 19 -1.17 3.52 10.88
C GLU A 19 -1.95 3.15 9.63
N GLU A 20 -1.97 4.06 8.67
CA GLU A 20 -2.64 3.80 7.42
C GLU A 20 -1.89 2.71 6.67
N ALA A 21 -0.60 2.55 6.98
CA ALA A 21 0.19 1.51 6.35
C ALA A 21 -0.32 0.15 6.77
N GLU A 22 -1.10 0.12 7.86
CA GLU A 22 -1.68 -1.13 8.30
C GLU A 22 -2.89 -1.44 7.43
N ALA A 23 -3.25 -0.46 6.59
CA ALA A 23 -4.36 -0.61 5.66
C ALA A 23 -3.86 -1.28 4.39
N ILE A 24 -2.59 -1.04 4.09
CA ILE A 24 -1.93 -1.63 2.91
C ILE A 24 -1.96 -3.14 3.02
N GLU A 25 -1.40 -3.65 4.10
CA GLU A 25 -1.35 -5.09 4.33
C GLU A 25 -2.69 -5.74 4.05
N LYS A 26 -3.77 -4.97 4.18
CA LYS A 26 -5.11 -5.51 3.91
C LYS A 26 -5.30 -5.79 2.43
N THR A 27 -4.58 -5.04 1.57
CA THR A 27 -4.69 -5.25 0.13
C THR A 27 -4.17 -6.64 -0.23
N LEU A 28 -3.29 -7.18 0.60
CA LEU A 28 -2.73 -8.51 0.36
C LEU A 28 -3.86 -9.52 0.18
N LYS A 29 -4.96 -9.27 0.89
CA LYS A 29 -6.13 -10.15 0.79
C LYS A 29 -6.59 -10.26 -0.65
N ASN A 30 -6.21 -9.29 -1.48
CA ASN A 30 -6.59 -9.27 -2.89
C ASN A 30 -6.38 -10.64 -3.54
N LYS A 31 -5.13 -10.97 -3.86
CA LYS A 31 -4.81 -12.25 -4.47
C LYS A 31 -5.56 -12.42 -5.78
N GLN A 32 -5.32 -11.51 -6.72
CA GLN A 32 -5.98 -11.56 -8.02
C GLN A 32 -5.07 -12.21 -9.06
N ASN A 33 -4.27 -13.18 -8.62
CA ASN A 33 -3.35 -13.88 -9.52
C ASN A 33 -4.12 -14.65 -10.58
N ARG B 1 -13.75 -2.76 -8.50
CA ARG B 1 -14.32 -3.52 -7.35
C ARG B 1 -15.83 -3.30 -7.23
N PRO B 2 -16.63 -4.08 -7.98
CA PRO B 2 -18.09 -3.96 -7.95
C PRO B 2 -18.67 -4.14 -6.55
N PRO B 3 -18.21 -5.17 -5.81
CA PRO B 3 -18.69 -5.44 -4.45
C PRO B 3 -18.64 -4.20 -3.56
N PRO B 4 -19.46 -4.16 -2.50
CA PRO B 4 -19.50 -3.02 -1.57
C PRO B 4 -18.12 -2.66 -1.03
N ALA B 5 -17.65 -1.46 -1.38
CA ALA B 5 -16.35 -1.00 -0.94
C ALA B 5 -16.27 0.53 -1.00
N HIS B 6 -15.88 1.14 0.11
CA HIS B 6 -15.76 2.59 0.19
C HIS B 6 -14.70 3.10 -0.79
N HIS B 7 -14.53 4.41 -0.84
CA HIS B 7 -13.55 5.03 -1.73
C HIS B 7 -12.12 4.74 -1.26
N ASN B 8 -11.47 3.79 -1.91
CA ASN B 8 -10.10 3.42 -1.56
C ASN B 8 -9.29 3.10 -2.80
N MET B 9 -8.03 3.55 -2.81
CA MET B 9 -7.15 3.31 -3.94
C MET B 9 -5.69 3.55 -3.55
N PHE B 10 -4.80 2.70 -4.05
CA PHE B 10 -3.38 2.81 -3.76
C PHE B 10 -2.61 3.35 -4.97
N SER B 11 -3.10 3.04 -6.16
CA SER B 11 -2.45 3.48 -7.39
C SER B 11 -1.01 2.96 -7.45
N VAL B 12 -0.18 3.60 -8.29
CA VAL B 12 1.21 3.18 -8.41
C VAL B 12 2.16 4.37 -8.41
N PRO B 13 2.06 5.26 -7.40
CA PRO B 13 2.94 6.42 -7.28
C PRO B 13 4.40 5.99 -7.15
N PRO B 14 5.35 6.83 -7.58
CA PRO B 14 6.77 6.49 -7.50
C PRO B 14 7.15 6.17 -6.05
N PRO B 15 7.98 5.12 -5.85
CA PRO B 15 8.36 4.70 -4.49
C PRO B 15 9.29 5.68 -3.78
N PRO B 16 9.03 5.94 -2.48
CA PRO B 16 9.86 6.84 -1.67
C PRO B 16 11.18 6.21 -1.21
N ILE B 17 11.10 5.17 -0.37
CA ILE B 17 12.30 4.52 0.14
C ILE B 17 12.72 3.32 -0.71
N LEU B 18 13.56 2.45 -0.14
CA LEU B 18 14.04 1.28 -0.86
C LEU B 18 14.92 0.42 0.05
N GLY B 19 14.57 0.36 1.32
CA GLY B 19 15.34 -0.42 2.27
C GLY B 19 14.83 -1.84 2.40
N ARG B 20 14.64 -2.51 1.27
CA ARG B 20 14.15 -3.88 1.26
C ARG B 20 15.30 -4.86 1.38
N GLY B 21 14.98 -6.15 1.37
CA GLY B 21 16.00 -7.18 1.49
C GLY B 21 15.52 -8.53 1.00
N GLY A 1 -3.63 -10.93 -9.53
CA GLY A 1 -2.19 -11.33 -9.49
C GLY A 1 -1.27 -10.14 -9.35
N ALA A 2 -1.51 -9.31 -8.34
CA ALA A 2 -0.69 -8.13 -8.10
C ALA A 2 0.20 -8.33 -6.88
N ASP A 3 -0.40 -8.33 -5.70
CA ASP A 3 0.34 -8.49 -4.46
C ASP A 3 1.47 -7.48 -4.36
N TYR A 4 1.14 -6.29 -3.89
CA TYR A 4 2.13 -5.21 -3.76
C TYR A 4 1.99 -4.48 -2.42
N SER A 5 0.93 -4.77 -1.67
CA SER A 5 0.71 -4.13 -0.38
C SER A 5 1.92 -4.31 0.54
N ALA A 6 2.66 -5.39 0.35
CA ALA A 6 3.82 -5.64 1.17
C ALA A 6 4.86 -4.55 0.99
N GLN A 7 5.39 -4.45 -0.21
CA GLN A 7 6.39 -3.44 -0.51
C GLN A 7 5.73 -2.07 -0.56
N TRP A 8 4.41 -2.06 -0.76
CA TRP A 8 3.67 -0.81 -0.83
C TRP A 8 3.41 -0.28 0.57
N ALA A 9 3.18 -1.20 1.51
CA ALA A 9 2.94 -0.80 2.87
C ALA A 9 4.25 -0.29 3.48
N GLU A 10 5.35 -0.89 3.05
CA GLU A 10 6.68 -0.47 3.52
C GLU A 10 6.85 1.04 3.37
N TYR A 11 6.19 1.60 2.35
CA TYR A 11 6.25 3.03 2.11
C TYR A 11 5.54 3.77 3.22
N TYR A 12 4.25 3.48 3.35
CA TYR A 12 3.42 4.08 4.36
C TYR A 12 3.94 3.76 5.75
N ARG A 13 4.84 2.79 5.84
CA ARG A 13 5.42 2.42 7.12
C ARG A 13 6.55 3.38 7.49
N SER A 14 6.88 4.30 6.57
CA SER A 14 7.92 5.26 6.82
C SER A 14 7.82 6.45 5.89
N VAL A 15 6.63 6.65 5.32
CA VAL A 15 6.39 7.78 4.43
C VAL A 15 5.53 8.81 5.15
N GLY A 16 4.88 8.40 6.24
CA GLY A 16 4.05 9.31 7.00
C GLY A 16 2.62 8.82 7.16
N LYS A 17 2.47 7.53 7.45
CA LYS A 17 1.14 6.96 7.63
C LYS A 17 1.20 5.47 7.94
N ILE A 18 2.07 5.08 8.89
CA ILE A 18 2.20 3.68 9.28
C ILE A 18 0.83 3.09 9.58
N GLU A 19 0.11 3.77 10.45
CA GLU A 19 -1.23 3.36 10.84
C GLU A 19 -2.06 3.05 9.61
N GLU A 20 -2.01 3.95 8.64
CA GLU A 20 -2.74 3.76 7.40
C GLU A 20 -2.04 2.69 6.57
N ALA A 21 -0.73 2.52 6.80
CA ALA A 21 0.02 1.51 6.09
C ALA A 21 -0.57 0.15 6.40
N GLU A 22 -0.99 -0.01 7.65
CA GLU A 22 -1.62 -1.26 8.07
C GLU A 22 -2.78 -1.56 7.14
N ALA A 23 -3.32 -0.50 6.53
CA ALA A 23 -4.42 -0.64 5.59
C ALA A 23 -3.93 -1.31 4.32
N ILE A 24 -2.70 -1.00 3.92
CA ILE A 24 -2.10 -1.61 2.73
C ILE A 24 -2.01 -3.11 2.93
N GLU A 25 -1.49 -3.52 4.08
CA GLU A 25 -1.33 -4.91 4.39
C GLU A 25 -2.62 -5.69 4.10
N LYS A 26 -3.75 -4.99 4.14
CA LYS A 26 -5.03 -5.63 3.85
C LYS A 26 -5.17 -5.92 2.36
N THR A 27 -4.47 -5.15 1.53
CA THR A 27 -4.51 -5.37 0.08
C THR A 27 -3.91 -6.72 -0.25
N LEU A 28 -2.95 -7.17 0.57
CA LEU A 28 -2.31 -8.46 0.36
C LEU A 28 -3.36 -9.54 0.19
N LYS A 29 -4.48 -9.39 0.88
CA LYS A 29 -5.58 -10.34 0.79
C LYS A 29 -6.02 -10.51 -0.66
N ASN A 30 -5.72 -9.52 -1.50
CA ASN A 30 -6.09 -9.56 -2.91
C ASN A 30 -5.62 -10.86 -3.57
N LYS A 31 -5.90 -11.00 -4.86
CA LYS A 31 -5.51 -12.19 -5.61
C LYS A 31 -5.83 -13.47 -4.83
N GLN A 32 -6.97 -13.47 -4.15
CA GLN A 32 -7.39 -14.63 -3.38
C GLN A 32 -8.79 -15.09 -3.78
N ASN A 33 -9.11 -14.90 -5.06
CA ASN A 33 -10.42 -15.29 -5.57
C ASN A 33 -10.32 -16.59 -6.36
N ARG B 1 -16.17 -4.27 2.61
CA ARG B 1 -15.67 -5.51 1.98
C ARG B 1 -15.13 -5.25 0.58
N PRO B 2 -15.94 -4.60 -0.28
CA PRO B 2 -15.53 -4.28 -1.65
C PRO B 2 -14.66 -3.03 -1.74
N PRO B 3 -13.37 -3.18 -2.10
CA PRO B 3 -12.45 -2.05 -2.21
C PRO B 3 -13.01 -0.92 -3.06
N PRO B 4 -13.44 0.19 -2.42
CA PRO B 4 -14.00 1.34 -3.14
C PRO B 4 -13.09 1.84 -4.26
N ALA B 5 -13.49 2.92 -4.90
CA ALA B 5 -12.71 3.49 -5.99
C ALA B 5 -13.22 4.88 -6.36
N HIS B 6 -13.67 5.63 -5.36
CA HIS B 6 -14.19 6.97 -5.58
C HIS B 6 -13.07 8.00 -5.52
N HIS B 7 -12.58 8.27 -4.31
CA HIS B 7 -11.50 9.23 -4.12
C HIS B 7 -10.56 8.78 -3.01
N ASN B 8 -9.37 8.35 -3.40
CA ASN B 8 -8.36 7.88 -2.44
C ASN B 8 -7.06 7.55 -3.13
N MET B 9 -5.96 8.10 -2.61
CA MET B 9 -4.63 7.87 -3.18
C MET B 9 -4.13 6.47 -2.82
N PHE B 10 -4.34 5.51 -3.72
CA PHE B 10 -3.91 4.15 -3.50
C PHE B 10 -3.63 3.43 -4.82
N SER B 11 -3.30 4.21 -5.85
CA SER B 11 -3.03 3.64 -7.17
C SER B 11 -1.65 2.98 -7.18
N VAL B 12 -0.60 3.77 -7.36
CA VAL B 12 0.75 3.24 -7.39
C VAL B 12 1.69 4.12 -6.54
N PRO B 13 2.13 3.61 -5.38
CA PRO B 13 3.02 4.32 -4.45
C PRO B 13 4.35 4.74 -5.05
N PRO B 14 4.93 5.83 -4.49
CA PRO B 14 6.23 6.39 -4.92
C PRO B 14 7.35 5.36 -4.86
N PRO B 15 8.43 5.57 -5.64
CA PRO B 15 9.57 4.64 -5.72
C PRO B 15 10.15 4.33 -4.34
N PRO B 16 10.81 3.17 -4.20
CA PRO B 16 11.31 2.69 -2.90
C PRO B 16 12.12 3.73 -2.15
N ILE B 17 11.65 4.00 -0.91
CA ILE B 17 12.27 4.98 -0.04
C ILE B 17 13.78 4.81 0.02
N LEU B 18 14.22 3.65 0.51
CA LEU B 18 15.64 3.35 0.63
C LEU B 18 15.85 1.93 1.12
N GLY B 19 15.00 1.01 0.67
CA GLY B 19 15.10 -0.36 1.08
C GLY B 19 16.18 -1.12 0.31
N ARG B 20 17.44 -0.80 0.60
CA ARG B 20 18.56 -1.45 -0.08
C ARG B 20 18.51 -1.21 -1.58
N GLY B 21 19.38 -0.33 -2.07
CA GLY B 21 19.41 -0.03 -3.48
C GLY B 21 20.59 -0.66 -4.18
N GLY A 1 -5.22 -8.48 -9.15
CA GLY A 1 -4.70 -8.67 -7.76
C GLY A 1 -3.50 -7.78 -7.47
N ALA A 2 -2.35 -8.16 -8.01
CA ALA A 2 -1.13 -7.39 -7.80
C ALA A 2 -0.78 -7.32 -6.32
N ASP A 3 -0.26 -8.41 -5.78
CA ASP A 3 0.13 -8.46 -4.37
C ASP A 3 1.19 -7.41 -4.06
N TYR A 4 0.74 -6.27 -3.56
CA TYR A 4 1.65 -5.17 -3.22
C TYR A 4 1.15 -4.42 -2.00
N SER A 5 1.05 -5.14 -0.90
CA SER A 5 0.60 -4.56 0.36
C SER A 5 1.55 -4.97 1.47
N ALA A 6 2.70 -5.47 1.07
CA ALA A 6 3.74 -5.88 2.01
C ALA A 6 4.94 -4.99 1.81
N GLN A 7 5.34 -4.88 0.56
CA GLN A 7 6.46 -4.03 0.21
C GLN A 7 5.96 -2.60 0.02
N TRP A 8 4.65 -2.49 -0.20
CA TRP A 8 4.02 -1.20 -0.38
C TRP A 8 3.72 -0.61 0.99
N ALA A 9 3.37 -1.48 1.92
CA ALA A 9 3.09 -1.05 3.29
C ALA A 9 4.39 -0.60 3.94
N GLU A 10 5.49 -1.28 3.58
CA GLU A 10 6.79 -0.94 4.12
C GLU A 10 7.09 0.54 3.87
N TYR A 11 6.52 1.05 2.79
CA TYR A 11 6.70 2.46 2.42
C TYR A 11 5.92 3.34 3.38
N TYR A 12 4.62 3.12 3.44
CA TYR A 12 3.77 3.87 4.33
C TYR A 12 4.16 3.64 5.78
N ARG A 13 4.85 2.54 6.03
CA ARG A 13 5.30 2.22 7.37
C ARG A 13 6.45 3.12 7.80
N SER A 14 6.98 3.91 6.86
CA SER A 14 8.08 4.81 7.15
C SER A 14 8.16 5.96 6.16
N VAL A 15 7.07 6.20 5.43
CA VAL A 15 7.03 7.30 4.47
C VAL A 15 6.03 8.36 4.94
N GLY A 16 5.26 8.03 5.98
CA GLY A 16 4.30 8.98 6.52
C GLY A 16 2.87 8.45 6.45
N LYS A 17 2.71 7.15 6.65
CA LYS A 17 1.39 6.54 6.61
C LYS A 17 1.40 5.15 7.25
N ILE A 18 2.06 5.02 8.39
CA ILE A 18 2.13 3.73 9.09
C ILE A 18 0.73 3.21 9.36
N GLU A 19 -0.03 4.02 10.08
CA GLU A 19 -1.41 3.68 10.42
C GLU A 19 -2.18 3.27 9.18
N GLU A 20 -1.84 3.91 8.06
CA GLU A 20 -2.48 3.59 6.78
C GLU A 20 -1.83 2.36 6.20
N ALA A 21 -0.55 2.13 6.53
CA ALA A 21 0.15 0.96 6.04
C ALA A 21 -0.53 -0.29 6.57
N GLU A 22 -1.08 -0.19 7.78
CA GLU A 22 -1.81 -1.31 8.37
C GLU A 22 -3.03 -1.58 7.51
N ALA A 23 -3.45 -0.57 6.75
CA ALA A 23 -4.57 -0.70 5.83
C ALA A 23 -4.10 -1.33 4.54
N ILE A 24 -2.83 -1.08 4.21
CA ILE A 24 -2.23 -1.63 3.02
C ILE A 24 -2.13 -3.14 3.14
N GLU A 25 -1.53 -3.60 4.23
CA GLU A 25 -1.39 -5.03 4.45
C GLU A 25 -2.71 -5.77 4.20
N LYS A 26 -3.84 -5.06 4.26
CA LYS A 26 -5.13 -5.71 4.02
C LYS A 26 -5.41 -5.83 2.53
N THR A 27 -4.53 -5.26 1.69
CA THR A 27 -4.70 -5.35 0.25
C THR A 27 -3.92 -6.53 -0.30
N LEU A 28 -2.88 -6.97 0.41
CA LEU A 28 -2.11 -8.11 -0.06
C LEU A 28 -2.94 -9.38 0.04
N LYS A 29 -4.03 -9.32 0.83
CA LYS A 29 -4.91 -10.46 0.95
C LYS A 29 -5.57 -10.74 -0.40
N ASN A 30 -5.57 -9.71 -1.26
CA ASN A 30 -6.16 -9.81 -2.59
C ASN A 30 -5.76 -11.11 -3.28
N LYS A 31 -4.56 -11.60 -2.98
CA LYS A 31 -4.05 -12.84 -3.56
C LYS A 31 -4.00 -13.95 -2.52
N GLN A 32 -5.01 -13.99 -1.66
CA GLN A 32 -5.08 -15.00 -0.61
C GLN A 32 -6.49 -15.12 -0.06
N ASN A 33 -7.47 -14.89 -0.92
CA ASN A 33 -8.88 -14.97 -0.53
C ASN A 33 -9.34 -16.43 -0.45
N ARG B 1 -8.92 23.68 -14.66
CA ARG B 1 -9.72 22.85 -15.59
C ARG B 1 -10.53 21.79 -14.83
N PRO B 2 -11.67 21.36 -15.40
CA PRO B 2 -12.52 20.35 -14.77
C PRO B 2 -11.88 18.96 -14.77
N PRO B 3 -11.50 18.45 -13.58
CA PRO B 3 -10.87 17.12 -13.46
C PRO B 3 -11.68 16.03 -14.16
N PRO B 4 -11.20 15.54 -15.32
CA PRO B 4 -11.88 14.50 -16.09
C PRO B 4 -11.83 13.15 -15.38
N ALA B 5 -10.65 12.78 -14.89
CA ALA B 5 -10.46 11.52 -14.20
C ALA B 5 -9.47 11.66 -13.06
N HIS B 6 -9.99 11.86 -11.85
CA HIS B 6 -9.15 12.01 -10.66
C HIS B 6 -8.35 10.75 -10.40
N HIS B 7 -7.69 10.69 -9.25
CA HIS B 7 -6.88 9.54 -8.88
C HIS B 7 -7.70 8.53 -8.10
N ASN B 8 -7.12 7.36 -7.83
CA ASN B 8 -7.80 6.31 -7.10
C ASN B 8 -7.27 6.20 -5.67
N MET B 9 -6.82 7.32 -5.13
CA MET B 9 -6.28 7.36 -3.77
C MET B 9 -5.00 6.53 -3.67
N PHE B 10 -5.16 5.21 -3.63
CA PHE B 10 -4.02 4.30 -3.53
C PHE B 10 -3.48 3.95 -4.92
N SER B 11 -3.20 4.98 -5.71
CA SER B 11 -2.67 4.78 -7.06
C SER B 11 -1.34 4.04 -7.02
N VAL B 12 -0.56 4.16 -8.10
CA VAL B 12 0.73 3.50 -8.18
C VAL B 12 1.87 4.52 -8.26
N PRO B 13 1.97 5.42 -7.26
CA PRO B 13 3.02 6.45 -7.19
C PRO B 13 4.40 5.83 -7.03
N PRO B 14 5.45 6.51 -7.52
CA PRO B 14 6.82 6.00 -7.42
C PRO B 14 7.21 5.78 -5.96
N PRO B 15 7.93 4.68 -5.68
CA PRO B 15 8.32 4.34 -4.30
C PRO B 15 9.38 5.27 -3.71
N PRO B 16 9.22 5.65 -2.43
CA PRO B 16 10.16 6.52 -1.72
C PRO B 16 11.44 5.79 -1.30
N ILE B 17 11.29 4.82 -0.39
CA ILE B 17 12.45 4.06 0.11
C ILE B 17 12.70 2.79 -0.72
N LEU B 18 13.44 1.85 -0.14
CA LEU B 18 13.76 0.61 -0.83
C LEU B 18 14.55 -0.33 0.08
N GLY B 19 14.20 -0.33 1.37
CA GLY B 19 14.87 -1.18 2.33
C GLY B 19 14.20 -2.52 2.50
N ARG B 20 12.89 -2.49 2.69
CA ARG B 20 12.11 -3.73 2.87
C ARG B 20 12.60 -4.49 4.10
N GLY B 21 11.85 -4.40 5.19
CA GLY B 21 12.22 -5.10 6.40
C GLY B 21 11.26 -4.83 7.55
#